data_5EPU
#
_entry.id   5EPU
#
_cell.length_a   92.848
_cell.length_b   96.715
_cell.length_c   92.890
_cell.angle_alpha   90.000
_cell.angle_beta   119.960
_cell.angle_gamma   90.000
#
_symmetry.space_group_name_H-M   'P 1 21 1'
#
loop_
_entity.id
_entity.type
_entity.pdbx_description
1 polymer 'Uridine phosphorylase'
2 non-polymer 6-AMINOPYRIMIDIN-2(1H)-ONE
3 non-polymer GLYCEROL
4 non-polymer 'MAGNESIUM ION'
5 non-polymer 'SODIUM ION'
6 non-polymer 'CHLORIDE ION'
7 non-polymer 2-AMINO-2-HYDROXYMETHYL-PROPANE-1,3-DIOL
8 non-polymer 1,2-ETHANEDIOL
9 water water
#
_entity_poly.entity_id   1
_entity_poly.type   'polypeptide(L)'
_entity_poly.pdbx_seq_one_letter_code
;MTKTVFHLGVTEADLNGATLAIIPGDPARVQKIAELMDNPVFLASHREYTVYRAELDGQSVVVCSTGIGGPSTSIAVEEL
AQLGVRTFLRVGTTGAIQPHVNVGDMIVTTGSVRLDGASLHFAPMEFPAVPDFDVATAMKAAAQESGATVHMGVTASSDT
FYPGQERYDTFTGRVVRRFQGSMKEWQDMGVLNFEMESATLLTMCASSGLKAGCVAGVIINRTQKEIPDHATLKETEARS
IKVVVEAARKMLK
;
_entity_poly.pdbx_strand_id   A,B,C,D,E,F
#
loop_
_chem_comp.id
_chem_comp.type
_chem_comp.name
_chem_comp.formula
CL non-polymer 'CHLORIDE ION' 'Cl -1'
CYT non-polymer 6-AMINOPYRIMIDIN-2(1H)-ONE 'C4 H5 N3 O'
EDO non-polymer 1,2-ETHANEDIOL 'C2 H6 O2'
GOL non-polymer GLYCEROL 'C3 H8 O3'
MG non-polymer 'MAGNESIUM ION' 'Mg 2'
NA non-polymer 'SODIUM ION' 'Na 1'
TRS non-polymer 2-AMINO-2-HYDROXYMETHYL-PROPANE-1,3-DIOL 'C4 H12 N O3 1'
#
# COMPACT_ATOMS: atom_id res chain seq x y z
N THR A 2 14.16 13.88 -38.05
CA THR A 2 13.18 13.98 -39.17
C THR A 2 11.78 13.47 -38.80
N LYS A 3 11.68 12.67 -37.75
CA LYS A 3 10.39 12.13 -37.30
C LYS A 3 9.42 13.24 -36.90
N THR A 4 8.14 12.92 -37.05
CA THR A 4 7.05 13.75 -36.53
C THR A 4 6.47 12.99 -35.35
N VAL A 5 6.41 13.63 -34.18
CA VAL A 5 5.94 12.96 -32.97
C VAL A 5 4.46 12.64 -33.08
N PHE A 6 4.05 11.55 -32.44
CA PHE A 6 2.76 10.93 -32.72
C PHE A 6 1.56 11.78 -32.36
N HIS A 7 1.57 12.44 -31.22
CA HIS A 7 0.43 13.24 -30.81
C HIS A 7 0.54 14.70 -31.19
N LEU A 8 1.72 15.30 -31.01
CA LEU A 8 1.85 16.74 -31.21
C LEU A 8 1.95 17.13 -32.67
N GLY A 9 2.37 16.23 -33.54
CA GLY A 9 2.38 16.50 -34.97
C GLY A 9 3.41 17.51 -35.44
N VAL A 10 4.50 17.63 -34.71
CA VAL A 10 5.59 18.54 -35.03
C VAL A 10 6.90 17.75 -35.14
N THR A 11 7.86 18.36 -35.82
CA THR A 11 9.20 17.81 -35.96
C THR A 11 10.21 18.65 -35.16
N GLU A 12 11.44 18.14 -35.03
CA GLU A 12 12.48 18.88 -34.36
CA GLU A 12 12.49 18.89 -34.36
C GLU A 12 12.76 20.20 -35.11
N ALA A 13 12.81 20.13 -36.44
CA ALA A 13 13.07 21.33 -37.23
C ALA A 13 12.02 22.41 -37.00
N ASP A 14 10.77 22.01 -36.79
CA ASP A 14 9.69 22.97 -36.52
C ASP A 14 10.00 23.84 -35.30
N LEU A 15 10.74 23.30 -34.33
CA LEU A 15 11.01 24.03 -33.09
C LEU A 15 12.16 25.04 -33.21
N ASN A 16 12.88 25.03 -34.35
CA ASN A 16 13.94 26.00 -34.59
CA ASN A 16 13.95 25.97 -34.61
C ASN A 16 14.95 26.12 -33.46
N GLY A 17 15.34 24.98 -32.90
CA GLY A 17 16.36 24.93 -31.86
C GLY A 17 15.87 25.18 -30.44
N ALA A 18 14.57 25.33 -30.24
CA ALA A 18 14.08 25.61 -28.91
C ALA A 18 14.44 24.51 -27.93
N THR A 19 14.89 24.91 -26.75
CA THR A 19 15.10 23.95 -25.67
C THR A 19 14.27 24.25 -24.43
N LEU A 20 13.38 25.24 -24.53
CA LEU A 20 12.49 25.64 -23.45
C LEU A 20 11.07 25.72 -24.00
N ALA A 21 10.12 25.21 -23.22
CA ALA A 21 8.70 25.27 -23.53
C ALA A 21 7.94 25.89 -22.37
N ILE A 22 6.98 26.74 -22.71
CA ILE A 22 5.94 27.18 -21.81
C ILE A 22 4.71 26.31 -22.09
N ILE A 23 4.13 25.72 -21.04
CA ILE A 23 3.12 24.70 -21.17
C ILE A 23 1.86 25.06 -20.37
N PRO A 24 0.97 25.89 -20.93
CA PRO A 24 -0.34 26.14 -20.31
C PRO A 24 -1.25 24.91 -20.49
N GLY A 25 -2.34 24.86 -19.74
CA GLY A 25 -3.31 23.79 -19.93
C GLY A 25 -4.28 23.97 -21.09
N ASP A 26 -4.76 25.19 -21.24
CA ASP A 26 -5.82 25.49 -22.19
C ASP A 26 -5.25 25.79 -23.58
N PRO A 27 -5.62 25.00 -24.61
CA PRO A 27 -5.11 25.30 -25.96
C PRO A 27 -5.36 26.75 -26.42
N ALA A 28 -6.46 27.36 -25.97
CA ALA A 28 -6.77 28.73 -26.41
C ALA A 28 -5.79 29.77 -25.85
N ARG A 29 -5.06 29.41 -24.80
CA ARG A 29 -4.09 30.32 -24.19
C ARG A 29 -2.74 30.33 -24.92
N VAL A 30 -2.48 29.35 -25.78
CA VAL A 30 -1.18 29.19 -26.41
C VAL A 30 -0.83 30.39 -27.29
N GLN A 31 -1.74 30.81 -28.14
CA GLN A 31 -1.50 31.95 -29.02
C GLN A 31 -1.27 33.22 -28.19
N LYS A 32 -2.01 33.38 -27.10
CA LYS A 32 -1.89 34.58 -26.24
C LYS A 32 -0.50 34.68 -25.65
N ILE A 33 0.03 33.55 -25.19
CA ILE A 33 1.35 33.54 -24.63
C ILE A 33 2.39 33.79 -25.72
N ALA A 34 2.25 33.10 -26.86
CA ALA A 34 3.19 33.28 -27.95
C ALA A 34 3.28 34.74 -28.40
N GLU A 35 2.13 35.43 -28.41
CA GLU A 35 2.09 36.81 -28.86
C GLU A 35 2.69 37.81 -27.88
N LEU A 36 3.03 37.36 -26.67
CA LEU A 36 3.85 38.18 -25.76
C LEU A 36 5.32 38.21 -26.17
N MET A 37 5.71 37.32 -27.09
CA MET A 37 7.08 37.20 -27.53
C MET A 37 7.17 37.64 -29.00
N ASP A 38 8.33 37.50 -29.59
CA ASP A 38 8.57 37.98 -30.95
C ASP A 38 8.33 36.87 -31.96
N ASN A 39 7.90 37.27 -33.15
CA ASN A 39 7.74 36.33 -34.27
C ASN A 39 6.96 35.05 -33.94
N PRO A 40 5.76 35.18 -33.34
CA PRO A 40 4.99 33.97 -33.05
C PRO A 40 4.55 33.26 -34.33
N VAL A 41 4.68 31.94 -34.34
CA VAL A 41 4.36 31.11 -35.50
C VAL A 41 3.55 29.92 -35.03
N PHE A 42 2.36 29.74 -35.61
CA PHE A 42 1.54 28.55 -35.38
C PHE A 42 2.21 27.31 -36.00
N LEU A 43 2.37 26.25 -35.22
CA LEU A 43 2.96 25.01 -35.73
C LEU A 43 1.95 23.90 -35.99
N ALA A 44 1.04 23.63 -35.06
CA ALA A 44 0.11 22.52 -35.22
C ALA A 44 -0.96 22.60 -34.15
N SER A 45 -2.10 22.01 -34.43
CA SER A 45 -3.13 21.78 -33.43
CA SER A 45 -3.11 21.76 -33.42
C SER A 45 -3.75 20.40 -33.68
N HIS A 46 -3.66 19.53 -32.67
CA HIS A 46 -4.24 18.20 -32.71
CA HIS A 46 -4.23 18.19 -32.71
C HIS A 46 -4.78 17.91 -31.32
N ARG A 47 -6.01 17.44 -31.22
CA ARG A 47 -6.58 17.13 -29.92
CA ARG A 47 -6.63 17.15 -29.93
CA ARG A 47 -6.60 17.13 -29.92
C ARG A 47 -6.42 18.35 -29.01
N GLU A 48 -6.03 18.16 -27.75
CA GLU A 48 -5.83 19.26 -26.80
C GLU A 48 -4.49 19.97 -26.93
N TYR A 49 -3.72 19.63 -27.97
CA TYR A 49 -2.35 20.12 -28.15
C TYR A 49 -2.27 21.17 -29.26
N THR A 50 -2.19 22.43 -28.86
CA THR A 50 -1.91 23.51 -29.79
C THR A 50 -0.47 23.95 -29.52
N VAL A 51 0.32 24.04 -30.59
CA VAL A 51 1.75 24.26 -30.52
C VAL A 51 2.12 25.48 -31.37
N TYR A 52 2.81 26.43 -30.73
CA TYR A 52 3.39 27.61 -31.37
C TYR A 52 4.87 27.65 -31.07
N ARG A 53 5.60 28.40 -31.88
CA ARG A 53 6.96 28.82 -31.55
C ARG A 53 6.99 30.33 -31.53
N ALA A 54 7.94 30.88 -30.80
CA ALA A 54 8.18 32.32 -30.81
C ALA A 54 9.63 32.55 -30.45
N GLU A 55 10.03 33.81 -30.37
CA GLU A 55 11.40 34.18 -30.06
C GLU A 55 11.43 35.12 -28.89
N LEU A 56 12.35 34.83 -27.98
CA LEU A 56 12.51 35.59 -26.73
C LEU A 56 13.98 35.95 -26.62
N ASP A 57 14.26 37.25 -26.66
CA ASP A 57 15.65 37.72 -26.69
C ASP A 57 16.46 36.96 -27.74
N GLY A 58 15.85 36.75 -28.91
CA GLY A 58 16.51 36.09 -30.02
C GLY A 58 16.57 34.58 -30.00
N GLN A 59 16.04 33.95 -28.95
CA GLN A 59 16.11 32.50 -28.80
C GLN A 59 14.74 31.90 -29.02
N SER A 60 14.68 30.76 -29.68
CA SER A 60 13.41 30.09 -29.91
CA SER A 60 13.41 30.10 -29.92
C SER A 60 12.84 29.49 -28.64
N VAL A 61 11.54 29.66 -28.47
CA VAL A 61 10.75 29.13 -27.35
CA VAL A 61 10.82 29.01 -27.40
C VAL A 61 9.52 28.44 -27.94
N VAL A 62 9.14 27.31 -27.38
CA VAL A 62 7.91 26.63 -27.74
CA VAL A 62 7.88 26.69 -27.80
C VAL A 62 6.81 26.96 -26.74
N VAL A 63 5.58 27.10 -27.22
CA VAL A 63 4.42 27.17 -26.34
C VAL A 63 3.51 26.01 -26.76
N CYS A 64 3.13 25.17 -25.81
CA CYS A 64 2.38 23.96 -26.11
C CYS A 64 1.37 23.71 -25.01
N SER A 65 0.09 23.56 -25.36
CA SER A 65 -0.89 23.23 -24.34
C SER A 65 -0.77 21.75 -23.94
N THR A 66 -1.28 21.46 -22.74
CA THR A 66 -1.18 20.11 -22.17
C THR A 66 -2.52 19.40 -22.08
N GLY A 67 -3.63 20.14 -22.12
CA GLY A 67 -4.90 19.61 -21.66
C GLY A 67 -4.94 19.53 -20.14
N ILE A 68 -6.06 19.05 -19.63
CA ILE A 68 -6.27 18.83 -18.20
C ILE A 68 -5.74 17.46 -17.82
N GLY A 69 -4.92 17.43 -16.77
CA GLY A 69 -4.51 16.19 -16.13
C GLY A 69 -3.13 15.72 -16.50
N GLY A 70 -2.58 14.90 -15.60
CA GLY A 70 -1.28 14.31 -15.80
C GLY A 70 -1.15 13.47 -17.06
N PRO A 71 -2.14 12.65 -17.43
CA PRO A 71 -1.93 11.80 -18.61
C PRO A 71 -1.66 12.60 -19.88
N SER A 72 -2.50 13.61 -20.16
CA SER A 72 -2.26 14.36 -21.38
CA SER A 72 -2.35 14.45 -21.32
C SER A 72 -1.02 15.22 -21.28
N THR A 73 -0.70 15.72 -20.08
CA THR A 73 0.54 16.45 -19.86
C THR A 73 1.77 15.58 -20.15
N SER A 74 1.73 14.34 -19.67
CA SER A 74 2.87 13.45 -19.82
C SER A 74 3.22 13.21 -21.28
N ILE A 75 2.22 13.14 -22.15
CA ILE A 75 2.45 12.94 -23.56
C ILE A 75 3.16 14.17 -24.15
N ALA A 76 2.67 15.37 -23.83
CA ALA A 76 3.25 16.59 -24.40
C ALA A 76 4.70 16.74 -23.96
N VAL A 77 4.97 16.52 -22.67
CA VAL A 77 6.34 16.68 -22.16
C VAL A 77 7.26 15.65 -22.84
N GLU A 78 6.84 14.40 -22.90
CA GLU A 78 7.67 13.37 -23.53
C GLU A 78 7.99 13.72 -24.97
N GLU A 79 6.97 14.07 -25.75
CA GLU A 79 7.18 14.31 -27.16
C GLU A 79 8.02 15.55 -27.42
N LEU A 80 7.83 16.59 -26.61
CA LEU A 80 8.71 17.74 -26.71
C LEU A 80 10.16 17.42 -26.32
N ALA A 81 10.35 16.58 -25.30
CA ALA A 81 11.69 16.16 -24.89
C ALA A 81 12.36 15.34 -26.01
N GLN A 82 11.59 14.52 -26.74
CA GLN A 82 12.16 13.80 -27.89
C GLN A 82 12.68 14.76 -28.93
N LEU A 83 12.15 15.97 -28.99
CA LEU A 83 12.52 16.96 -29.99
C LEU A 83 13.47 18.01 -29.44
N GLY A 84 14.06 17.75 -28.27
CA GLY A 84 15.13 18.57 -27.73
C GLY A 84 14.78 19.53 -26.61
N VAL A 85 13.52 19.59 -26.21
CA VAL A 85 13.14 20.49 -25.12
C VAL A 85 13.59 19.91 -23.79
N ARG A 86 14.20 20.77 -22.96
CA ARG A 86 14.75 20.33 -21.68
C ARG A 86 14.20 21.06 -20.48
N THR A 87 13.57 22.21 -20.69
CA THR A 87 13.04 23.05 -19.63
C THR A 87 11.56 23.31 -19.92
N PHE A 88 10.73 23.13 -18.90
CA PHE A 88 9.28 23.22 -19.01
C PHE A 88 8.73 24.13 -17.94
N LEU A 89 8.08 25.21 -18.36
CA LEU A 89 7.51 26.18 -17.44
CA LEU A 89 7.48 26.17 -17.43
C LEU A 89 5.97 26.10 -17.53
N ARG A 90 5.35 25.58 -16.48
CA ARG A 90 3.91 25.48 -16.42
C ARG A 90 3.34 26.79 -15.86
N VAL A 91 2.30 27.30 -16.52
CA VAL A 91 1.53 28.46 -16.08
C VAL A 91 0.06 28.10 -16.08
N GLY A 92 -0.70 28.49 -15.06
N GLY A 92 -0.66 28.91 -15.29
CA GLY A 92 -2.09 28.01 -14.98
CA GLY A 92 -2.11 28.88 -15.23
C GLY A 92 -2.91 28.53 -13.85
C GLY A 92 -2.65 29.77 -14.13
N THR A 93 -4.17 28.09 -13.79
N THR A 93 -3.94 29.59 -13.87
CA THR A 93 -5.08 28.51 -12.74
CA THR A 93 -4.58 30.21 -12.74
C THR A 93 -5.09 27.55 -11.57
C THR A 93 -5.20 29.13 -11.87
N THR A 94 -5.54 28.06 -10.43
N THR A 94 -5.46 29.47 -10.61
CA THR A 94 -5.56 27.26 -9.22
CA THR A 94 -5.79 28.46 -9.61
C THR A 94 -6.59 27.79 -8.25
C THR A 94 -6.67 29.05 -8.53
N GLY A 95 -7.06 26.91 -7.38
N GLY A 95 -7.39 28.20 -7.84
CA GLY A 95 -7.92 27.32 -6.30
CA GLY A 95 -7.99 28.56 -6.58
C GLY A 95 -7.09 27.32 -5.05
C GLY A 95 -6.96 28.40 -5.50
N ALA A 96 -7.03 28.48 -4.38
N ALA A 96 -7.28 28.81 -4.28
CA ALA A 96 -6.41 28.59 -3.07
CA ALA A 96 -6.43 28.58 -3.12
C ALA A 96 -7.29 27.92 -2.05
C ALA A 96 -7.28 28.08 -1.96
N ILE A 97 -6.65 27.39 -1.02
CA ILE A 97 -7.34 26.80 0.12
C ILE A 97 -6.91 27.39 1.47
N GLN A 98 -6.07 28.42 1.44
CA GLN A 98 -5.63 29.11 2.66
C GLN A 98 -6.26 30.47 2.73
N PRO A 99 -6.78 30.86 3.91
CA PRO A 99 -7.45 32.16 4.00
C PRO A 99 -6.56 33.36 3.78
N HIS A 100 -5.25 33.21 3.94
CA HIS A 100 -4.35 34.34 3.79
C HIS A 100 -3.92 34.60 2.35
N VAL A 101 -4.28 33.70 1.44
N VAL A 101 -4.26 33.67 1.44
CA VAL A 101 -4.03 33.89 0.02
CA VAL A 101 -3.88 33.76 0.04
C VAL A 101 -5.26 34.50 -0.61
C VAL A 101 -5.01 34.46 -0.73
N ASN A 102 -5.06 35.37 -1.59
N ASN A 102 -4.73 35.68 -1.20
CA ASN A 102 -6.18 36.03 -2.22
CA ASN A 102 -5.75 36.51 -1.85
C ASN A 102 -6.31 35.72 -3.69
C ASN A 102 -5.81 36.38 -3.36
N VAL A 103 -7.54 35.75 -4.21
N VAL A 103 -6.98 36.67 -3.93
CA VAL A 103 -7.74 35.66 -5.65
CA VAL A 103 -7.14 36.75 -5.37
C VAL A 103 -6.89 36.77 -6.26
C VAL A 103 -6.19 37.81 -5.90
N GLY A 104 -6.06 36.41 -7.24
N GLY A 104 -5.45 37.45 -6.94
CA GLY A 104 -5.13 37.38 -7.82
CA GLY A 104 -4.41 38.30 -7.52
C GLY A 104 -3.67 37.24 -7.43
C GLY A 104 -3.00 37.96 -7.06
N ASP A 105 -3.39 36.57 -6.31
N ASP A 105 -2.87 37.24 -5.96
CA ASP A 105 -2.02 36.35 -5.79
CA ASP A 105 -1.56 36.73 -5.54
C ASP A 105 -1.24 35.32 -6.61
C ASP A 105 -1.16 35.63 -6.53
N MET A 106 0.09 35.26 -6.49
CA MET A 106 0.67 34.20 -7.28
CA MET A 106 0.73 34.22 -7.32
C MET A 106 1.23 33.13 -6.38
N ILE A 107 1.20 31.89 -6.88
CA ILE A 107 1.76 30.73 -6.17
C ILE A 107 2.85 30.11 -7.04
N VAL A 108 4.02 29.89 -6.45
CA VAL A 108 5.06 29.10 -7.10
C VAL A 108 5.22 27.84 -6.26
N THR A 109 5.01 26.69 -6.90
CA THR A 109 4.98 25.42 -6.21
C THR A 109 6.39 24.98 -5.84
N THR A 110 6.62 24.67 -4.57
CA THR A 110 7.90 24.12 -4.11
C THR A 110 7.88 22.60 -4.02
N GLY A 111 6.70 22.01 -4.06
CA GLY A 111 6.51 20.57 -4.03
C GLY A 111 5.04 20.28 -4.17
N SER A 112 4.70 19.10 -4.68
CA SER A 112 3.30 18.74 -4.86
C SER A 112 2.93 17.48 -4.12
N VAL A 113 1.73 17.52 -3.53
CA VAL A 113 1.11 16.31 -3.02
C VAL A 113 0.64 15.48 -4.21
N ARG A 114 1.11 14.24 -4.30
CA ARG A 114 0.90 13.39 -5.47
C ARG A 114 -0.42 12.64 -5.35
N LEU A 115 -1.52 13.36 -5.64
CA LEU A 115 -2.88 12.79 -5.62
C LEU A 115 -3.30 12.41 -7.04
N ASP A 116 -2.31 12.02 -7.86
CA ASP A 116 -2.46 11.69 -9.25
C ASP A 116 -2.10 10.23 -9.45
N GLY A 117 -2.09 9.78 -10.69
CA GLY A 117 -1.63 8.45 -11.05
C GLY A 117 -0.40 8.45 -11.93
N ALA A 118 -0.27 9.42 -12.83
CA ALA A 118 0.78 9.34 -13.83
C ALA A 118 2.17 9.52 -13.18
N SER A 119 2.28 10.24 -12.06
CA SER A 119 3.58 10.39 -11.43
C SER A 119 4.20 9.02 -11.13
N LEU A 120 3.38 8.04 -10.74
CA LEU A 120 3.81 6.69 -10.41
C LEU A 120 4.33 5.92 -11.61
N HIS A 121 4.09 6.43 -12.82
CA HIS A 121 4.61 5.82 -14.02
C HIS A 121 6.05 6.25 -14.28
N PHE A 122 6.58 7.17 -13.47
CA PHE A 122 7.95 7.68 -13.55
C PHE A 122 8.77 7.38 -12.30
N ALA A 123 8.15 7.43 -11.11
CA ALA A 123 8.91 7.22 -9.88
C ALA A 123 7.94 6.70 -8.84
N PRO A 124 8.40 5.87 -7.91
CA PRO A 124 7.52 5.39 -6.83
C PRO A 124 7.10 6.55 -5.93
N MET A 125 6.09 6.32 -5.13
CA MET A 125 5.43 7.40 -4.38
C MET A 125 6.38 8.12 -3.43
N GLU A 126 7.41 7.44 -2.93
CA GLU A 126 8.42 8.00 -2.03
CA GLU A 126 8.34 8.07 -2.00
C GLU A 126 9.15 9.19 -2.63
N PHE A 127 9.25 9.23 -3.95
CA PHE A 127 10.04 10.24 -4.66
C PHE A 127 9.29 11.60 -4.59
N PRO A 128 10.01 12.70 -4.35
CA PRO A 128 9.35 13.99 -4.18
C PRO A 128 8.97 14.62 -5.53
N ALA A 129 7.74 15.13 -5.59
CA ALA A 129 7.30 15.90 -6.76
C ALA A 129 7.77 17.35 -6.56
N VAL A 130 9.02 17.61 -6.95
CA VAL A 130 9.62 18.93 -6.67
CA VAL A 130 9.76 18.79 -6.65
C VAL A 130 10.14 19.52 -7.93
N PRO A 131 10.09 20.87 -8.01
CA PRO A 131 10.57 21.58 -9.18
C PRO A 131 12.10 21.64 -9.22
N ASP A 132 12.62 21.90 -10.41
CA ASP A 132 14.00 22.34 -10.53
C ASP A 132 14.20 23.65 -9.78
N PHE A 133 15.29 23.73 -9.02
CA PHE A 133 15.53 24.90 -8.17
C PHE A 133 15.73 26.17 -9.00
N ASP A 134 16.42 26.07 -10.12
CA ASP A 134 16.60 27.25 -10.97
C ASP A 134 15.26 27.75 -11.53
N VAL A 135 14.41 26.83 -11.97
CA VAL A 135 13.10 27.25 -12.48
C VAL A 135 12.27 27.90 -11.38
N ALA A 136 12.21 27.26 -10.20
CA ALA A 136 11.45 27.84 -9.10
C ALA A 136 11.98 29.22 -8.74
N THR A 137 13.31 29.38 -8.72
CA THR A 137 13.93 30.65 -8.41
C THR A 137 13.55 31.72 -9.45
N ALA A 138 13.60 31.36 -10.73
CA ALA A 138 13.23 32.27 -11.81
C ALA A 138 11.75 32.67 -11.72
N MET A 139 10.88 31.69 -11.41
CA MET A 139 9.47 31.97 -11.29
CA MET A 139 9.45 31.91 -11.25
C MET A 139 9.19 32.89 -10.10
N LYS A 140 9.83 32.65 -8.97
CA LYS A 140 9.65 33.53 -7.82
CA LYS A 140 9.67 33.53 -7.80
C LYS A 140 10.09 34.96 -8.17
N ALA A 141 11.25 35.09 -8.80
CA ALA A 141 11.76 36.42 -9.14
C ALA A 141 10.83 37.13 -10.12
N ALA A 142 10.38 36.44 -11.16
CA ALA A 142 9.48 37.07 -12.13
C ALA A 142 8.17 37.47 -11.46
N ALA A 143 7.63 36.58 -10.62
CA ALA A 143 6.39 36.88 -9.94
C ALA A 143 6.54 38.07 -9.01
N GLN A 144 7.61 38.10 -8.23
CA GLN A 144 7.79 39.22 -7.32
C GLN A 144 8.05 40.52 -8.08
N GLU A 145 8.83 40.48 -9.15
CA GLU A 145 9.11 41.68 -9.92
C GLU A 145 7.86 42.26 -10.56
N SER A 146 6.84 41.44 -10.79
CA SER A 146 5.58 41.96 -11.32
C SER A 146 4.83 42.84 -10.33
N GLY A 147 5.19 42.77 -9.04
CA GLY A 147 4.50 43.53 -7.99
C GLY A 147 3.47 42.71 -7.23
N ALA A 148 3.23 41.49 -7.66
CA ALA A 148 2.26 40.61 -6.99
C ALA A 148 2.79 40.13 -5.64
N THR A 149 1.88 39.77 -4.73
CA THR A 149 2.26 39.02 -3.53
CA THR A 149 2.30 39.02 -3.54
C THR A 149 2.42 37.56 -3.94
N VAL A 150 3.54 36.96 -3.57
CA VAL A 150 3.90 35.64 -4.06
C VAL A 150 4.01 34.71 -2.88
N HIS A 151 3.44 33.52 -3.05
CA HIS A 151 3.51 32.47 -2.05
C HIS A 151 4.30 31.30 -2.61
N MET A 152 5.33 30.88 -1.88
CA MET A 152 6.10 29.67 -2.19
C MET A 152 5.53 28.58 -1.29
N GLY A 153 5.15 27.44 -1.85
CA GLY A 153 4.72 26.37 -0.98
C GLY A 153 4.15 25.19 -1.74
N VAL A 154 3.51 24.32 -0.94
CA VAL A 154 3.08 23.02 -1.41
C VAL A 154 1.71 23.14 -2.09
N THR A 155 1.56 22.42 -3.19
CA THR A 155 0.32 22.33 -3.98
CA THR A 155 0.27 22.34 -3.90
C THR A 155 -0.21 20.90 -3.92
N ALA A 156 -1.52 20.71 -3.76
CA ALA A 156 -2.12 19.39 -3.83
C ALA A 156 -2.57 19.15 -5.28
N SER A 157 -2.03 18.11 -5.91
CA SER A 157 -2.24 17.87 -7.33
C SER A 157 -3.08 16.63 -7.53
N SER A 158 -4.33 16.87 -7.94
CA SER A 158 -5.39 15.85 -7.97
C SER A 158 -5.72 15.38 -9.40
N ASP A 159 -5.94 14.08 -9.54
CA ASP A 159 -6.44 13.52 -10.78
C ASP A 159 -7.92 13.82 -11.02
N THR A 160 -8.63 14.43 -10.08
CA THR A 160 -10.00 14.87 -10.33
C THR A 160 -10.19 16.33 -9.89
N PHE A 161 -11.17 16.96 -10.51
CA PHE A 161 -11.61 18.27 -10.10
C PHE A 161 -12.57 18.23 -8.93
N TYR A 162 -13.34 17.14 -8.87
CA TYR A 162 -14.48 17.05 -7.95
C TYR A 162 -14.11 16.27 -6.66
N PRO A 163 -14.15 14.93 -6.62
CA PRO A 163 -13.94 14.30 -5.30
C PRO A 163 -12.54 14.47 -4.74
N GLY A 164 -11.52 14.49 -5.59
CA GLY A 164 -10.13 14.67 -5.10
C GLY A 164 -9.82 16.05 -4.59
N GLN A 165 -10.70 17.01 -4.86
CA GLN A 165 -10.63 18.36 -4.27
C GLN A 165 -11.72 18.53 -3.21
N GLU A 166 -12.27 17.40 -2.76
CA GLU A 166 -13.31 17.32 -1.75
C GLU A 166 -14.47 18.26 -2.06
N ARG A 167 -14.96 18.21 -3.30
CA ARG A 167 -16.17 18.92 -3.69
CA ARG A 167 -16.17 18.92 -3.68
C ARG A 167 -17.37 17.99 -3.52
N TYR A 168 -18.41 18.48 -2.83
CA TYR A 168 -19.65 17.74 -2.62
C TYR A 168 -20.81 18.22 -3.48
N ASP A 169 -20.64 19.33 -4.20
CA ASP A 169 -21.70 19.88 -5.07
CA ASP A 169 -21.73 19.86 -5.05
C ASP A 169 -21.70 19.18 -6.41
N THR A 170 -22.06 17.90 -6.37
CA THR A 170 -21.87 17.00 -7.50
C THR A 170 -23.10 16.13 -7.69
N PHE A 171 -23.11 15.37 -8.77
CA PHE A 171 -24.18 14.47 -9.09
C PHE A 171 -24.54 13.52 -7.94
N THR A 172 -23.54 12.87 -7.37
CA THR A 172 -23.81 11.94 -6.27
C THR A 172 -23.73 12.59 -4.90
N GLY A 173 -23.00 13.69 -4.76
CA GLY A 173 -22.74 14.25 -3.45
C GLY A 173 -21.85 13.40 -2.56
N ARG A 174 -21.20 12.37 -3.14
CA ARG A 174 -20.36 11.34 -2.45
CA ARG A 174 -20.35 11.53 -2.32
C ARG A 174 -18.90 11.75 -2.63
N VAL A 175 -18.07 11.59 -1.59
CA VAL A 175 -16.62 11.58 -1.74
C VAL A 175 -16.12 10.31 -1.10
N VAL A 176 -15.32 9.55 -1.86
CA VAL A 176 -14.75 8.29 -1.39
C VAL A 176 -13.96 8.50 -0.09
N ARG A 177 -13.90 7.46 0.72
CA ARG A 177 -13.28 7.54 2.04
CA ARG A 177 -13.26 7.51 2.02
C ARG A 177 -11.90 8.21 2.01
N ARG A 178 -11.04 7.83 1.06
CA ARG A 178 -9.71 8.41 0.92
C ARG A 178 -9.72 9.95 1.01
N PHE A 179 -10.70 10.58 0.38
CA PHE A 179 -10.75 12.02 0.27
C PHE A 179 -11.69 12.72 1.26
N GLN A 180 -12.46 11.98 2.04
N GLN A 180 -12.46 11.98 2.04
CA GLN A 180 -13.27 12.62 3.08
CA GLN A 180 -13.28 12.60 3.09
C GLN A 180 -12.36 13.27 4.10
C GLN A 180 -12.39 13.25 4.14
N GLY A 181 -12.62 14.54 4.41
CA GLY A 181 -11.81 15.29 5.35
C GLY A 181 -10.50 15.79 4.79
N SER A 182 -10.21 15.50 3.53
CA SER A 182 -8.87 15.78 2.99
C SER A 182 -8.61 17.26 2.83
N MET A 183 -9.58 18.09 2.48
CA MET A 183 -9.26 19.50 2.31
CA MET A 183 -9.37 19.53 2.34
CA MET A 183 -9.27 19.49 2.30
C MET A 183 -8.78 20.10 3.62
N LYS A 184 -9.47 19.82 4.73
CA LYS A 184 -9.02 20.33 6.01
CA LYS A 184 -9.03 20.30 6.02
C LYS A 184 -7.65 19.77 6.38
N GLU A 185 -7.42 18.51 6.10
CA GLU A 185 -6.10 17.92 6.35
CA GLU A 185 -6.12 17.93 6.34
C GLU A 185 -5.00 18.70 5.62
N TRP A 186 -5.19 18.97 4.32
CA TRP A 186 -4.20 19.72 3.59
C TRP A 186 -4.07 21.14 4.09
N GLN A 187 -5.21 21.77 4.41
CA GLN A 187 -5.16 23.12 4.97
C GLN A 187 -4.32 23.18 6.22
N ASP A 188 -4.53 22.22 7.12
CA ASP A 188 -3.80 22.17 8.38
C ASP A 188 -2.33 21.91 8.18
N MET A 189 -1.97 21.21 7.10
CA MET A 189 -0.58 20.97 6.71
C MET A 189 0.05 22.11 5.93
N GLY A 190 -0.67 23.21 5.71
CA GLY A 190 -0.10 24.37 5.05
C GLY A 190 -0.16 24.38 3.54
N VAL A 191 -0.84 23.41 2.95
CA VAL A 191 -0.94 23.35 1.50
C VAL A 191 -1.69 24.58 0.98
N LEU A 192 -1.19 25.15 -0.11
CA LEU A 192 -1.71 26.42 -0.60
C LEU A 192 -2.94 26.31 -1.50
N ASN A 193 -3.00 25.27 -2.33
CA ASN A 193 -3.93 25.24 -3.45
C ASN A 193 -4.05 23.85 -4.02
N PHE A 194 -5.12 23.64 -4.77
CA PHE A 194 -5.32 22.48 -5.60
C PHE A 194 -5.09 22.81 -7.08
N GLU A 195 -4.52 21.87 -7.81
CA GLU A 195 -4.57 21.87 -9.27
C GLU A 195 -4.46 20.43 -9.74
N MET A 196 -4.25 20.19 -11.04
CA MET A 196 -4.42 18.84 -11.58
C MET A 196 -3.28 18.32 -12.43
N GLU A 197 -2.14 19.02 -12.54
CA GLU A 197 -1.04 18.56 -13.39
C GLU A 197 0.35 18.55 -12.76
N SER A 198 0.57 19.31 -11.69
CA SER A 198 1.93 19.51 -11.21
CA SER A 198 1.89 19.53 -11.14
CA SER A 198 1.91 19.53 -11.17
C SER A 198 2.58 18.24 -10.68
N ALA A 199 1.86 17.36 -10.00
CA ALA A 199 2.52 16.15 -9.50
C ALA A 199 3.10 15.35 -10.64
N THR A 200 2.33 15.17 -11.71
CA THR A 200 2.84 14.44 -12.85
C THR A 200 4.02 15.17 -13.47
N LEU A 201 3.85 16.45 -13.77
CA LEU A 201 4.89 17.22 -14.42
C LEU A 201 6.20 17.19 -13.62
N LEU A 202 6.11 17.52 -12.35
CA LEU A 202 7.31 17.68 -11.55
C LEU A 202 7.98 16.33 -11.33
N THR A 203 7.21 15.29 -11.06
CA THR A 203 7.81 13.97 -10.85
C THR A 203 8.46 13.44 -12.10
N MET A 204 7.76 13.55 -13.23
CA MET A 204 8.28 13.11 -14.50
CA MET A 204 8.32 13.04 -14.46
C MET A 204 9.61 13.81 -14.80
N CYS A 205 9.62 15.12 -14.66
CA CYS A 205 10.82 15.87 -15.03
C CYS A 205 11.98 15.66 -14.07
N ALA A 206 11.70 15.67 -12.78
CA ALA A 206 12.74 15.51 -11.76
C ALA A 206 13.41 14.16 -11.81
N SER A 207 12.72 13.15 -12.33
CA SER A 207 13.23 11.79 -12.45
C SER A 207 13.74 11.45 -13.85
N SER A 208 13.71 12.41 -14.77
CA SER A 208 14.04 12.21 -16.18
C SER A 208 15.06 13.19 -16.73
N GLY A 209 15.68 13.99 -15.88
CA GLY A 209 16.70 14.90 -16.36
C GLY A 209 16.17 16.11 -17.10
N LEU A 210 14.96 16.52 -16.76
CA LEU A 210 14.33 17.68 -17.35
C LEU A 210 14.08 18.70 -16.24
N LYS A 211 14.12 19.99 -16.57
CA LYS A 211 13.91 21.05 -15.60
CA LYS A 211 13.90 21.03 -15.58
C LYS A 211 12.48 21.54 -15.70
N ALA A 212 11.76 21.57 -14.58
CA ALA A 212 10.37 22.00 -14.61
C ALA A 212 10.02 22.84 -13.39
N GLY A 213 8.99 23.66 -13.53
CA GLY A 213 8.39 24.37 -12.39
C GLY A 213 7.00 24.82 -12.79
N CYS A 214 6.27 25.32 -11.79
CA CYS A 214 4.88 25.75 -11.94
CA CYS A 214 4.88 25.72 -11.94
C CYS A 214 4.63 27.07 -11.23
N VAL A 215 3.97 27.99 -11.94
CA VAL A 215 3.51 29.25 -11.37
C VAL A 215 2.05 29.44 -11.73
N ALA A 216 1.29 30.02 -10.82
CA ALA A 216 -0.13 30.22 -11.04
C ALA A 216 -0.66 31.48 -10.39
N GLY A 217 -1.68 32.01 -11.03
N GLY A 217 -1.47 32.27 -11.08
CA GLY A 217 -2.57 33.00 -10.44
CA GLY A 217 -2.17 33.39 -10.43
C GLY A 217 -3.79 32.38 -9.77
C GLY A 217 -3.44 32.94 -9.72
N VAL A 218 -4.14 32.86 -8.58
N VAL A 218 -3.75 33.53 -8.58
CA VAL A 218 -5.26 32.31 -7.85
CA VAL A 218 -4.92 33.12 -7.80
C VAL A 218 -6.60 32.87 -8.39
C VAL A 218 -6.18 33.84 -8.24
N ILE A 219 -7.53 32.00 -8.83
N ILE A 219 -7.19 33.10 -8.71
CA ILE A 219 -8.82 32.44 -9.38
CA ILE A 219 -8.42 33.69 -9.23
C ILE A 219 -10.01 32.22 -8.46
C ILE A 219 -9.67 33.47 -8.36
N ILE A 220 -9.82 31.44 -7.42
N ILE A 220 -9.55 32.63 -7.34
CA ILE A 220 -10.85 31.28 -6.43
CA ILE A 220 -10.66 32.36 -6.44
C ILE A 220 -10.20 30.86 -5.14
C ILE A 220 -10.08 31.80 -5.15
N ASN A 221 -10.89 31.13 -4.05
N ASN A 221 -10.79 31.96 -4.05
CA ASN A 221 -10.41 30.71 -2.77
CA ASN A 221 -10.42 31.32 -2.80
C ASN A 221 -11.51 29.92 -2.10
C ASN A 221 -11.66 30.76 -2.12
N ARG A 222 -11.26 28.64 -1.82
N ARG A 222 -11.68 29.42 -2.03
CA ARG A 222 -12.27 27.78 -1.25
CA ARG A 222 -12.80 28.64 -1.51
C ARG A 222 -12.77 28.29 0.12
C ARG A 222 -13.12 28.88 -0.06
N THR A 223 -12.12 29.32 0.70
CA THR A 223 -12.38 29.72 2.08
C THR A 223 -13.00 31.10 2.22
N GLN A 224 -13.04 31.90 1.15
CA GLN A 224 -13.44 33.29 1.25
C GLN A 224 -14.85 33.45 0.68
N LYS A 225 -15.67 34.27 1.34
CA LYS A 225 -17.06 34.46 0.93
C LYS A 225 -17.18 35.38 -0.28
N GLU A 226 -16.43 36.48 -0.27
CA GLU A 226 -16.59 37.53 -1.28
C GLU A 226 -16.09 37.11 -2.66
N ILE A 227 -16.78 37.60 -3.69
CA ILE A 227 -16.51 37.23 -5.08
C ILE A 227 -15.64 38.30 -5.76
N PRO A 228 -14.58 37.88 -6.46
CA PRO A 228 -13.72 38.82 -7.20
C PRO A 228 -14.43 39.38 -8.43
N ASP A 229 -14.19 40.65 -8.73
CA ASP A 229 -14.79 41.28 -9.91
C ASP A 229 -14.05 40.89 -11.19
N HIS A 230 -14.71 41.14 -12.33
CA HIS A 230 -14.20 40.79 -13.66
C HIS A 230 -12.82 41.39 -13.91
N ALA A 231 -12.63 42.66 -13.52
CA ALA A 231 -11.37 43.37 -13.72
C ALA A 231 -10.20 42.68 -13.02
N THR A 232 -10.38 42.31 -11.76
CA THR A 232 -9.32 41.65 -10.99
C THR A 232 -8.96 40.29 -11.61
N LEU A 233 -9.97 39.56 -12.05
CA LEU A 233 -9.74 38.26 -12.71
C LEU A 233 -9.01 38.40 -14.04
N LYS A 234 -9.40 39.38 -14.84
CA LYS A 234 -8.76 39.67 -16.10
C LYS A 234 -7.28 40.01 -15.88
N GLU A 235 -7.03 40.87 -14.88
CA GLU A 235 -5.69 41.31 -14.55
CA GLU A 235 -5.69 41.31 -14.56
C GLU A 235 -4.83 40.14 -14.10
N THR A 236 -5.43 39.22 -13.35
CA THR A 236 -4.70 38.07 -12.82
C THR A 236 -4.30 37.11 -13.94
N GLU A 237 -5.21 36.84 -14.86
CA GLU A 237 -4.94 36.00 -16.03
CA GLU A 237 -4.89 35.98 -15.99
C GLU A 237 -3.78 36.59 -16.84
N ALA A 238 -3.87 37.88 -17.10
CA ALA A 238 -2.87 38.57 -17.90
C ALA A 238 -1.52 38.57 -17.19
N ARG A 239 -1.52 38.83 -15.87
CA ARG A 239 -0.26 38.85 -15.12
CA ARG A 239 -0.27 38.86 -15.12
CA ARG A 239 -0.27 38.86 -15.11
C ARG A 239 0.38 37.47 -15.13
N SER A 240 -0.42 36.41 -15.03
CA SER A 240 0.18 35.08 -14.93
CA SER A 240 0.15 35.07 -14.95
C SER A 240 1.04 34.76 -16.16
N ILE A 241 0.56 35.13 -17.34
CA ILE A 241 1.31 34.80 -18.55
C ILE A 241 2.47 35.78 -18.79
N LYS A 242 2.33 37.03 -18.37
CA LYS A 242 3.48 37.95 -18.41
CA LYS A 242 3.47 37.95 -18.42
C LYS A 242 4.59 37.42 -17.50
N VAL A 243 4.21 36.95 -16.32
CA VAL A 243 5.16 36.39 -15.38
C VAL A 243 5.87 35.16 -15.94
N VAL A 244 5.14 34.22 -16.55
CA VAL A 244 5.83 33.03 -17.03
C VAL A 244 6.80 33.37 -18.17
N VAL A 245 6.46 34.35 -19.01
CA VAL A 245 7.38 34.77 -20.06
C VAL A 245 8.65 35.40 -19.47
N GLU A 246 8.50 36.23 -18.43
CA GLU A 246 9.68 36.79 -17.78
CA GLU A 246 9.67 36.80 -17.75
C GLU A 246 10.50 35.70 -17.09
N ALA A 247 9.85 34.69 -16.53
CA ALA A 247 10.59 33.56 -15.95
C ALA A 247 11.36 32.81 -17.04
N ALA A 248 10.76 32.64 -18.21
CA ALA A 248 11.47 32.04 -19.35
C ALA A 248 12.70 32.88 -19.71
N ARG A 249 12.55 34.19 -19.73
N ARG A 249 12.55 34.21 -19.74
CA ARG A 249 13.67 35.08 -20.02
CA ARG A 249 13.68 35.09 -20.02
C ARG A 249 14.83 34.83 -19.05
C ARG A 249 14.83 34.83 -19.05
N LYS A 250 14.51 34.66 -17.77
CA LYS A 250 15.52 34.41 -16.76
C LYS A 250 16.19 33.06 -16.91
N MET A 251 15.50 32.10 -17.51
CA MET A 251 16.07 30.77 -17.74
C MET A 251 16.99 30.71 -18.96
N LEU A 252 16.83 31.61 -19.91
CA LEU A 252 17.65 31.56 -21.14
C LEU A 252 19.14 31.73 -20.84
N LYS A 253 19.97 31.00 -21.58
CA LYS A 253 21.44 31.01 -21.38
C LYS A 253 22.14 31.65 -22.58
N THR B 2 -31.38 26.97 -16.08
CA THR B 2 -30.70 26.75 -14.77
C THR B 2 -29.18 26.77 -14.99
N LYS B 3 -28.42 26.06 -14.16
CA LYS B 3 -26.98 26.22 -14.16
C LYS B 3 -26.32 25.79 -15.46
N THR B 4 -25.18 26.45 -15.70
CA THR B 4 -24.24 26.06 -16.74
C THR B 4 -23.10 25.36 -16.03
N VAL B 5 -22.76 24.15 -16.46
CA VAL B 5 -21.70 23.41 -15.79
C VAL B 5 -20.34 24.06 -16.06
N PHE B 6 -19.41 23.84 -15.12
CA PHE B 6 -18.22 24.68 -15.00
C PHE B 6 -17.26 24.59 -16.19
N HIS B 7 -17.04 23.40 -16.71
CA HIS B 7 -16.10 23.22 -17.82
C HIS B 7 -16.79 23.10 -19.17
N LEU B 8 -17.91 22.37 -19.24
CA LEU B 8 -18.46 22.04 -20.57
C LEU B 8 -19.24 23.18 -21.18
N GLY B 9 -19.69 24.15 -20.37
CA GLY B 9 -20.32 25.34 -20.92
C GLY B 9 -21.69 25.12 -21.52
N VAL B 10 -22.41 24.11 -21.05
CA VAL B 10 -23.76 23.81 -21.48
C VAL B 10 -24.70 23.73 -20.27
N THR B 11 -25.99 23.88 -20.57
CA THR B 11 -27.04 23.77 -19.58
C THR B 11 -27.85 22.51 -19.81
N GLU B 12 -28.70 22.17 -18.85
CA GLU B 12 -29.57 21.00 -19.04
C GLU B 12 -30.50 21.22 -20.24
N ALA B 13 -31.04 22.43 -20.36
CA ALA B 13 -31.93 22.74 -21.47
C ALA B 13 -31.25 22.51 -22.82
N ASP B 14 -29.95 22.81 -22.92
CA ASP B 14 -29.19 22.63 -24.17
C ASP B 14 -29.22 21.17 -24.66
N LEU B 15 -29.35 20.22 -23.73
CA LEU B 15 -29.29 18.81 -24.08
C LEU B 15 -30.61 18.24 -24.58
N ASN B 16 -31.69 19.02 -24.47
CA ASN B 16 -33.01 18.62 -24.98
CA ASN B 16 -32.98 18.63 -25.01
C ASN B 16 -33.44 17.25 -24.50
N GLY B 17 -33.19 16.97 -23.23
CA GLY B 17 -33.66 15.75 -22.62
C GLY B 17 -32.76 14.54 -22.78
N ALA B 18 -31.57 14.71 -23.35
CA ALA B 18 -30.69 13.57 -23.57
C ALA B 18 -30.32 12.87 -22.26
N THR B 19 -30.38 11.55 -22.25
CA THR B 19 -29.87 10.80 -21.11
C THR B 19 -28.74 9.85 -21.50
N LEU B 20 -28.28 9.89 -22.74
CA LEU B 20 -27.20 9.08 -23.25
C LEU B 20 -26.21 9.98 -23.94
N ALA B 21 -24.92 9.72 -23.67
CA ALA B 21 -23.81 10.42 -24.30
C ALA B 21 -22.87 9.42 -24.94
N ILE B 22 -22.36 9.80 -26.11
CA ILE B 22 -21.21 9.15 -26.74
C ILE B 22 -20.00 10.05 -26.47
N ILE B 23 -18.92 9.44 -25.96
CA ILE B 23 -17.80 10.21 -25.44
C ILE B 23 -16.49 9.77 -26.08
N PRO B 24 -16.15 10.31 -27.27
CA PRO B 24 -14.86 10.08 -27.88
C PRO B 24 -13.80 10.92 -27.14
N GLY B 25 -12.52 10.65 -27.41
CA GLY B 25 -11.45 11.44 -26.81
C GLY B 25 -11.16 12.76 -27.51
N ASP B 26 -11.12 12.71 -28.83
CA ASP B 26 -10.64 13.81 -29.66
C ASP B 26 -11.80 14.78 -29.97
N PRO B 27 -11.67 16.06 -29.60
CA PRO B 27 -12.74 17.02 -29.93
C PRO B 27 -13.12 17.06 -31.41
N ALA B 28 -12.16 16.83 -32.30
CA ALA B 28 -12.42 16.82 -33.75
C ALA B 28 -13.35 15.67 -34.21
N ARG B 29 -13.46 14.63 -33.40
CA ARG B 29 -14.30 13.49 -33.76
C ARG B 29 -15.76 13.66 -33.34
N VAL B 30 -16.04 14.67 -32.54
CA VAL B 30 -17.39 14.89 -32.03
C VAL B 30 -18.37 15.14 -33.20
N GLN B 31 -18.04 16.07 -34.09
CA GLN B 31 -18.91 16.36 -35.21
C GLN B 31 -19.06 15.12 -36.10
N LYS B 32 -18.00 14.33 -36.23
CA LYS B 32 -18.03 13.16 -37.11
CA LYS B 32 -18.02 13.15 -37.10
C LYS B 32 -19.01 12.11 -36.58
N ILE B 33 -19.09 11.96 -35.27
CA ILE B 33 -20.08 11.05 -34.68
C ILE B 33 -21.49 11.66 -34.79
N ALA B 34 -21.61 12.95 -34.47
CA ALA B 34 -22.91 13.60 -34.49
C ALA B 34 -23.57 13.53 -35.85
N GLU B 35 -22.77 13.64 -36.93
CA GLU B 35 -23.34 13.66 -38.27
C GLU B 35 -23.84 12.31 -38.73
N LEU B 36 -23.52 11.24 -37.99
CA LEU B 36 -24.11 9.93 -38.24
C LEU B 36 -25.54 9.84 -37.72
N MET B 37 -25.98 10.85 -36.99
CA MET B 37 -27.31 10.90 -36.39
C MET B 37 -28.10 12.05 -37.00
N ASP B 38 -29.33 12.27 -36.53
CA ASP B 38 -30.20 13.31 -37.09
C ASP B 38 -30.05 14.65 -36.40
N ASN B 39 -30.23 15.73 -37.14
CA ASN B 39 -30.25 17.09 -36.59
C ASN B 39 -29.08 17.39 -35.63
N PRO B 40 -27.83 17.12 -36.05
CA PRO B 40 -26.72 17.47 -35.18
C PRO B 40 -26.58 18.99 -35.03
N VAL B 41 -26.32 19.44 -33.80
CA VAL B 41 -26.14 20.86 -33.52
C VAL B 41 -24.98 21.03 -32.55
N PHE B 42 -24.07 21.93 -32.93
CA PHE B 42 -22.96 22.34 -32.06
C PHE B 42 -23.50 23.07 -30.85
N LEU B 43 -23.05 22.67 -29.66
CA LEU B 43 -23.43 23.37 -28.44
C LEU B 43 -22.33 24.25 -27.87
N ALA B 44 -21.10 23.73 -27.75
CA ALA B 44 -20.04 24.47 -27.07
C ALA B 44 -18.70 23.82 -27.35
N SER B 45 -17.66 24.64 -27.25
CA SER B 45 -16.29 24.14 -27.26
CA SER B 45 -16.28 24.16 -27.28
C SER B 45 -15.47 24.97 -26.27
N HIS B 46 -14.85 24.27 -25.33
CA HIS B 46 -13.96 24.91 -24.36
CA HIS B 46 -14.00 24.89 -24.28
C HIS B 46 -12.91 23.89 -23.97
N ARG B 47 -11.64 24.30 -24.02
CA ARG B 47 -10.54 23.37 -23.74
C ARG B 47 -10.70 22.13 -24.64
N GLU B 48 -10.50 20.93 -24.10
CA GLU B 48 -10.66 19.70 -24.88
C GLU B 48 -12.10 19.22 -25.04
N TYR B 49 -13.06 20.03 -24.60
CA TYR B 49 -14.46 19.62 -24.55
C TYR B 49 -15.28 20.28 -25.67
N THR B 50 -15.58 19.50 -26.70
CA THR B 50 -16.51 19.91 -27.75
C THR B 50 -17.78 19.09 -27.56
N VAL B 51 -18.91 19.78 -27.58
CA VAL B 51 -20.20 19.20 -27.25
C VAL B 51 -21.19 19.46 -28.39
N TYR B 52 -21.82 18.39 -28.89
CA TYR B 52 -22.91 18.47 -29.87
C TYR B 52 -24.10 17.74 -29.27
N ARG B 53 -25.28 18.11 -29.75
CA ARG B 53 -26.47 17.31 -29.55
CA ARG B 53 -26.47 17.31 -29.55
C ARG B 53 -26.91 16.74 -30.90
N ALA B 54 -27.62 15.61 -30.88
CA ALA B 54 -28.21 15.06 -32.10
C ALA B 54 -29.41 14.22 -31.68
N GLU B 55 -30.05 13.59 -32.64
CA GLU B 55 -31.22 12.78 -32.40
C GLU B 55 -31.04 11.42 -33.03
N LEU B 56 -31.38 10.38 -32.28
CA LEU B 56 -31.23 9.00 -32.73
C LEU B 56 -32.55 8.29 -32.50
N ASP B 57 -33.18 7.82 -33.58
CA ASP B 57 -34.52 7.23 -33.48
C ASP B 57 -35.45 8.12 -32.66
N GLY B 58 -35.36 9.42 -32.89
CA GLY B 58 -36.23 10.40 -32.27
C GLY B 58 -35.90 10.79 -30.84
N GLN B 59 -34.80 10.28 -30.30
CA GLN B 59 -34.38 10.59 -28.94
C GLN B 59 -33.11 11.41 -28.95
N SER B 60 -33.04 12.41 -28.08
CA SER B 60 -31.86 13.26 -27.99
CA SER B 60 -31.88 13.27 -27.98
C SER B 60 -30.67 12.50 -27.42
N VAL B 61 -29.52 12.73 -28.03
CA VAL B 61 -28.23 12.13 -27.65
CA VAL B 61 -28.28 12.19 -27.52
C VAL B 61 -27.22 13.26 -27.58
N VAL B 62 -26.27 13.17 -26.67
CA VAL B 62 -25.15 14.10 -26.59
CA VAL B 62 -25.19 14.14 -26.65
C VAL B 62 -23.89 13.43 -27.10
N VAL B 63 -23.04 14.19 -27.79
CA VAL B 63 -21.69 13.72 -28.12
C VAL B 63 -20.74 14.73 -27.50
N CYS B 64 -19.80 14.25 -26.67
CA CYS B 64 -18.90 15.15 -25.93
C CYS B 64 -17.52 14.53 -25.87
N SER B 65 -16.51 15.27 -26.31
CA SER B 65 -15.14 14.78 -26.17
C SER B 65 -14.68 14.84 -24.72
N THR B 66 -13.69 14.00 -24.44
CA THR B 66 -13.16 13.81 -23.08
C THR B 66 -11.75 14.35 -22.91
N GLY B 67 -11.01 14.52 -24.00
CA GLY B 67 -9.55 14.66 -23.90
C GLY B 67 -8.91 13.31 -23.60
N ILE B 68 -7.58 13.32 -23.51
CA ILE B 68 -6.83 12.13 -23.16
C ILE B 68 -6.74 12.02 -21.64
N GLY B 69 -7.06 10.84 -21.14
CA GLY B 69 -6.82 10.50 -19.77
C GLY B 69 -8.02 10.56 -18.85
N GLY B 70 -7.89 9.83 -17.77
CA GLY B 70 -8.93 9.80 -16.73
C GLY B 70 -9.31 11.15 -16.16
N PRO B 71 -8.34 12.03 -15.86
CA PRO B 71 -8.73 13.31 -15.20
C PRO B 71 -9.68 14.14 -16.06
N SER B 72 -9.34 14.35 -17.32
CA SER B 72 -10.24 15.16 -18.13
CA SER B 72 -10.16 15.09 -18.26
C SER B 72 -11.54 14.43 -18.43
N THR B 73 -11.50 13.10 -18.55
CA THR B 73 -12.70 12.30 -18.72
C THR B 73 -13.63 12.46 -17.54
N SER B 74 -13.06 12.43 -16.32
CA SER B 74 -13.88 12.48 -15.11
C SER B 74 -14.68 13.77 -15.00
N ILE B 75 -14.11 14.88 -15.47
CA ILE B 75 -14.82 16.15 -15.49
C ILE B 75 -16.02 16.08 -16.42
N ALA B 76 -15.83 15.58 -17.63
CA ALA B 76 -16.91 15.54 -18.62
C ALA B 76 -18.04 14.65 -18.13
N VAL B 77 -17.71 13.47 -17.60
CA VAL B 77 -18.73 12.55 -17.14
C VAL B 77 -19.53 13.15 -16.00
N GLU B 78 -18.84 13.74 -15.02
CA GLU B 78 -19.51 14.37 -13.89
C GLU B 78 -20.48 15.46 -14.36
N GLU B 79 -19.99 16.34 -15.23
CA GLU B 79 -20.79 17.50 -15.60
C GLU B 79 -21.97 17.08 -16.48
N LEU B 80 -21.78 16.09 -17.34
CA LEU B 80 -22.92 15.55 -18.09
C LEU B 80 -23.93 14.87 -17.16
N ALA B 81 -23.46 14.16 -16.14
CA ALA B 81 -24.38 13.55 -15.18
C ALA B 81 -25.17 14.59 -14.41
N GLN B 82 -24.53 15.72 -14.09
CA GLN B 82 -25.26 16.82 -13.44
C GLN B 82 -26.42 17.30 -14.30
N LEU B 83 -26.30 17.18 -15.60
CA LEU B 83 -27.30 17.63 -16.55
C LEU B 83 -28.24 16.52 -17.02
N GLY B 84 -28.21 15.37 -16.35
CA GLY B 84 -29.17 14.30 -16.58
C GLY B 84 -28.71 13.10 -17.39
N VAL B 85 -27.47 13.10 -17.86
CA VAL B 85 -26.98 11.97 -18.62
C VAL B 85 -26.70 10.80 -17.68
N ARG B 86 -27.14 9.61 -18.07
CA ARG B 86 -27.00 8.42 -17.23
C ARG B 86 -26.27 7.26 -17.90
N THR B 87 -26.12 7.29 -19.21
CA THR B 87 -25.46 6.23 -19.99
C THR B 87 -24.37 6.86 -20.84
N PHE B 88 -23.18 6.26 -20.79
CA PHE B 88 -21.99 6.79 -21.41
C PHE B 88 -21.33 5.68 -22.26
N LEU B 89 -21.19 5.95 -23.55
CA LEU B 89 -20.59 5.00 -24.49
C LEU B 89 -19.28 5.60 -24.99
N ARG B 90 -18.19 4.92 -24.63
CA ARG B 90 -16.86 5.35 -25.00
CA ARG B 90 -16.88 5.45 -25.02
C ARG B 90 -16.32 4.65 -26.24
N VAL B 91 -15.85 5.45 -27.18
CA VAL B 91 -15.19 4.94 -28.37
C VAL B 91 -13.80 5.54 -28.46
N GLY B 92 -12.83 4.76 -28.92
CA GLY B 92 -11.47 5.27 -29.14
C GLY B 92 -10.63 4.26 -29.85
N THR B 93 -9.32 4.50 -29.85
CA THR B 93 -8.33 3.61 -30.45
C THR B 93 -7.55 2.91 -29.35
N THR B 94 -6.85 1.86 -29.75
CA THR B 94 -6.16 1.03 -28.77
C THR B 94 -5.00 0.28 -29.39
N GLY B 95 -4.06 -0.14 -28.55
CA GLY B 95 -2.98 -1.03 -28.97
C GLY B 95 -3.21 -2.42 -28.44
N ALA B 96 -3.26 -3.40 -29.33
CA ALA B 96 -3.41 -4.80 -28.91
C ALA B 96 -2.10 -5.36 -28.40
N ILE B 97 -2.17 -6.25 -27.43
CA ILE B 97 -0.98 -6.90 -26.94
C ILE B 97 -1.01 -8.40 -27.15
N GLN B 98 -2.11 -8.95 -27.66
CA GLN B 98 -2.15 -10.37 -28.02
C GLN B 98 -1.82 -10.55 -29.48
N PRO B 99 -1.03 -11.59 -29.82
CA PRO B 99 -0.60 -11.74 -31.21
C PRO B 99 -1.71 -11.94 -32.20
N HIS B 100 -2.83 -12.52 -31.79
CA HIS B 100 -3.89 -12.88 -32.72
C HIS B 100 -4.86 -11.75 -33.02
N VAL B 101 -4.76 -10.63 -32.29
CA VAL B 101 -5.63 -9.50 -32.52
C VAL B 101 -5.02 -8.60 -33.59
N ASN B 102 -5.76 -8.27 -34.62
CA ASN B 102 -5.21 -7.53 -35.74
C ASN B 102 -5.65 -6.08 -35.78
N VAL B 103 -4.86 -5.25 -36.43
CA VAL B 103 -5.26 -3.88 -36.73
C VAL B 103 -6.61 -3.93 -37.44
N GLY B 104 -7.52 -3.08 -37.00
CA GLY B 104 -8.86 -3.00 -37.55
C GLY B 104 -9.87 -3.80 -36.78
N ASP B 105 -9.43 -4.73 -35.95
CA ASP B 105 -10.36 -5.43 -35.06
C ASP B 105 -10.94 -4.47 -34.03
N MET B 106 -12.04 -4.87 -33.42
CA MET B 106 -12.70 -4.11 -32.36
CA MET B 106 -12.62 -4.11 -32.35
C MET B 106 -12.57 -4.89 -31.05
N ILE B 107 -12.38 -4.17 -29.97
CA ILE B 107 -12.35 -4.75 -28.63
C ILE B 107 -13.44 -4.12 -27.79
N VAL B 108 -14.24 -4.94 -27.12
CA VAL B 108 -15.19 -4.47 -26.13
C VAL B 108 -14.68 -4.91 -24.76
N THR B 109 -14.42 -3.94 -23.89
CA THR B 109 -13.78 -4.21 -22.60
C THR B 109 -14.79 -4.83 -21.64
N THR B 110 -14.43 -5.97 -21.04
CA THR B 110 -15.23 -6.60 -20.00
C THR B 110 -14.77 -6.19 -18.59
N GLY B 111 -13.59 -5.61 -18.49
CA GLY B 111 -13.03 -5.14 -17.23
C GLY B 111 -11.70 -4.51 -17.52
N SER B 112 -11.29 -3.55 -16.70
CA SER B 112 -10.01 -2.88 -16.92
C SER B 112 -9.06 -3.06 -15.75
N VAL B 113 -7.79 -3.27 -16.12
CA VAL B 113 -6.68 -3.17 -15.16
C VAL B 113 -6.49 -1.69 -14.86
N ARG B 114 -6.59 -1.34 -13.57
CA ARG B 114 -6.61 0.06 -13.14
C ARG B 114 -5.18 0.59 -12.95
N LEU B 115 -4.57 0.97 -14.07
CA LEU B 115 -3.21 1.54 -14.09
C LEU B 115 -3.26 3.06 -14.19
N ASP B 116 -4.31 3.61 -13.61
CA ASP B 116 -4.65 5.04 -13.61
C ASP B 116 -4.62 5.58 -12.19
N GLY B 117 -4.96 6.83 -12.01
CA GLY B 117 -5.12 7.42 -10.69
C GLY B 117 -6.54 7.85 -10.40
N ALA B 118 -7.30 8.30 -11.40
CA ALA B 118 -8.58 8.91 -11.11
C ALA B 118 -9.58 7.89 -10.62
N SER B 119 -9.46 6.62 -11.01
CA SER B 119 -10.39 5.62 -10.52
C SER B 119 -10.41 5.58 -8.99
N LEU B 120 -9.25 5.78 -8.36
CA LEU B 120 -9.11 5.77 -6.90
C LEU B 120 -9.80 6.96 -6.24
N HIS B 121 -10.20 7.96 -7.02
CA HIS B 121 -10.95 9.09 -6.49
C HIS B 121 -12.45 8.77 -6.39
N PHE B 122 -12.85 7.59 -6.87
CA PHE B 122 -14.23 7.10 -6.82
C PHE B 122 -14.39 5.82 -6.02
N ALA B 123 -13.41 4.93 -6.05
CA ALA B 123 -13.53 3.66 -5.34
C ALA B 123 -12.12 3.16 -5.06
N PRO B 124 -11.94 2.44 -3.95
CA PRO B 124 -10.62 1.90 -3.65
C PRO B 124 -10.24 0.84 -4.67
N MET B 125 -8.96 0.47 -4.71
CA MET B 125 -8.41 -0.36 -5.80
C MET B 125 -9.11 -1.71 -5.91
N GLU B 126 -9.62 -2.23 -4.80
N GLU B 126 -9.62 -2.26 -4.83
CA GLU B 126 -10.31 -3.52 -4.77
CA GLU B 126 -10.24 -3.57 -4.90
C GLU B 126 -11.54 -3.56 -5.69
C GLU B 126 -11.56 -3.58 -5.70
N PHE B 127 -12.16 -2.41 -5.92
CA PHE B 127 -13.39 -2.31 -6.69
C PHE B 127 -13.11 -2.59 -8.18
N PRO B 128 -13.98 -3.35 -8.85
CA PRO B 128 -13.71 -3.74 -10.24
C PRO B 128 -14.07 -2.62 -11.23
N ALA B 129 -13.16 -2.35 -12.15
CA ALA B 129 -13.44 -1.43 -13.26
C ALA B 129 -14.19 -2.18 -14.34
N VAL B 130 -15.49 -2.28 -14.18
CA VAL B 130 -16.37 -3.16 -14.92
CA VAL B 130 -16.29 -3.13 -15.09
C VAL B 130 -17.41 -2.32 -15.70
N PRO B 131 -17.74 -2.66 -16.95
CA PRO B 131 -18.81 -1.97 -17.65
C PRO B 131 -20.19 -2.41 -17.15
N ASP B 132 -21.18 -1.60 -17.47
CA ASP B 132 -22.57 -2.03 -17.40
C ASP B 132 -22.77 -3.18 -18.40
N PHE B 133 -23.43 -4.24 -17.94
CA PHE B 133 -23.59 -5.43 -18.76
C PHE B 133 -24.43 -5.16 -20.02
N ASP B 134 -25.46 -4.36 -19.90
CA ASP B 134 -26.27 -4.01 -21.06
C ASP B 134 -25.46 -3.25 -22.11
N VAL B 135 -24.64 -2.30 -21.67
CA VAL B 135 -23.83 -1.56 -22.60
C VAL B 135 -22.82 -2.47 -23.30
N ALA B 136 -22.14 -3.34 -22.54
CA ALA B 136 -21.18 -4.25 -23.15
C ALA B 136 -21.86 -5.18 -24.15
N THR B 137 -23.05 -5.67 -23.81
CA THR B 137 -23.82 -6.53 -24.70
C THR B 137 -24.19 -5.80 -25.99
N ALA B 138 -24.63 -4.56 -25.89
CA ALA B 138 -25.00 -3.77 -27.06
C ALA B 138 -23.78 -3.49 -27.94
N MET B 139 -22.65 -3.20 -27.32
CA MET B 139 -21.44 -2.94 -28.08
CA MET B 139 -21.39 -2.95 -28.02
C MET B 139 -20.96 -4.18 -28.82
N LYS B 140 -21.01 -5.35 -28.18
CA LYS B 140 -20.64 -6.59 -28.85
C LYS B 140 -21.54 -6.80 -30.08
N ALA B 141 -22.85 -6.67 -29.89
CA ALA B 141 -23.79 -6.91 -30.99
C ALA B 141 -23.56 -5.92 -32.12
N ALA B 142 -23.41 -4.64 -31.79
CA ALA B 142 -23.18 -3.63 -32.82
C ALA B 142 -21.89 -3.92 -33.57
N ALA B 143 -20.83 -4.28 -32.86
CA ALA B 143 -19.56 -4.55 -33.50
C ALA B 143 -19.66 -5.76 -34.43
N GLN B 144 -20.31 -6.83 -33.98
CA GLN B 144 -20.46 -8.01 -34.82
C GLN B 144 -21.30 -7.70 -36.06
N GLU B 145 -22.39 -6.95 -35.88
CA GLU B 145 -23.32 -6.65 -36.98
C GLU B 145 -22.67 -5.77 -38.04
N SER B 146 -21.60 -5.08 -37.69
CA SER B 146 -20.84 -4.27 -38.65
C SER B 146 -19.92 -5.10 -39.54
N GLY B 147 -19.73 -6.37 -39.22
CA GLY B 147 -18.82 -7.25 -39.95
C GLY B 147 -17.41 -7.22 -39.39
N ALA B 148 -17.21 -6.49 -38.31
CA ALA B 148 -15.90 -6.44 -37.65
C ALA B 148 -15.54 -7.75 -36.96
N THR B 149 -14.24 -8.00 -36.81
CA THR B 149 -13.76 -9.06 -35.92
C THR B 149 -13.71 -8.46 -34.53
N VAL B 150 -14.44 -9.05 -33.59
CA VAL B 150 -14.67 -8.52 -32.26
CA VAL B 150 -14.58 -8.45 -32.25
C VAL B 150 -14.09 -9.41 -31.17
N HIS B 151 -13.42 -8.80 -30.21
CA HIS B 151 -12.88 -9.50 -29.05
C HIS B 151 -13.47 -8.91 -27.78
N MET B 152 -13.88 -9.78 -26.86
CA MET B 152 -14.32 -9.39 -25.54
C MET B 152 -13.21 -9.73 -24.56
N GLY B 153 -12.84 -8.81 -23.68
CA GLY B 153 -11.87 -9.16 -22.67
C GLY B 153 -11.34 -7.98 -21.89
N VAL B 154 -10.28 -8.26 -21.15
CA VAL B 154 -9.70 -7.33 -20.21
C VAL B 154 -8.79 -6.35 -20.93
N THR B 155 -8.85 -5.08 -20.51
CA THR B 155 -8.07 -4.00 -21.06
C THR B 155 -7.17 -3.43 -19.97
N ALA B 156 -5.90 -3.16 -20.27
CA ALA B 156 -5.00 -2.46 -19.35
C ALA B 156 -5.10 -0.96 -19.61
N SER B 157 -5.52 -0.21 -18.60
CA SER B 157 -5.85 1.20 -18.77
C SER B 157 -4.87 2.06 -17.99
N SER B 158 -4.00 2.72 -18.76
CA SER B 158 -2.82 3.41 -18.24
C SER B 158 -2.93 4.93 -18.26
N ASP B 159 -2.44 5.57 -17.18
CA ASP B 159 -2.30 7.01 -17.11
C ASP B 159 -1.22 7.59 -18.00
N THR B 160 -0.40 6.75 -18.64
CA THR B 160 0.56 7.24 -19.61
C THR B 160 0.46 6.45 -20.92
N PHE B 161 0.87 7.11 -21.99
CA PHE B 161 1.02 6.44 -23.27
C PHE B 161 2.33 5.69 -23.36
N TYR B 162 3.35 6.20 -22.66
CA TYR B 162 4.74 5.75 -22.86
C TYR B 162 5.12 4.72 -21.78
N PRO B 163 5.61 5.10 -20.58
CA PRO B 163 6.11 4.04 -19.69
C PRO B 163 5.06 3.07 -19.20
N GLY B 164 3.82 3.53 -18.95
CA GLY B 164 2.79 2.63 -18.45
C GLY B 164 2.26 1.66 -19.47
N GLN B 165 2.63 1.88 -20.74
CA GLN B 165 2.37 0.89 -21.81
C GLN B 165 3.69 0.22 -22.22
N GLU B 166 4.70 0.33 -21.34
CA GLU B 166 6.02 -0.25 -21.50
C GLU B 166 6.64 0.04 -22.86
N ARG B 167 6.56 1.30 -23.29
CA ARG B 167 7.30 1.77 -24.46
C ARG B 167 8.68 2.25 -24.06
N TYR B 168 9.70 1.86 -24.84
CA TYR B 168 11.08 2.23 -24.61
C TYR B 168 11.66 3.19 -25.63
N ASP B 169 10.99 3.43 -26.77
CA ASP B 169 11.53 4.36 -27.76
C ASP B 169 11.13 5.78 -27.37
N THR B 170 11.79 6.26 -26.32
CA THR B 170 11.41 7.47 -25.62
C THR B 170 12.65 8.29 -25.32
N PHE B 171 12.45 9.48 -24.78
CA PHE B 171 13.55 10.36 -24.40
C PHE B 171 14.50 9.69 -23.40
N THR B 172 14.00 9.12 -22.32
CA THR B 172 14.90 8.47 -21.38
C THR B 172 15.22 7.03 -21.76
N GLY B 173 14.34 6.38 -22.51
CA GLY B 173 14.52 4.95 -22.78
C GLY B 173 14.43 4.07 -21.55
N ARG B 174 13.80 4.60 -20.50
CA ARG B 174 13.65 3.94 -19.21
CA ARG B 174 13.67 3.86 -19.24
C ARG B 174 12.20 3.73 -18.82
N VAL B 175 11.92 2.62 -18.14
CA VAL B 175 10.57 2.39 -17.60
C VAL B 175 10.76 2.06 -16.12
N VAL B 176 9.99 2.74 -15.26
CA VAL B 176 10.06 2.55 -13.82
C VAL B 176 9.81 1.08 -13.45
N ARG B 177 10.39 0.66 -12.34
CA ARG B 177 10.32 -0.73 -11.87
CA ARG B 177 10.32 -0.70 -11.89
C ARG B 177 8.92 -1.32 -11.97
N ARG B 178 7.92 -0.59 -11.48
CA ARG B 178 6.53 -1.05 -11.49
C ARG B 178 6.11 -1.62 -12.85
N PHE B 179 6.54 -0.96 -13.92
CA PHE B 179 6.10 -1.28 -15.27
C PHE B 179 7.09 -2.09 -16.09
N GLN B 180 8.28 -2.37 -15.57
N GLN B 180 8.28 -2.37 -15.56
CA GLN B 180 9.23 -3.24 -16.29
CA GLN B 180 9.22 -3.26 -16.23
C GLN B 180 8.66 -4.63 -16.35
C GLN B 180 8.63 -4.65 -16.34
N GLY B 181 8.62 -5.21 -17.55
CA GLY B 181 8.07 -6.53 -17.76
C GLY B 181 6.56 -6.60 -17.74
N SER B 182 5.89 -5.45 -17.61
CA SER B 182 4.45 -5.46 -17.44
C SER B 182 3.71 -5.88 -18.71
N MET B 183 4.17 -5.51 -19.90
CA MET B 183 3.46 -5.93 -21.09
C MET B 183 3.39 -7.46 -21.18
N LYS B 184 4.51 -8.14 -20.96
CA LYS B 184 4.54 -9.59 -20.98
CA LYS B 184 4.51 -9.59 -21.00
CA LYS B 184 4.54 -9.59 -20.98
C LYS B 184 3.64 -10.17 -19.89
N GLU B 185 3.66 -9.55 -18.71
CA GLU B 185 2.79 -10.00 -17.62
CA GLU B 185 2.81 -10.00 -17.64
C GLU B 185 1.32 -9.93 -18.02
N TRP B 186 0.90 -8.78 -18.57
CA TRP B 186 -0.49 -8.65 -18.99
C TRP B 186 -0.80 -9.64 -20.13
N GLN B 187 0.12 -9.82 -21.07
N GLN B 187 0.14 -9.82 -21.05
CA GLN B 187 -0.11 -10.78 -22.16
CA GLN B 187 -0.07 -10.73 -22.16
C GLN B 187 -0.35 -12.16 -21.59
C GLN B 187 -0.32 -12.15 -21.62
N ASP B 188 0.51 -12.57 -20.67
CA ASP B 188 0.38 -13.90 -20.09
C ASP B 188 -0.94 -14.07 -19.34
N MET B 189 -1.46 -12.98 -18.76
CA MET B 189 -2.74 -12.97 -18.08
C MET B 189 -3.92 -12.85 -19.01
N GLY B 190 -3.70 -12.82 -20.32
CA GLY B 190 -4.81 -12.75 -21.28
C GLY B 190 -5.37 -11.40 -21.56
N VAL B 191 -4.74 -10.34 -21.08
CA VAL B 191 -5.19 -8.98 -21.33
C VAL B 191 -5.06 -8.69 -22.84
N LEU B 192 -6.07 -8.03 -23.40
CA LEU B 192 -6.11 -7.82 -24.85
C LEU B 192 -5.36 -6.61 -25.36
N ASN B 193 -5.35 -5.53 -24.59
CA ASN B 193 -5.07 -4.23 -25.15
C ASN B 193 -4.73 -3.19 -24.10
N PHE B 194 -4.10 -2.10 -24.55
CA PHE B 194 -3.85 -0.90 -23.76
C PHE B 194 -4.66 0.27 -24.30
N GLU B 195 -5.20 1.08 -23.37
CA GLU B 195 -5.70 2.42 -23.69
C GLU B 195 -5.58 3.25 -22.40
N MET B 196 -6.23 4.43 -22.33
CA MET B 196 -5.90 5.39 -21.28
C MET B 196 -7.09 5.95 -20.50
N GLU B 197 -8.33 5.53 -20.75
CA GLU B 197 -9.50 6.14 -20.08
C GLU B 197 -10.45 5.15 -19.43
N SER B 198 -10.43 3.88 -19.84
CA SER B 198 -11.49 2.96 -19.40
CA SER B 198 -11.42 2.92 -19.42
C SER B 198 -11.48 2.73 -17.91
N ALA B 199 -10.32 2.61 -17.25
CA ALA B 199 -10.34 2.36 -15.81
C ALA B 199 -11.06 3.48 -15.07
N THR B 200 -10.74 4.72 -15.42
CA THR B 200 -11.42 5.82 -14.77
C THR B 200 -12.91 5.80 -15.08
N LEU B 201 -13.25 5.73 -16.37
CA LEU B 201 -14.65 5.80 -16.76
C LEU B 201 -15.47 4.69 -16.12
N LEU B 202 -14.99 3.46 -16.22
CA LEU B 202 -15.77 2.33 -15.75
C LEU B 202 -15.90 2.35 -14.24
N THR B 203 -14.82 2.66 -13.53
CA THR B 203 -14.89 2.70 -12.06
C THR B 203 -15.80 3.82 -11.60
N MET B 204 -15.63 5.02 -12.16
CA MET B 204 -16.46 6.15 -11.80
CA MET B 204 -16.47 6.12 -11.72
C MET B 204 -17.94 5.80 -11.98
N CYS B 205 -18.27 5.27 -13.16
CA CYS B 205 -19.68 5.04 -13.47
C CYS B 205 -20.26 3.89 -12.65
N ALA B 206 -19.53 2.79 -12.51
CA ALA B 206 -20.03 1.62 -11.79
C ALA B 206 -20.23 1.90 -10.31
N SER B 207 -19.54 2.90 -9.77
CA SER B 207 -19.67 3.29 -8.37
C SER B 207 -20.55 4.51 -8.16
N SER B 208 -21.17 5.01 -9.22
CA SER B 208 -21.95 6.26 -9.16
C SER B 208 -23.33 6.16 -9.79
N GLY B 209 -23.79 4.95 -10.10
CA GLY B 209 -25.13 4.79 -10.64
C GLY B 209 -25.28 5.21 -12.09
N LEU B 210 -24.20 5.12 -12.85
CA LEU B 210 -24.18 5.46 -14.26
C LEU B 210 -23.82 4.22 -15.06
N LYS B 211 -24.39 4.08 -16.25
CA LYS B 211 -24.11 2.95 -17.12
CA LYS B 211 -24.11 2.95 -17.11
C LYS B 211 -23.02 3.33 -18.10
N ALA B 212 -21.97 2.53 -18.20
CA ALA B 212 -20.87 2.85 -19.12
C ALA B 212 -20.34 1.60 -19.78
N GLY B 213 -19.74 1.80 -20.95
CA GLY B 213 -18.99 0.76 -21.63
C GLY B 213 -18.03 1.38 -22.60
N CYS B 214 -17.08 0.56 -23.07
CA CYS B 214 -15.97 0.98 -23.96
CA CYS B 214 -15.98 1.02 -23.95
CA CYS B 214 -16.07 1.05 -24.01
C CYS B 214 -15.81 0.05 -25.13
N VAL B 215 -15.73 0.61 -26.34
CA VAL B 215 -15.38 -0.14 -27.54
C VAL B 215 -14.20 0.60 -28.18
N ALA B 216 -13.26 -0.14 -28.73
CA ALA B 216 -12.05 0.48 -29.29
C ALA B 216 -11.62 -0.23 -30.56
N GLY B 217 -11.12 0.56 -31.50
CA GLY B 217 -10.51 0.01 -32.70
C GLY B 217 -9.02 -0.13 -32.56
N VAL B 218 -8.50 -1.30 -32.97
CA VAL B 218 -7.08 -1.59 -32.82
C VAL B 218 -6.30 -0.90 -33.92
N ILE B 219 -5.36 -0.05 -33.54
CA ILE B 219 -4.53 0.67 -34.50
C ILE B 219 -3.07 0.21 -34.55
N ILE B 220 -2.70 -0.68 -33.64
CA ILE B 220 -1.35 -1.23 -33.57
C ILE B 220 -1.40 -2.54 -32.82
N ASN B 221 -0.55 -3.47 -33.21
CA ASN B 221 -0.29 -4.65 -32.41
C ASN B 221 1.12 -4.52 -31.81
N ARG B 222 1.19 -4.46 -30.49
CA ARG B 222 2.41 -4.19 -29.75
C ARG B 222 3.39 -5.36 -29.76
N THR B 223 2.97 -6.52 -30.26
CA THR B 223 3.95 -7.57 -30.51
C THR B 223 4.79 -7.26 -31.75
N GLN B 224 4.32 -6.32 -32.57
CA GLN B 224 4.94 -5.96 -33.84
C GLN B 224 5.86 -4.74 -33.75
N LYS B 225 5.43 -3.69 -33.06
CA LYS B 225 6.17 -2.43 -32.98
CA LYS B 225 6.19 -2.44 -32.97
C LYS B 225 5.55 -1.55 -31.90
N GLU B 226 6.18 -0.40 -31.63
CA GLU B 226 5.70 0.54 -30.61
C GLU B 226 4.85 1.69 -31.14
N ILE B 227 5.16 2.25 -32.32
N ILE B 227 5.16 2.23 -32.33
CA ILE B 227 4.49 3.48 -32.79
CA ILE B 227 4.51 3.45 -32.82
C ILE B 227 3.49 3.10 -33.87
C ILE B 227 3.49 3.10 -33.89
N PRO B 228 2.21 3.50 -33.72
CA PRO B 228 1.20 3.11 -34.72
C PRO B 228 1.44 3.69 -36.11
N ASP B 229 1.15 2.90 -37.16
CA ASP B 229 1.18 3.35 -38.55
C ASP B 229 -0.02 4.27 -38.86
N HIS B 230 0.17 5.23 -39.74
CA HIS B 230 -0.89 6.20 -40.04
C HIS B 230 -1.82 5.75 -41.19
N ALA B 231 -1.35 4.82 -42.02
CA ALA B 231 -2.09 4.43 -43.24
C ALA B 231 -3.41 3.69 -42.99
N THR B 232 -3.52 3.02 -41.84
CA THR B 232 -4.71 2.21 -41.53
C THR B 232 -5.60 2.83 -40.45
N LEU B 233 -5.30 4.07 -40.06
CA LEU B 233 -5.97 4.72 -38.93
C LEU B 233 -7.35 5.28 -39.30
N LYS B 234 -7.47 5.86 -40.49
CA LYS B 234 -8.74 6.44 -40.97
C LYS B 234 -9.87 5.39 -41.05
N GLU B 235 -9.58 4.23 -41.64
CA GLU B 235 -10.55 3.15 -41.80
C GLU B 235 -10.98 2.57 -40.44
N THR B 236 -10.03 2.44 -39.53
CA THR B 236 -10.32 1.94 -38.21
C THR B 236 -11.21 2.91 -37.45
N GLU B 237 -10.89 4.20 -37.53
N GLU B 237 -10.85 4.16 -37.69
CA GLU B 237 -11.69 5.22 -36.85
CA GLU B 237 -11.50 5.30 -37.04
C GLU B 237 -13.12 5.29 -37.37
C GLU B 237 -12.97 5.41 -37.41
N ALA B 238 -13.28 5.20 -38.69
CA ALA B 238 -14.63 5.25 -39.31
C ALA B 238 -15.53 4.11 -38.88
N ARG B 239 -14.99 2.89 -38.87
CA ARG B 239 -15.81 1.76 -38.45
CA ARG B 239 -15.70 1.70 -38.42
C ARG B 239 -16.13 1.85 -36.96
N SER B 240 -15.18 2.30 -36.15
N SER B 240 -15.20 2.32 -36.13
CA SER B 240 -15.42 2.41 -34.72
CA SER B 240 -15.45 2.38 -34.70
C SER B 240 -16.62 3.30 -34.42
C SER B 240 -16.61 3.33 -34.37
N ILE B 241 -16.75 4.44 -35.09
CA ILE B 241 -17.85 5.37 -34.77
C ILE B 241 -19.18 4.89 -35.33
N LYS B 242 -19.17 4.16 -36.43
CA LYS B 242 -20.39 3.50 -36.90
CA LYS B 242 -20.38 3.50 -36.91
C LYS B 242 -20.89 2.53 -35.83
N VAL B 243 -19.97 1.75 -35.28
CA VAL B 243 -20.30 0.78 -34.26
C VAL B 243 -20.87 1.46 -33.02
N VAL B 244 -20.24 2.54 -32.54
CA VAL B 244 -20.70 3.10 -31.28
C VAL B 244 -22.11 3.71 -31.43
N VAL B 245 -22.41 4.27 -32.61
CA VAL B 245 -23.73 4.85 -32.82
C VAL B 245 -24.78 3.74 -32.85
N GLU B 246 -24.46 2.60 -33.47
CA GLU B 246 -25.39 1.48 -33.46
CA GLU B 246 -25.38 1.47 -33.47
C GLU B 246 -25.57 0.89 -32.06
N ALA B 247 -24.50 0.90 -31.25
CA ALA B 247 -24.62 0.47 -29.87
C ALA B 247 -25.55 1.42 -29.12
N ALA B 248 -25.43 2.71 -29.36
CA ALA B 248 -26.33 3.67 -28.75
C ALA B 248 -27.78 3.41 -29.14
N ARG B 249 -28.02 3.07 -30.40
CA ARG B 249 -29.38 2.76 -30.84
C ARG B 249 -29.94 1.59 -30.03
N LYS B 250 -29.13 0.58 -29.83
CA LYS B 250 -29.56 -0.58 -29.05
C LYS B 250 -29.85 -0.24 -27.58
N MET B 251 -29.15 0.75 -27.03
CA MET B 251 -29.41 1.18 -25.65
C MET B 251 -30.67 2.01 -25.48
N LEU B 252 -31.11 2.66 -26.54
CA LEU B 252 -32.27 3.55 -26.47
C LEU B 252 -33.56 2.78 -26.71
N LYS B 253 -33.46 1.51 -27.11
CA LYS B 253 -34.62 0.74 -27.59
C LYS B 253 -35.65 0.55 -26.48
N LYS C 3 -0.58 -38.35 -11.90
CA LYS C 3 -1.84 -38.88 -12.51
C LYS C 3 -3.07 -38.51 -11.70
N THR C 4 -2.95 -38.59 -10.38
CA THR C 4 -4.03 -38.21 -9.47
C THR C 4 -3.64 -36.92 -8.77
N VAL C 5 -4.49 -35.90 -8.89
CA VAL C 5 -4.21 -34.59 -8.29
C VAL C 5 -4.16 -34.67 -6.76
N PHE C 6 -3.48 -33.72 -6.15
CA PHE C 6 -3.04 -33.84 -4.77
C PHE C 6 -4.19 -33.87 -3.75
N HIS C 7 -5.18 -33.01 -3.93
CA HIS C 7 -6.27 -32.89 -2.97
C HIS C 7 -7.56 -33.57 -3.42
N LEU C 8 -7.93 -33.45 -4.70
CA LEU C 8 -9.24 -33.91 -5.13
C LEU C 8 -9.40 -35.42 -5.28
N GLY C 9 -8.31 -36.16 -5.40
CA GLY C 9 -8.39 -37.61 -5.39
C GLY C 9 -8.98 -38.24 -6.65
N VAL C 10 -8.94 -37.50 -7.76
CA VAL C 10 -9.45 -37.98 -9.04
C VAL C 10 -8.37 -37.88 -10.11
N THR C 11 -8.58 -38.64 -11.18
CA THR C 11 -7.68 -38.66 -12.33
C THR C 11 -8.38 -38.03 -13.52
N GLU C 12 -7.63 -37.76 -14.59
CA GLU C 12 -8.23 -37.22 -15.81
CA GLU C 12 -8.25 -37.23 -15.80
C GLU C 12 -9.25 -38.23 -16.36
N ALA C 13 -8.89 -39.50 -16.38
CA ALA C 13 -9.81 -40.54 -16.85
C ALA C 13 -11.13 -40.58 -16.10
N ASP C 14 -11.11 -40.29 -14.80
CA ASP C 14 -12.34 -40.26 -14.01
C ASP C 14 -13.36 -39.24 -14.52
N LEU C 15 -12.88 -38.17 -15.16
CA LEU C 15 -13.76 -37.10 -15.61
C LEU C 15 -14.42 -37.38 -16.95
N ASN C 16 -14.01 -38.46 -17.62
CA ASN C 16 -14.63 -38.89 -18.89
CA ASN C 16 -14.62 -38.90 -18.87
C ASN C 16 -14.76 -37.77 -19.90
N GLY C 17 -13.69 -36.99 -20.03
CA GLY C 17 -13.61 -35.92 -21.01
C GLY C 17 -14.26 -34.60 -20.62
N ALA C 18 -14.76 -34.46 -19.40
CA ALA C 18 -15.42 -33.24 -19.00
C ALA C 18 -14.50 -32.02 -19.12
N THR C 19 -15.03 -30.93 -19.67
CA THR C 19 -14.27 -29.68 -19.70
C THR C 19 -15.00 -28.55 -18.97
N LEU C 20 -16.12 -28.86 -18.35
CA LEU C 20 -16.93 -27.91 -17.59
C LEU C 20 -17.20 -28.50 -16.22
N ALA C 21 -17.07 -27.64 -15.22
CA ALA C 21 -17.39 -27.99 -13.83
C ALA C 21 -18.37 -27.00 -13.25
N ILE C 22 -19.32 -27.53 -12.49
CA ILE C 22 -20.15 -26.75 -11.59
C ILE C 22 -19.55 -26.88 -10.21
N ILE C 23 -19.32 -25.74 -9.55
CA ILE C 23 -18.53 -25.70 -8.31
C ILE C 23 -19.32 -25.01 -7.18
N PRO C 24 -20.18 -25.77 -6.49
CA PRO C 24 -20.85 -25.26 -5.30
C PRO C 24 -19.87 -25.24 -4.12
N GLY C 25 -20.24 -24.59 -3.03
CA GLY C 25 -19.37 -24.58 -1.86
C GLY C 25 -19.46 -25.78 -0.94
N ASP C 26 -20.68 -26.24 -0.72
CA ASP C 26 -20.97 -27.25 0.28
C ASP C 26 -20.84 -28.64 -0.32
N PRO C 27 -19.95 -29.48 0.24
CA PRO C 27 -19.86 -30.85 -0.29
C PRO C 27 -21.17 -31.62 -0.34
N ALA C 28 -22.09 -31.31 0.57
CA ALA C 28 -23.38 -31.98 0.59
C ALA C 28 -24.29 -31.61 -0.59
N ARG C 29 -24.02 -30.50 -1.27
CA ARG C 29 -24.84 -30.11 -2.42
C ARG C 29 -24.38 -30.68 -3.76
N VAL C 30 -23.24 -31.34 -3.77
CA VAL C 30 -22.69 -31.90 -4.98
C VAL C 30 -23.58 -32.98 -5.56
N GLN C 31 -23.98 -33.94 -4.73
CA GLN C 31 -24.86 -35.01 -5.21
C GLN C 31 -26.19 -34.43 -5.72
N LYS C 32 -26.71 -33.39 -5.05
CA LYS C 32 -27.99 -32.79 -5.47
C LYS C 32 -27.92 -32.20 -6.86
N ILE C 33 -26.83 -31.51 -7.15
CA ILE C 33 -26.64 -30.92 -8.46
C ILE C 33 -26.44 -32.04 -9.47
N ALA C 34 -25.59 -33.03 -9.14
CA ALA C 34 -25.33 -34.13 -10.06
C ALA C 34 -26.60 -34.86 -10.45
N GLU C 35 -27.53 -35.01 -9.51
CA GLU C 35 -28.78 -35.73 -9.74
C GLU C 35 -29.79 -34.95 -10.59
N LEU C 36 -29.57 -33.65 -10.80
CA LEU C 36 -30.37 -32.90 -11.78
CA LEU C 36 -30.35 -32.88 -11.78
C LEU C 36 -29.95 -33.25 -13.21
N MET C 37 -28.83 -33.94 -13.36
CA MET C 37 -28.32 -34.34 -14.67
C MET C 37 -28.45 -35.86 -14.84
N ASP C 38 -27.90 -36.39 -15.92
CA ASP C 38 -28.07 -37.80 -16.22
C ASP C 38 -26.89 -38.63 -15.75
N ASN C 39 -27.15 -39.86 -15.33
CA ASN C 39 -26.09 -40.80 -15.00
C ASN C 39 -25.06 -40.24 -14.01
N PRO C 40 -25.52 -39.71 -12.88
CA PRO C 40 -24.55 -39.20 -11.89
C PRO C 40 -23.71 -40.33 -11.29
N VAL C 41 -22.41 -40.06 -11.12
CA VAL C 41 -21.46 -41.02 -10.60
C VAL C 41 -20.61 -40.34 -9.53
N PHE C 42 -20.57 -40.92 -8.33
CA PHE C 42 -19.70 -40.46 -7.27
C PHE C 42 -18.26 -40.81 -7.60
N LEU C 43 -17.36 -39.83 -7.55
CA LEU C 43 -15.94 -40.07 -7.83
C LEU C 43 -15.05 -40.12 -6.59
N ALA C 44 -15.18 -39.15 -5.70
CA ALA C 44 -14.29 -39.08 -4.53
C ALA C 44 -14.81 -38.10 -3.51
N SER C 45 -14.44 -38.30 -2.26
CA SER C 45 -14.63 -37.30 -1.24
C SER C 45 -13.42 -37.27 -0.32
N HIS C 46 -12.83 -36.08 -0.16
CA HIS C 46 -11.74 -35.87 0.77
CA HIS C 46 -11.68 -35.86 0.70
C HIS C 46 -11.80 -34.44 1.25
N ARG C 47 -11.68 -34.23 2.56
CA ARG C 47 -11.77 -32.89 3.14
CA ARG C 47 -11.77 -32.89 3.14
C ARG C 47 -13.07 -32.23 2.64
N GLU C 48 -13.03 -30.98 2.22
CA GLU C 48 -14.23 -30.28 1.74
C GLU C 48 -14.55 -30.55 0.28
N TYR C 49 -13.83 -31.50 -0.34
CA TYR C 49 -13.94 -31.76 -1.77
C TYR C 49 -14.67 -33.06 -2.07
N THR C 50 -15.92 -32.92 -2.46
CA THR C 50 -16.71 -34.04 -2.97
C THR C 50 -16.87 -33.83 -4.46
N VAL C 51 -16.60 -34.89 -5.22
CA VAL C 51 -16.51 -34.83 -6.69
C VAL C 51 -17.43 -35.89 -7.28
N TYR C 52 -18.32 -35.44 -8.18
CA TYR C 52 -19.18 -36.30 -8.98
C TYR C 52 -18.95 -35.97 -10.44
N ARG C 53 -19.32 -36.91 -11.30
CA ARG C 53 -19.47 -36.68 -12.74
CA ARG C 53 -19.52 -36.57 -12.71
C ARG C 53 -20.95 -36.92 -13.08
N ALA C 54 -21.43 -36.29 -14.14
CA ALA C 54 -22.75 -36.59 -14.68
C ALA C 54 -22.72 -36.26 -16.16
N GLU C 55 -23.85 -36.46 -16.83
N GLU C 55 -23.85 -36.51 -16.84
CA GLU C 55 -23.95 -36.14 -18.24
CA GLU C 55 -23.99 -36.23 -18.26
C GLU C 55 -25.09 -35.19 -18.46
C GLU C 55 -25.09 -35.19 -18.46
N LEU C 56 -24.82 -34.22 -19.32
CA LEU C 56 -25.75 -33.16 -19.62
C LEU C 56 -25.83 -33.07 -21.12
N ASP C 57 -27.00 -33.34 -21.70
CA ASP C 57 -27.12 -33.40 -23.15
C ASP C 57 -26.02 -34.29 -23.77
N GLY C 58 -25.74 -35.41 -23.11
CA GLY C 58 -24.75 -36.37 -23.61
C GLY C 58 -23.29 -36.04 -23.37
N GLN C 59 -23.01 -34.90 -22.74
CA GLN C 59 -21.64 -34.47 -22.49
C GLN C 59 -21.30 -34.61 -21.01
N SER C 60 -20.09 -35.07 -20.72
CA SER C 60 -19.65 -35.21 -19.34
CA SER C 60 -19.66 -35.21 -19.33
C SER C 60 -19.44 -33.84 -18.69
N VAL C 61 -19.94 -33.70 -17.46
CA VAL C 61 -19.81 -32.51 -16.61
CA VAL C 61 -19.66 -32.52 -16.66
C VAL C 61 -19.31 -32.98 -15.25
N VAL C 62 -18.46 -32.17 -14.62
N VAL C 62 -18.46 -32.20 -14.58
CA VAL C 62 -18.04 -32.40 -13.25
CA VAL C 62 -18.02 -32.53 -13.23
C VAL C 62 -18.83 -31.54 -12.30
C VAL C 62 -18.65 -31.54 -12.25
N VAL C 63 -19.07 -32.07 -11.10
CA VAL C 63 -19.56 -31.24 -10.00
C VAL C 63 -18.58 -31.43 -8.86
N CYS C 64 -18.05 -30.34 -8.34
CA CYS C 64 -16.99 -30.43 -7.33
C CYS C 64 -17.19 -29.32 -6.30
N SER C 65 -17.27 -29.67 -5.04
CA SER C 65 -17.38 -28.63 -4.00
C SER C 65 -16.04 -27.92 -3.81
N THR C 66 -16.13 -26.69 -3.29
CA THR C 66 -14.97 -25.82 -3.10
C THR C 66 -14.60 -25.62 -1.63
N GLY C 67 -15.53 -25.87 -0.71
CA GLY C 67 -15.41 -25.33 0.63
C GLY C 67 -15.69 -23.82 0.64
N ILE C 68 -15.60 -23.24 1.83
CA ILE C 68 -15.74 -21.81 2.01
C ILE C 68 -14.40 -21.11 1.80
N GLY C 69 -14.43 -20.08 0.96
CA GLY C 69 -13.32 -19.18 0.82
C GLY C 69 -12.45 -19.39 -0.39
N GLY C 70 -11.75 -18.34 -0.74
CA GLY C 70 -10.81 -18.38 -1.85
C GLY C 70 -9.72 -19.42 -1.76
N PRO C 71 -9.10 -19.63 -0.60
CA PRO C 71 -8.00 -20.61 -0.57
C PRO C 71 -8.43 -22.01 -0.96
N SER C 72 -9.49 -22.52 -0.38
CA SER C 72 -9.90 -23.88 -0.74
CA SER C 72 -10.03 -23.84 -0.68
C SER C 72 -10.47 -23.93 -2.16
N THR C 73 -11.12 -22.86 -2.60
CA THR C 73 -11.59 -22.77 -3.98
C THR C 73 -10.42 -22.83 -4.97
N SER C 74 -9.34 -22.12 -4.67
CA SER C 74 -8.21 -22.04 -5.58
C SER C 74 -7.58 -23.41 -5.83
N ILE C 75 -7.57 -24.26 -4.82
CA ILE C 75 -7.04 -25.62 -4.95
C ILE C 75 -7.92 -26.41 -5.91
N ALA C 76 -9.23 -26.37 -5.70
CA ALA C 76 -10.14 -27.15 -6.56
C ALA C 76 -10.05 -26.71 -8.02
N VAL C 77 -10.02 -25.41 -8.26
CA VAL C 77 -9.98 -24.92 -9.63
C VAL C 77 -8.67 -25.32 -10.30
N GLU C 78 -7.54 -25.15 -9.60
CA GLU C 78 -6.27 -25.53 -10.15
C GLU C 78 -6.24 -27.01 -10.51
N GLU C 79 -6.67 -27.86 -9.59
CA GLU C 79 -6.54 -29.30 -9.82
C GLU C 79 -7.52 -29.78 -10.90
N LEU C 80 -8.72 -29.20 -10.96
CA LEU C 80 -9.61 -29.50 -12.09
C LEU C 80 -9.02 -29.03 -13.42
N ALA C 81 -8.39 -27.87 -13.43
CA ALA C 81 -7.76 -27.39 -14.66
C ALA C 81 -6.62 -28.33 -15.10
N GLN C 82 -5.86 -28.86 -14.15
CA GLN C 82 -4.82 -29.83 -14.48
C GLN C 82 -5.41 -31.05 -15.18
N LEU C 83 -6.66 -31.37 -14.90
CA LEU C 83 -7.35 -32.52 -15.47
C LEU C 83 -8.22 -32.19 -16.67
N GLY C 84 -8.08 -30.99 -17.20
CA GLY C 84 -8.69 -30.62 -18.46
C GLY C 84 -9.92 -29.73 -18.37
N VAL C 85 -10.34 -29.35 -17.18
CA VAL C 85 -11.51 -28.48 -17.05
C VAL C 85 -11.13 -27.05 -17.40
N ARG C 86 -11.96 -26.39 -18.20
CA ARG C 86 -11.69 -25.04 -18.68
C ARG C 86 -12.78 -24.03 -18.35
N THR C 87 -13.97 -24.49 -17.98
CA THR C 87 -15.09 -23.63 -17.67
C THR C 87 -15.63 -23.98 -16.30
N PHE C 88 -15.84 -22.96 -15.48
CA PHE C 88 -16.20 -23.12 -14.06
C PHE C 88 -17.43 -22.28 -13.76
N LEU C 89 -18.52 -22.93 -13.35
CA LEU C 89 -19.76 -22.22 -13.01
CA LEU C 89 -19.75 -22.22 -13.03
C LEU C 89 -19.97 -22.32 -11.52
N ARG C 90 -19.96 -21.19 -10.83
CA ARG C 90 -20.07 -21.14 -9.40
C ARG C 90 -21.49 -20.77 -9.01
N VAL C 91 -22.05 -21.59 -8.12
CA VAL C 91 -23.38 -21.33 -7.53
C VAL C 91 -23.21 -21.27 -6.01
N GLY C 92 -23.96 -20.39 -5.37
CA GLY C 92 -23.96 -20.32 -3.92
C GLY C 92 -25.03 -19.39 -3.43
N THR C 93 -24.98 -19.10 -2.13
CA THR C 93 -25.89 -18.17 -1.48
C THR C 93 -25.19 -16.84 -1.23
N THR C 94 -26.00 -15.82 -0.92
CA THR C 94 -25.44 -14.49 -0.77
C THR C 94 -26.35 -13.62 0.08
N GLY C 95 -25.77 -12.55 0.62
CA GLY C 95 -26.51 -11.54 1.36
C GLY C 95 -26.58 -10.28 0.51
N ALA C 96 -27.79 -9.80 0.26
CA ALA C 96 -27.98 -8.59 -0.50
C ALA C 96 -27.76 -7.38 0.39
N ILE C 97 -27.22 -6.33 -0.17
CA ILE C 97 -27.07 -5.10 0.59
CA ILE C 97 -27.07 -5.12 0.60
C ILE C 97 -27.88 -3.94 0.04
N GLN C 98 -28.57 -4.12 -1.09
CA GLN C 98 -29.44 -3.09 -1.64
C GLN C 98 -30.85 -3.35 -1.18
N PRO C 99 -31.59 -2.29 -0.80
CA PRO C 99 -32.93 -2.51 -0.24
C PRO C 99 -33.89 -3.18 -1.18
N HIS C 100 -33.74 -2.99 -2.49
CA HIS C 100 -34.72 -3.49 -3.46
C HIS C 100 -34.53 -4.95 -3.82
N VAL C 101 -33.42 -5.56 -3.42
CA VAL C 101 -33.13 -6.95 -3.74
C VAL C 101 -33.69 -7.85 -2.65
N ASN C 102 -34.52 -8.80 -3.05
CA ASN C 102 -35.25 -9.61 -2.08
C ASN C 102 -34.70 -11.01 -1.92
N VAL C 103 -34.99 -11.61 -0.78
CA VAL C 103 -34.71 -13.02 -0.57
C VAL C 103 -35.37 -13.82 -1.69
N GLY C 104 -34.61 -14.73 -2.28
CA GLY C 104 -35.05 -15.55 -3.39
C GLY C 104 -34.67 -15.00 -4.75
N ASP C 105 -34.28 -13.74 -4.82
CA ASP C 105 -33.76 -13.20 -6.07
C ASP C 105 -32.42 -13.87 -6.42
N MET C 106 -32.03 -13.73 -7.68
CA MET C 106 -30.78 -14.26 -8.17
CA MET C 106 -30.77 -14.26 -8.20
C MET C 106 -29.87 -13.13 -8.65
N ILE C 107 -28.60 -13.25 -8.30
CA ILE C 107 -27.61 -12.26 -8.69
C ILE C 107 -26.59 -12.93 -9.59
N VAL C 108 -26.28 -12.29 -10.73
CA VAL C 108 -25.17 -12.72 -11.58
C VAL C 108 -24.11 -11.63 -11.50
N THR C 109 -22.92 -12.00 -11.03
CA THR C 109 -21.85 -11.04 -10.76
C THR C 109 -21.23 -10.57 -12.06
N THR C 110 -21.14 -9.26 -12.26
CA THR C 110 -20.42 -8.67 -13.38
C THR C 110 -18.98 -8.30 -13.04
N GLY C 111 -18.66 -8.24 -11.75
CA GLY C 111 -17.33 -7.93 -11.27
C GLY C 111 -17.37 -8.01 -9.75
N SER C 112 -16.23 -8.33 -9.14
CA SER C 112 -16.17 -8.42 -7.70
C SER C 112 -15.20 -7.43 -7.08
N VAL C 113 -15.63 -6.86 -5.95
CA VAL C 113 -14.74 -6.12 -5.06
C VAL C 113 -13.85 -7.16 -4.36
N ARG C 114 -12.53 -7.00 -4.53
CA ARG C 114 -11.55 -8.00 -4.07
C ARG C 114 -11.18 -7.77 -2.61
N LEU C 115 -12.07 -8.23 -1.71
CA LEU C 115 -11.86 -8.16 -0.26
C LEU C 115 -11.32 -9.47 0.28
N ASP C 116 -10.57 -10.17 -0.57
N ASP C 116 -10.52 -10.12 -0.57
CA ASP C 116 -10.01 -11.49 -0.30
CA ASP C 116 -9.92 -11.42 -0.36
C ASP C 116 -8.50 -11.35 -0.09
C ASP C 116 -8.40 -11.33 -0.46
N GLY C 117 -7.77 -12.44 -0.19
CA GLY C 117 -6.32 -12.52 -0.30
C GLY C 117 -5.85 -13.35 -1.47
N ALA C 118 -6.57 -14.42 -1.81
CA ALA C 118 -6.04 -15.35 -2.80
C ALA C 118 -6.01 -14.74 -4.18
N SER C 119 -6.89 -13.79 -4.49
CA SER C 119 -6.84 -13.17 -5.79
C SER C 119 -5.47 -12.57 -6.09
N LEU C 120 -4.82 -12.01 -5.06
CA LEU C 120 -3.49 -11.42 -5.18
C LEU C 120 -2.38 -12.41 -5.47
N HIS C 121 -2.69 -13.70 -5.29
CA HIS C 121 -1.73 -14.75 -5.65
C HIS C 121 -1.75 -15.06 -7.13
N PHE C 122 -2.68 -14.43 -7.87
CA PHE C 122 -2.82 -14.59 -9.32
C PHE C 122 -2.60 -13.30 -10.11
N ALA C 123 -3.02 -12.17 -9.55
CA ALA C 123 -2.90 -10.91 -10.26
C ALA C 123 -2.84 -9.79 -9.24
N PRO C 124 -2.12 -8.70 -9.53
CA PRO C 124 -2.08 -7.57 -8.59
C PRO C 124 -3.48 -6.93 -8.49
N MET C 125 -3.68 -6.13 -7.45
CA MET C 125 -5.00 -5.62 -7.11
C MET C 125 -5.66 -4.83 -8.24
N GLU C 126 -4.87 -4.18 -9.09
CA GLU C 126 -5.38 -3.38 -10.20
CA GLU C 126 -5.47 -3.38 -10.14
C GLU C 126 -6.20 -4.22 -11.19
N PHE C 127 -5.94 -5.53 -11.25
CA PHE C 127 -6.58 -6.40 -12.23
C PHE C 127 -8.04 -6.63 -11.84
N PRO C 128 -8.97 -6.61 -12.80
CA PRO C 128 -10.38 -6.73 -12.46
C PRO C 128 -10.82 -8.16 -12.19
N ALA C 129 -11.57 -8.37 -11.11
CA ALA C 129 -12.18 -9.66 -10.82
C ALA C 129 -13.47 -9.77 -11.63
N VAL C 130 -13.33 -10.16 -12.90
CA VAL C 130 -14.50 -10.15 -13.79
CA VAL C 130 -14.35 -10.10 -13.91
C VAL C 130 -14.71 -11.51 -14.40
N PRO C 131 -15.99 -11.84 -14.63
CA PRO C 131 -16.32 -13.12 -15.22
C PRO C 131 -16.01 -13.15 -16.71
N ASP C 132 -15.92 -14.36 -17.25
CA ASP C 132 -15.96 -14.57 -18.69
C ASP C 132 -17.33 -14.09 -19.21
N PHE C 133 -17.31 -13.34 -20.30
CA PHE C 133 -18.53 -12.74 -20.83
C PHE C 133 -19.54 -13.81 -21.28
N ASP C 134 -19.07 -14.88 -21.90
CA ASP C 134 -19.96 -15.94 -22.30
C ASP C 134 -20.62 -16.61 -21.11
N VAL C 135 -19.87 -16.88 -20.05
CA VAL C 135 -20.47 -17.48 -18.87
C VAL C 135 -21.49 -16.54 -18.23
N ALA C 136 -21.13 -15.26 -18.09
CA ALA C 136 -22.08 -14.32 -17.51
C ALA C 136 -23.35 -14.23 -18.34
N THR C 137 -23.20 -14.23 -19.66
CA THR C 137 -24.32 -14.19 -20.59
C THR C 137 -25.21 -15.43 -20.39
N ALA C 138 -24.61 -16.60 -20.31
CA ALA C 138 -25.36 -17.84 -20.07
C ALA C 138 -26.08 -17.87 -18.73
N MET C 139 -25.40 -17.36 -17.70
CA MET C 139 -26.02 -17.32 -16.39
CA MET C 139 -25.98 -17.28 -16.36
C MET C 139 -27.20 -16.37 -16.35
N LYS C 140 -27.06 -15.18 -16.97
CA LYS C 140 -28.18 -14.25 -17.03
CA LYS C 140 -28.16 -14.24 -17.07
C LYS C 140 -29.35 -14.89 -17.77
N ALA C 141 -29.09 -15.51 -18.91
CA ALA C 141 -30.15 -16.13 -19.70
C ALA C 141 -30.83 -17.25 -18.92
N ALA C 142 -30.06 -18.12 -18.29
CA ALA C 142 -30.65 -19.22 -17.52
C ALA C 142 -31.49 -18.68 -16.36
N ALA C 143 -30.96 -17.69 -15.65
CA ALA C 143 -31.67 -17.13 -14.52
C ALA C 143 -32.96 -16.48 -14.98
N GLN C 144 -32.89 -15.67 -16.03
CA GLN C 144 -34.10 -14.99 -16.49
C GLN C 144 -35.13 -15.98 -17.06
N GLU C 145 -34.69 -16.97 -17.82
CA GLU C 145 -35.60 -17.95 -18.40
C GLU C 145 -36.30 -18.75 -17.33
N SER C 146 -35.68 -18.88 -16.15
CA SER C 146 -36.31 -19.65 -15.09
C SER C 146 -37.52 -18.96 -14.50
N GLY C 147 -37.67 -17.66 -14.76
CA GLY C 147 -38.73 -16.87 -14.16
C GLY C 147 -38.31 -16.13 -12.89
N ALA C 148 -37.07 -16.30 -12.47
CA ALA C 148 -36.53 -15.61 -11.30
C ALA C 148 -36.43 -14.11 -11.53
N THR C 149 -36.36 -13.39 -10.42
CA THR C 149 -36.00 -11.97 -10.44
C THR C 149 -34.47 -11.92 -10.37
N VAL C 150 -33.87 -11.30 -11.39
CA VAL C 150 -32.42 -11.37 -11.63
C VAL C 150 -31.80 -9.98 -11.62
N HIS C 151 -30.67 -9.85 -10.92
CA HIS C 151 -29.89 -8.63 -10.89
C HIS C 151 -28.48 -8.90 -11.38
N MET C 152 -27.97 -8.03 -12.26
CA MET C 152 -26.60 -8.06 -12.75
CA MET C 152 -26.60 -8.10 -12.69
C MET C 152 -25.87 -6.95 -12.04
N GLY C 153 -24.69 -7.22 -11.49
CA GLY C 153 -23.91 -6.14 -10.90
C GLY C 153 -22.75 -6.60 -10.07
N VAL C 154 -22.22 -5.65 -9.32
CA VAL C 154 -20.98 -5.83 -8.58
C VAL C 154 -21.26 -6.54 -7.26
N THR C 155 -20.37 -7.47 -6.90
CA THR C 155 -20.44 -8.25 -5.69
C THR C 155 -19.22 -7.94 -4.83
N ALA C 156 -19.40 -7.75 -3.53
CA ALA C 156 -18.28 -7.61 -2.58
C ALA C 156 -17.91 -8.99 -2.07
N SER C 157 -16.66 -9.40 -2.33
CA SER C 157 -16.24 -10.76 -2.05
C SER C 157 -15.20 -10.76 -0.93
N SER C 158 -15.61 -11.24 0.23
CA SER C 158 -14.88 -11.11 1.47
C SER C 158 -14.27 -12.41 1.96
N ASP C 159 -13.03 -12.30 2.47
CA ASP C 159 -12.38 -13.42 3.13
C ASP C 159 -12.95 -13.78 4.49
N THR C 160 -13.90 -13.00 5.02
CA THR C 160 -14.60 -13.35 6.25
C THR C 160 -16.11 -13.22 6.07
N PHE C 161 -16.82 -13.99 6.89
CA PHE C 161 -18.29 -13.86 6.95
C PHE C 161 -18.69 -12.73 7.90
N TYR C 162 -17.85 -12.49 8.91
CA TYR C 162 -18.20 -11.59 10.01
C TYR C 162 -17.67 -10.16 9.79
N PRO C 163 -16.40 -9.83 10.16
CA PRO C 163 -16.02 -8.41 10.08
C PRO C 163 -15.97 -7.85 8.65
N GLY C 164 -15.55 -8.66 7.68
CA GLY C 164 -15.46 -8.19 6.30
C GLY C 164 -16.82 -7.98 5.63
N GLN C 165 -17.89 -8.48 6.26
CA GLN C 165 -19.25 -8.17 5.83
C GLN C 165 -19.91 -7.23 6.84
N GLU C 166 -19.08 -6.58 7.66
CA GLU C 166 -19.47 -5.60 8.68
C GLU C 166 -20.62 -6.10 9.56
N ARG C 167 -20.48 -7.32 10.05
CA ARG C 167 -21.38 -7.86 11.07
C ARG C 167 -20.83 -7.51 12.45
N TYR C 168 -21.73 -7.08 13.34
CA TYR C 168 -21.42 -6.70 14.71
C TYR C 168 -21.95 -7.64 15.78
N ASP C 169 -22.86 -8.57 15.43
CA ASP C 169 -23.40 -9.48 16.45
C ASP C 169 -22.44 -10.66 16.58
N THR C 170 -21.28 -10.37 17.17
CA THR C 170 -20.13 -11.25 17.18
C THR C 170 -19.53 -11.28 18.58
N PHE C 171 -18.54 -12.15 18.75
CA PHE C 171 -17.86 -12.25 20.03
C PHE C 171 -17.24 -10.93 20.47
N THR C 172 -16.49 -10.27 19.60
CA THR C 172 -15.88 -9.00 20.01
C THR C 172 -16.84 -7.82 19.84
N GLY C 173 -17.78 -7.91 18.90
CA GLY C 173 -18.63 -6.79 18.59
C GLY C 173 -17.90 -5.61 17.97
N ARG C 174 -16.72 -5.89 17.41
CA ARG C 174 -15.82 -4.90 16.83
CA ARG C 174 -15.83 -4.89 16.80
CA ARG C 174 -15.85 -4.88 16.79
C ARG C 174 -15.55 -5.25 15.36
N VAL C 175 -15.28 -4.21 14.54
CA VAL C 175 -14.86 -4.38 13.17
C VAL C 175 -13.63 -3.49 12.98
N VAL C 176 -12.56 -4.04 12.41
CA VAL C 176 -11.32 -3.29 12.16
C VAL C 176 -11.60 -2.06 11.31
N ARG C 177 -10.76 -1.04 11.47
CA ARG C 177 -10.94 0.25 10.81
CA ARG C 177 -10.92 0.23 10.83
C ARG C 177 -11.26 0.12 9.34
N ARG C 178 -10.51 -0.71 8.61
CA ARG C 178 -10.72 -0.91 7.18
C ARG C 178 -12.19 -1.15 6.82
N PHE C 179 -12.86 -1.94 7.64
CA PHE C 179 -14.21 -2.38 7.34
C PHE C 179 -15.31 -1.60 8.07
N GLN C 180 -14.96 -0.70 8.97
CA GLN C 180 -15.96 0.15 9.60
C GLN C 180 -16.60 1.04 8.56
N GLY C 181 -17.93 1.06 8.52
CA GLY C 181 -18.65 1.84 7.55
C GLY C 181 -18.65 1.27 6.14
N SER C 182 -18.04 0.10 5.97
CA SER C 182 -17.90 -0.44 4.62
C SER C 182 -19.20 -0.86 3.99
N MET C 183 -20.13 -1.43 4.74
CA MET C 183 -21.37 -1.85 4.12
CA MET C 183 -21.43 -1.82 4.21
C MET C 183 -22.10 -0.65 3.49
N LYS C 184 -22.17 0.49 4.22
CA LYS C 184 -22.82 1.67 3.68
CA LYS C 184 -22.82 1.66 3.68
C LYS C 184 -22.05 2.19 2.46
N GLU C 185 -20.72 2.13 2.52
CA GLU C 185 -19.90 2.56 1.39
CA GLU C 185 -19.93 2.56 1.40
C GLU C 185 -20.23 1.73 0.14
N TRP C 186 -20.23 0.41 0.28
CA TRP C 186 -20.55 -0.43 -0.86
C TRP C 186 -21.98 -0.19 -1.33
N GLN C 187 -22.91 -0.02 -0.39
CA GLN C 187 -24.29 0.27 -0.78
CA GLN C 187 -24.29 0.28 -0.77
C GLN C 187 -24.38 1.54 -1.62
N ASP C 188 -23.71 2.60 -1.17
CA ASP C 188 -23.69 3.85 -1.89
C ASP C 188 -23.09 3.71 -3.28
N MET C 189 -22.10 2.81 -3.42
CA MET C 189 -21.47 2.53 -4.69
C MET C 189 -22.25 1.56 -5.59
N GLY C 190 -23.44 1.13 -5.15
CA GLY C 190 -24.27 0.28 -5.98
C GLY C 190 -23.97 -1.20 -5.94
N VAL C 191 -23.11 -1.63 -5.03
CA VAL C 191 -22.77 -3.03 -4.90
C VAL C 191 -23.99 -3.80 -4.45
N LEU C 192 -24.24 -4.97 -5.03
CA LEU C 192 -25.48 -5.71 -4.78
C LEU C 192 -25.45 -6.58 -3.56
N ASN C 193 -24.31 -7.20 -3.26
CA ASN C 193 -24.31 -8.36 -2.39
C ASN C 193 -22.91 -8.68 -1.86
N PHE C 194 -22.88 -9.48 -0.80
CA PHE C 194 -21.69 -10.07 -0.21
C PHE C 194 -21.66 -11.58 -0.42
N GLU C 195 -20.49 -12.12 -0.74
CA GLU C 195 -20.21 -13.55 -0.64
C GLU C 195 -18.70 -13.71 -0.41
N MET C 196 -18.16 -14.92 -0.56
CA MET C 196 -16.80 -15.18 -0.06
C MET C 196 -15.85 -15.86 -1.05
N GLU C 197 -16.23 -16.11 -2.30
CA GLU C 197 -15.35 -16.85 -3.23
C GLU C 197 -15.16 -16.19 -4.58
N SER C 198 -16.05 -15.31 -4.99
CA SER C 198 -16.01 -14.81 -6.36
CA SER C 198 -16.04 -14.75 -6.34
C SER C 198 -14.75 -14.03 -6.71
N ALA C 199 -14.22 -13.21 -5.81
CA ALA C 199 -13.01 -12.46 -6.16
C ALA C 199 -11.87 -13.41 -6.50
N THR C 200 -11.68 -14.43 -5.69
CA THR C 200 -10.62 -15.38 -5.96
C THR C 200 -10.89 -16.11 -7.27
N LEU C 201 -12.10 -16.66 -7.41
CA LEU C 201 -12.43 -17.47 -8.59
C LEU C 201 -12.26 -16.66 -9.85
N LEU C 202 -12.87 -15.48 -9.89
CA LEU C 202 -12.88 -14.71 -11.12
C LEU C 202 -11.50 -14.19 -11.46
N THR C 203 -10.74 -13.73 -10.48
CA THR C 203 -9.39 -13.24 -10.77
C THR C 203 -8.49 -14.36 -11.24
N MET C 204 -8.52 -15.49 -10.53
CA MET C 204 -7.72 -16.66 -10.90
CA MET C 204 -7.66 -16.61 -10.93
C MET C 204 -8.01 -17.05 -12.34
N CYS C 205 -9.29 -17.19 -12.66
CA CYS C 205 -9.64 -17.71 -13.98
C CYS C 205 -9.36 -16.70 -15.09
N ALA C 206 -9.69 -15.43 -14.88
CA ALA C 206 -9.52 -14.40 -15.89
C ALA C 206 -8.06 -14.15 -16.22
N SER C 207 -7.15 -14.50 -15.30
CA SER C 207 -5.72 -14.32 -15.48
C SER C 207 -5.00 -15.62 -15.85
N SER C 208 -5.76 -16.71 -16.02
CA SER C 208 -5.19 -18.05 -16.24
C SER C 208 -5.80 -18.77 -17.45
N GLY C 209 -6.55 -18.09 -18.30
CA GLY C 209 -7.11 -18.72 -19.49
C GLY C 209 -8.22 -19.70 -19.21
N LEU C 210 -8.97 -19.46 -18.14
CA LEU C 210 -10.12 -20.28 -17.76
C LEU C 210 -11.36 -19.42 -17.79
N LYS C 211 -12.51 -20.00 -18.13
CA LYS C 211 -13.78 -19.26 -18.19
CA LYS C 211 -13.77 -19.25 -18.19
C LYS C 211 -14.56 -19.49 -16.91
N ALA C 212 -14.96 -18.42 -16.24
CA ALA C 212 -15.69 -18.55 -14.99
C ALA C 212 -16.80 -17.53 -14.87
N GLY C 213 -17.79 -17.86 -14.06
CA GLY C 213 -18.84 -16.93 -13.66
C GLY C 213 -19.49 -17.41 -12.42
N CYS C 214 -20.30 -16.52 -11.81
CA CYS C 214 -20.97 -16.74 -10.53
CA CYS C 214 -20.94 -16.76 -10.51
C CYS C 214 -22.40 -16.33 -10.55
N VAL C 215 -23.28 -17.22 -10.09
CA VAL C 215 -24.70 -16.92 -9.83
C VAL C 215 -24.99 -17.29 -8.36
N ALA C 216 -25.79 -16.46 -7.70
CA ALA C 216 -26.07 -16.67 -6.27
C ALA C 216 -27.52 -16.37 -5.95
N GLY C 217 -28.07 -17.16 -5.05
CA GLY C 217 -29.41 -16.93 -4.53
C GLY C 217 -29.36 -16.13 -3.24
N VAL C 218 -30.19 -15.11 -3.14
CA VAL C 218 -30.21 -14.21 -2.00
C VAL C 218 -30.93 -14.88 -0.83
N ILE C 219 -30.25 -15.03 0.30
CA ILE C 219 -30.84 -15.64 1.48
C ILE C 219 -31.09 -14.67 2.62
N ILE C 220 -30.62 -13.45 2.48
CA ILE C 220 -30.81 -12.41 3.50
C ILE C 220 -30.65 -11.06 2.82
N ASN C 221 -31.39 -10.08 3.31
CA ASN C 221 -31.16 -8.70 2.96
C ASN C 221 -30.58 -8.00 4.18
N ARG C 222 -29.33 -7.55 4.07
CA ARG C 222 -28.59 -6.97 5.17
C ARG C 222 -29.08 -5.59 5.60
N THR C 223 -30.02 -4.98 4.87
CA THR C 223 -30.68 -3.82 5.38
C THR C 223 -31.71 -4.21 6.45
N GLN C 224 -32.05 -5.49 6.54
CA GLN C 224 -33.08 -5.98 7.45
C GLN C 224 -32.51 -6.56 8.75
N LYS C 225 -31.43 -7.34 8.65
CA LYS C 225 -30.87 -8.09 9.78
CA LYS C 225 -30.84 -8.03 9.79
C LYS C 225 -29.50 -8.65 9.38
N GLU C 226 -28.80 -9.23 10.36
CA GLU C 226 -27.49 -9.83 10.12
C GLU C 226 -27.49 -11.33 9.86
N ILE C 227 -28.33 -12.11 10.52
CA ILE C 227 -28.29 -13.60 10.53
CA ILE C 227 -28.23 -13.56 10.39
C ILE C 227 -29.39 -14.10 9.60
N PRO C 228 -29.08 -14.92 8.56
CA PRO C 228 -30.16 -15.38 7.66
C PRO C 228 -31.21 -16.25 8.33
N ASP C 229 -32.47 -16.06 7.92
CA ASP C 229 -33.59 -16.89 8.34
C ASP C 229 -33.54 -18.26 7.66
N HIS C 230 -33.83 -19.31 8.42
CA HIS C 230 -33.76 -20.69 7.91
CA HIS C 230 -33.76 -20.67 7.88
C HIS C 230 -34.93 -21.06 7.00
N ALA C 231 -36.10 -20.48 7.26
CA ALA C 231 -37.33 -20.85 6.54
C ALA C 231 -37.22 -20.79 5.01
N THR C 232 -36.43 -19.85 4.51
CA THR C 232 -36.32 -19.60 3.07
C THR C 232 -35.03 -20.15 2.42
N LEU C 233 -34.21 -20.85 3.21
CA LEU C 233 -32.92 -21.35 2.70
C LEU C 233 -33.12 -22.43 1.62
N LYS C 234 -33.94 -23.44 1.92
CA LYS C 234 -34.14 -24.59 1.03
C LYS C 234 -34.66 -24.22 -0.36
N GLU C 235 -35.73 -23.43 -0.44
CA GLU C 235 -36.30 -23.01 -1.73
CA GLU C 235 -36.27 -23.08 -1.75
C GLU C 235 -35.29 -22.22 -2.58
N THR C 236 -34.60 -21.28 -1.94
CA THR C 236 -33.63 -20.44 -2.63
C THR C 236 -32.50 -21.30 -3.20
N GLU C 237 -32.02 -22.24 -2.39
CA GLU C 237 -30.94 -23.13 -2.81
CA GLU C 237 -30.93 -23.13 -2.80
C GLU C 237 -31.38 -24.01 -3.97
N ALA C 238 -32.58 -24.56 -3.89
CA ALA C 238 -33.13 -25.40 -4.97
C ALA C 238 -33.24 -24.66 -6.32
N ARG C 239 -33.69 -23.42 -6.26
CA ARG C 239 -33.85 -22.67 -7.48
CA ARG C 239 -33.83 -22.58 -7.44
C ARG C 239 -32.48 -22.29 -8.07
N SER C 240 -31.52 -21.98 -7.21
CA SER C 240 -30.18 -21.61 -7.65
CA SER C 240 -30.19 -21.60 -7.68
C SER C 240 -29.51 -22.75 -8.43
N ILE C 241 -29.65 -23.98 -7.94
CA ILE C 241 -28.99 -25.09 -8.62
C ILE C 241 -29.68 -25.46 -9.94
N LYS C 242 -30.99 -25.30 -10.01
CA LYS C 242 -31.62 -25.49 -11.32
C LYS C 242 -31.10 -24.47 -12.34
N VAL C 243 -30.94 -23.23 -11.91
CA VAL C 243 -30.40 -22.20 -12.79
C VAL C 243 -28.98 -22.53 -13.26
N VAL C 244 -28.10 -22.95 -12.34
CA VAL C 244 -26.72 -23.18 -12.76
C VAL C 244 -26.61 -24.36 -13.73
N VAL C 245 -27.44 -25.38 -13.57
CA VAL C 245 -27.45 -26.49 -14.51
C VAL C 245 -27.89 -26.03 -15.91
N GLU C 246 -28.92 -25.19 -15.97
CA GLU C 246 -29.35 -24.62 -17.27
CA GLU C 246 -29.31 -24.67 -17.25
C GLU C 246 -28.25 -23.75 -17.86
N ALA C 247 -27.53 -23.00 -17.03
CA ALA C 247 -26.42 -22.20 -17.54
C ALA C 247 -25.33 -23.11 -18.11
N ALA C 248 -25.06 -24.24 -17.46
CA ALA C 248 -24.10 -25.22 -17.99
C ALA C 248 -24.57 -25.72 -19.36
N ARG C 249 -25.85 -26.02 -19.49
CA ARG C 249 -26.38 -26.46 -20.77
CA ARG C 249 -26.39 -26.47 -20.77
CA ARG C 249 -26.40 -26.46 -20.77
C ARG C 249 -26.08 -25.45 -21.86
N LYS C 250 -26.23 -24.16 -21.54
CA LYS C 250 -25.98 -23.12 -22.50
C LYS C 250 -24.51 -22.99 -22.88
N MET C 251 -23.61 -23.40 -22.00
CA MET C 251 -22.19 -23.33 -22.29
C MET C 251 -21.66 -24.49 -23.13
N LEU C 252 -22.38 -25.61 -23.17
CA LEU C 252 -21.90 -26.76 -23.90
C LEU C 252 -21.86 -26.45 -25.39
N LYS C 253 -20.83 -27.00 -26.04
CA LYS C 253 -20.57 -26.79 -27.47
C LYS C 253 -20.80 -28.07 -28.26
N THR D 2 -28.61 -19.47 24.17
CA THR D 2 -29.59 -20.46 23.60
C THR D 2 -29.54 -20.62 22.06
N LYS D 3 -28.87 -19.69 21.39
CA LYS D 3 -28.77 -19.72 19.94
C LYS D 3 -28.02 -20.93 19.41
N THR D 4 -28.30 -21.28 18.17
CA THR D 4 -27.48 -22.21 17.40
C THR D 4 -26.68 -21.41 16.40
N VAL D 5 -25.37 -21.55 16.41
CA VAL D 5 -24.53 -20.75 15.50
C VAL D 5 -24.75 -21.16 14.05
N PHE D 6 -24.61 -20.21 13.14
CA PHE D 6 -25.13 -20.34 11.79
C PHE D 6 -24.44 -21.43 10.96
N HIS D 7 -23.12 -21.52 11.04
CA HIS D 7 -22.40 -22.52 10.25
C HIS D 7 -22.17 -23.82 11.00
N LEU D 8 -21.75 -23.75 12.27
CA LEU D 8 -21.35 -24.96 12.97
C LEU D 8 -22.54 -25.77 13.46
N GLY D 9 -23.69 -25.14 13.63
CA GLY D 9 -24.89 -25.89 13.98
C GLY D 9 -24.92 -26.47 15.40
N VAL D 10 -24.22 -25.82 16.33
CA VAL D 10 -24.17 -26.22 17.71
C VAL D 10 -24.60 -25.07 18.61
N THR D 11 -24.99 -25.41 19.84
CA THR D 11 -25.37 -24.44 20.85
C THR D 11 -24.31 -24.40 21.94
N GLU D 12 -24.39 -23.41 22.81
CA GLU D 12 -23.49 -23.34 23.94
CA GLU D 12 -23.49 -23.33 23.95
C GLU D 12 -23.67 -24.56 24.84
N ALA D 13 -24.92 -24.98 25.09
CA ALA D 13 -25.17 -26.13 25.93
C ALA D 13 -24.51 -27.39 25.36
N ASP D 14 -24.45 -27.52 24.04
CA ASP D 14 -23.81 -28.69 23.41
C ASP D 14 -22.35 -28.84 23.82
N LEU D 15 -21.69 -27.74 24.17
CA LEU D 15 -20.26 -27.77 24.46
C LEU D 15 -19.96 -28.12 25.91
N ASN D 16 -20.99 -28.24 26.75
CA ASN D 16 -20.81 -28.67 28.14
CA ASN D 16 -20.85 -28.65 28.15
C ASN D 16 -19.72 -27.91 28.89
N GLY D 17 -19.68 -26.61 28.69
CA GLY D 17 -18.74 -25.74 29.39
C GLY D 17 -17.36 -25.63 28.83
N ALA D 18 -17.08 -26.22 27.67
CA ALA D 18 -15.74 -26.18 27.10
C ALA D 18 -15.28 -24.76 26.87
N THR D 19 -14.03 -24.49 27.25
CA THR D 19 -13.42 -23.20 26.93
C THR D 19 -12.17 -23.35 26.06
N LEU D 20 -11.87 -24.58 25.64
CA LEU D 20 -10.72 -24.88 24.81
C LEU D 20 -11.16 -25.75 23.66
N ALA D 21 -10.67 -25.42 22.48
CA ALA D 21 -10.89 -26.21 21.26
C ALA D 21 -9.57 -26.61 20.62
N ILE D 22 -9.57 -27.83 20.10
CA ILE D 22 -8.53 -28.31 19.19
C ILE D 22 -9.13 -28.22 17.79
N ILE D 23 -8.39 -27.59 16.86
CA ILE D 23 -8.91 -27.23 15.55
C ILE D 23 -8.02 -27.75 14.42
N PRO D 24 -8.21 -29.03 14.01
CA PRO D 24 -7.52 -29.55 12.84
C PRO D 24 -8.16 -29.00 11.57
N GLY D 25 -7.50 -29.16 10.44
CA GLY D 25 -8.08 -28.76 9.17
C GLY D 25 -9.09 -29.72 8.56
N ASP D 26 -8.74 -31.00 8.61
CA ASP D 26 -9.49 -32.06 7.93
C ASP D 26 -10.62 -32.58 8.83
N PRO D 27 -11.89 -32.50 8.37
CA PRO D 27 -13.00 -33.04 9.17
C PRO D 27 -12.80 -34.49 9.60
N ALA D 28 -12.12 -35.30 8.79
CA ALA D 28 -11.93 -36.71 9.13
C ALA D 28 -10.99 -36.90 10.34
N ARG D 29 -10.21 -35.88 10.66
CA ARG D 29 -9.27 -35.98 11.79
C ARG D 29 -9.94 -35.66 13.12
N VAL D 30 -11.14 -35.10 13.10
CA VAL D 30 -11.81 -34.68 14.32
C VAL D 30 -12.07 -35.86 15.26
N GLN D 31 -12.67 -36.92 14.75
CA GLN D 31 -12.95 -38.08 15.58
C GLN D 31 -11.65 -38.71 16.10
N LYS D 32 -10.60 -38.66 15.28
CA LYS D 32 -9.32 -39.27 15.65
CA LYS D 32 -9.30 -39.26 15.64
C LYS D 32 -8.68 -38.56 16.83
N ILE D 33 -8.82 -37.25 16.88
CA ILE D 33 -8.38 -36.46 18.03
C ILE D 33 -9.28 -36.70 19.23
N ALA D 34 -10.59 -36.66 19.00
CA ALA D 34 -11.55 -36.79 20.11
C ALA D 34 -11.38 -38.13 20.82
N GLU D 35 -11.06 -39.20 20.09
CA GLU D 35 -10.97 -40.50 20.72
C GLU D 35 -9.73 -40.66 21.59
N LEU D 36 -8.78 -39.73 21.51
CA LEU D 36 -7.65 -39.71 22.44
C LEU D 36 -8.05 -39.19 23.81
N MET D 37 -9.26 -38.66 23.93
CA MET D 37 -9.77 -38.11 25.18
C MET D 37 -10.92 -38.96 25.70
N ASP D 38 -11.53 -38.56 26.80
CA ASP D 38 -12.60 -39.33 27.42
C ASP D 38 -13.97 -38.92 26.88
N ASN D 39 -14.87 -39.88 26.79
CA ASN D 39 -16.27 -39.61 26.45
C ASN D 39 -16.47 -38.73 25.21
N PRO D 40 -15.81 -39.09 24.08
CA PRO D 40 -16.03 -38.32 22.87
C PRO D 40 -17.47 -38.49 22.35
N VAL D 41 -18.06 -37.39 21.90
CA VAL D 41 -19.42 -37.39 21.38
C VAL D 41 -19.48 -36.49 20.17
N PHE D 42 -20.04 -37.02 19.09
CA PHE D 42 -20.30 -36.28 17.88
C PHE D 42 -21.40 -35.26 18.13
N LEU D 43 -21.16 -34.00 17.75
CA LEU D 43 -22.16 -32.94 17.88
C LEU D 43 -22.81 -32.59 16.56
N ALA D 44 -22.03 -32.35 15.50
CA ALA D 44 -22.60 -31.86 14.25
C ALA D 44 -21.58 -32.01 13.14
N SER D 45 -22.08 -32.07 11.92
CA SER D 45 -21.27 -31.97 10.71
CA SER D 45 -21.25 -31.92 10.74
C SER D 45 -22.06 -31.15 9.70
N HIS D 46 -21.52 -30.00 9.31
CA HIS D 46 -22.08 -29.14 8.28
CA HIS D 46 -22.08 -29.17 8.27
C HIS D 46 -20.92 -28.63 7.45
N ARG D 47 -21.01 -28.77 6.14
CA ARG D 47 -19.94 -28.28 5.28
CA ARG D 47 -19.94 -28.31 5.26
C ARG D 47 -18.62 -28.91 5.75
N GLU D 48 -17.54 -28.12 5.83
CA GLU D 48 -16.24 -28.63 6.27
C GLU D 48 -16.07 -28.70 7.78
N TYR D 49 -17.15 -28.46 8.54
CA TYR D 49 -17.09 -28.34 9.97
C TYR D 49 -17.69 -29.59 10.64
N THR D 50 -16.82 -30.45 11.14
CA THR D 50 -17.20 -31.57 11.99
C THR D 50 -16.81 -31.23 13.43
N VAL D 51 -17.76 -31.37 14.34
CA VAL D 51 -17.61 -30.92 15.73
C VAL D 51 -17.90 -32.07 16.66
N TYR D 52 -16.94 -32.36 17.55
CA TYR D 52 -17.09 -33.30 18.63
C TYR D 52 -16.82 -32.58 19.96
N ARG D 53 -17.35 -33.13 21.04
CA ARG D 53 -16.93 -32.78 22.39
CA ARG D 53 -16.95 -32.78 22.39
C ARG D 53 -16.26 -33.98 23.02
N ALA D 54 -15.37 -33.75 23.97
CA ALA D 54 -14.78 -34.80 24.75
C ALA D 54 -14.37 -34.21 26.09
N GLU D 55 -13.73 -35.03 26.93
CA GLU D 55 -13.33 -34.64 28.27
C GLU D 55 -11.87 -34.97 28.49
N LEU D 56 -11.13 -34.03 29.07
CA LEU D 56 -9.71 -34.16 29.28
C LEU D 56 -9.46 -33.78 30.74
N ASP D 57 -9.00 -34.73 31.54
CA ASP D 57 -8.82 -34.52 32.99
C ASP D 57 -10.06 -33.91 33.61
N GLY D 58 -11.23 -34.40 33.18
CA GLY D 58 -12.51 -33.96 33.73
C GLY D 58 -13.04 -32.64 33.20
N GLN D 59 -12.36 -32.02 32.24
CA GLN D 59 -12.81 -30.77 31.67
C GLN D 59 -13.26 -30.96 30.24
N SER D 60 -14.35 -30.31 29.85
CA SER D 60 -14.85 -30.41 28.49
CA SER D 60 -14.86 -30.40 28.50
C SER D 60 -13.93 -29.70 27.51
N VAL D 61 -13.73 -30.34 26.36
CA VAL D 61 -12.90 -29.86 25.25
CA VAL D 61 -12.99 -29.75 25.27
C VAL D 61 -13.75 -30.02 23.99
N VAL D 62 -13.62 -29.10 23.06
CA VAL D 62 -14.22 -29.20 21.72
CA VAL D 62 -14.25 -29.28 21.76
C VAL D 62 -13.16 -29.57 20.71
N VAL D 63 -13.52 -30.40 19.73
CA VAL D 63 -12.66 -30.62 18.57
C VAL D 63 -13.50 -30.21 17.36
N CYS D 64 -12.98 -29.32 16.51
CA CYS D 64 -13.74 -28.78 15.41
C CYS D 64 -12.81 -28.58 14.21
N SER D 65 -13.15 -29.13 13.05
CA SER D 65 -12.36 -28.89 11.87
C SER D 65 -12.61 -27.49 11.32
N THR D 66 -11.62 -27.00 10.57
CA THR D 66 -11.64 -25.66 10.04
C THR D 66 -11.84 -25.59 8.54
N GLY D 67 -11.56 -26.68 7.83
CA GLY D 67 -11.35 -26.59 6.41
C GLY D 67 -9.99 -26.01 6.08
N ILE D 68 -9.71 -25.88 4.79
CA ILE D 68 -8.50 -25.25 4.30
C ILE D 68 -8.71 -23.76 4.18
N GLY D 69 -7.78 -22.99 4.74
CA GLY D 69 -7.69 -21.58 4.54
C GLY D 69 -8.23 -20.72 5.68
N GLY D 70 -7.75 -19.49 5.70
CA GLY D 70 -8.19 -18.52 6.68
C GLY D 70 -9.68 -18.25 6.69
N PRO D 71 -10.34 -18.12 5.52
CA PRO D 71 -11.77 -17.77 5.56
C PRO D 71 -12.60 -18.80 6.33
N SER D 72 -12.45 -20.07 6.02
CA SER D 72 -13.27 -21.05 6.71
CA SER D 72 -13.16 -21.15 6.66
C SER D 72 -12.83 -21.19 8.17
N THR D 73 -11.55 -21.03 8.44
CA THR D 73 -11.05 -21.04 9.81
C THR D 73 -11.69 -19.91 10.63
N SER D 74 -11.76 -18.73 10.04
CA SER D 74 -12.29 -17.57 10.77
C SER D 74 -13.72 -17.75 11.23
N ILE D 75 -14.52 -18.46 10.43
CA ILE D 75 -15.90 -18.76 10.81
C ILE D 75 -15.93 -19.67 12.02
N ALA D 76 -15.16 -20.76 11.97
CA ALA D 76 -15.18 -21.71 13.07
C ALA D 76 -14.73 -21.06 14.37
N VAL D 77 -13.65 -20.29 14.32
CA VAL D 77 -13.14 -19.65 15.53
C VAL D 77 -14.16 -18.66 16.11
N GLU D 78 -14.74 -17.82 15.24
CA GLU D 78 -15.74 -16.87 15.70
C GLU D 78 -16.93 -17.55 16.35
N GLU D 79 -17.47 -18.57 15.68
CA GLU D 79 -18.68 -19.20 16.20
C GLU D 79 -18.40 -19.95 17.50
N LEU D 80 -17.25 -20.60 17.60
CA LEU D 80 -16.88 -21.21 18.88
C LEU D 80 -16.67 -20.17 19.97
N ALA D 81 -16.06 -19.04 19.64
CA ALA D 81 -15.90 -17.96 20.63
C ALA D 81 -17.25 -17.42 21.10
N GLN D 82 -18.24 -17.34 20.22
CA GLN D 82 -19.58 -16.94 20.64
C GLN D 82 -20.15 -17.85 21.68
N LEU D 83 -19.74 -19.12 21.65
CA LEU D 83 -20.25 -20.14 22.54
C LEU D 83 -19.31 -20.41 23.71
N GLY D 84 -18.35 -19.50 23.96
CA GLY D 84 -17.55 -19.51 25.16
C GLY D 84 -16.14 -20.05 25.03
N VAL D 85 -15.72 -20.50 23.86
CA VAL D 85 -14.35 -20.99 23.70
C VAL D 85 -13.37 -19.82 23.66
N ARG D 86 -12.28 -19.96 24.42
CA ARG D 86 -11.28 -18.90 24.54
C ARG D 86 -9.87 -19.29 24.12
N THR D 87 -9.59 -20.59 24.01
CA THR D 87 -8.27 -21.10 23.67
C THR D 87 -8.42 -22.05 22.49
N PHE D 88 -7.57 -21.86 21.48
CA PHE D 88 -7.63 -22.60 20.23
C PHE D 88 -6.25 -23.18 19.91
N LEU D 89 -6.18 -24.51 19.82
N LEU D 89 -6.18 -24.51 19.83
CA LEU D 89 -4.93 -25.21 19.51
CA LEU D 89 -4.94 -25.22 19.50
C LEU D 89 -5.05 -25.84 18.13
C LEU D 89 -5.05 -25.84 18.12
N ARG D 90 -4.31 -25.29 17.17
CA ARG D 90 -4.27 -25.80 15.81
C ARG D 90 -3.23 -26.91 15.70
N VAL D 91 -3.61 -28.01 15.06
CA VAL D 91 -2.73 -29.11 14.70
C VAL D 91 -2.89 -29.38 13.22
N GLY D 92 -1.82 -29.53 12.44
N GLY D 92 -1.84 -30.04 12.74
CA GLY D 92 -2.01 -29.66 10.98
CA GLY D 92 -1.78 -30.64 11.45
C GLY D 92 -0.76 -30.06 10.25
C GLY D 92 -0.41 -31.20 11.13
N THR D 93 -0.86 -30.28 8.94
N THR D 93 -0.23 -31.51 9.86
CA THR D 93 0.32 -30.66 8.16
CA THR D 93 1.05 -31.89 9.32
C THR D 93 1.03 -29.42 7.61
C THR D 93 1.41 -30.90 8.22
N THR D 94 2.29 -29.61 7.22
N THR D 94 2.70 -30.81 7.89
CA THR D 94 3.08 -28.50 6.69
CA THR D 94 3.22 -29.75 7.05
C THR D 94 4.19 -28.98 5.78
C THR D 94 4.45 -30.18 6.29
N GLY D 95 4.65 -28.10 4.88
N GLY D 95 4.75 -29.47 5.21
CA GLY D 95 5.82 -28.36 4.06
CA GLY D 95 6.07 -29.55 4.59
C GLY D 95 6.96 -27.54 4.60
C GLY D 95 7.00 -28.62 5.32
N ALA D 96 8.03 -28.25 4.98
N ALA D 96 8.29 -28.66 4.97
CA ALA D 96 9.24 -27.61 5.41
CA ALA D 96 9.27 -27.68 5.44
C ALA D 96 9.95 -27.06 4.19
C ALA D 96 10.12 -27.19 4.27
N ILE D 97 10.71 -26.00 4.44
CA ILE D 97 11.53 -25.38 3.41
C ILE D 97 12.99 -25.19 3.83
N GLN D 98 13.37 -25.72 4.98
CA GLN D 98 14.74 -25.63 5.46
C GLN D 98 15.38 -27.00 5.45
N PRO D 99 16.65 -27.09 5.03
CA PRO D 99 17.30 -28.42 4.98
C PRO D 99 17.49 -29.12 6.32
N HIS D 100 17.52 -28.38 7.42
CA HIS D 100 17.74 -28.98 8.74
C HIS D 100 16.48 -29.52 9.41
N VAL D 101 15.33 -29.34 8.76
CA VAL D 101 14.06 -29.80 9.30
C VAL D 101 13.74 -31.09 8.56
N ASN D 102 13.43 -32.18 9.24
N ASN D 102 13.67 -32.16 9.34
CA ASN D 102 13.05 -33.39 8.50
CA ASN D 102 13.54 -33.53 8.87
C ASN D 102 11.55 -33.69 8.43
C ASN D 102 12.13 -34.03 9.05
N VAL D 103 11.14 -34.42 7.40
N VAL D 103 11.74 -34.96 8.20
CA VAL D 103 9.80 -35.02 7.42
CA VAL D 103 10.45 -35.63 8.29
C VAL D 103 9.71 -35.84 8.70
C VAL D 103 10.34 -36.31 9.64
N GLY D 104 8.74 -35.54 9.56
N GLY D 104 9.18 -36.12 10.28
CA GLY D 104 8.65 -36.22 10.88
CA GLY D 104 8.94 -36.65 11.60
C GLY D 104 8.81 -35.38 12.16
C GLY D 104 9.20 -35.57 12.60
N ASP D 105 9.78 -34.45 12.15
CA ASP D 105 9.99 -33.37 13.11
C ASP D 105 8.70 -32.60 13.32
N MET D 106 8.64 -31.83 14.41
CA MET D 106 7.49 -30.98 14.76
CA MET D 106 7.49 -30.98 14.62
C MET D 106 7.90 -29.52 14.63
N ILE D 107 6.99 -28.66 14.20
CA ILE D 107 7.21 -27.23 14.18
C ILE D 107 6.15 -26.57 15.05
N VAL D 108 6.58 -25.69 15.95
CA VAL D 108 5.68 -24.82 16.71
C VAL D 108 5.95 -23.41 16.21
N THR D 109 4.90 -22.77 15.69
CA THR D 109 5.01 -21.48 15.07
C THR D 109 5.16 -20.39 16.12
N THR D 110 6.21 -19.58 16.00
CA THR D 110 6.41 -18.41 16.87
C THR D 110 5.86 -17.13 16.26
N GLY D 111 5.58 -17.14 14.97
CA GLY D 111 5.04 -16.01 14.25
C GLY D 111 4.81 -16.43 12.81
N SER D 112 3.86 -15.80 12.15
CA SER D 112 3.55 -16.13 10.76
C SER D 112 3.71 -14.96 9.82
N VAL D 113 4.30 -15.26 8.64
CA VAL D 113 4.29 -14.33 7.52
C VAL D 113 2.85 -14.31 6.98
N ARG D 114 2.26 -13.13 6.96
CA ARG D 114 0.84 -12.95 6.61
C ARG D 114 0.65 -12.86 5.10
N LEU D 115 0.67 -14.01 4.45
CA LEU D 115 0.48 -14.11 2.98
C LEU D 115 -0.96 -14.52 2.68
N ASP D 116 -1.86 -14.10 3.57
CA ASP D 116 -3.28 -14.39 3.53
C ASP D 116 -4.08 -13.12 3.29
N GLY D 117 -5.39 -13.21 3.38
CA GLY D 117 -6.27 -12.06 3.32
C GLY D 117 -7.08 -11.86 4.58
N ALA D 118 -7.50 -12.95 5.23
CA ALA D 118 -8.45 -12.83 6.33
C ALA D 118 -7.81 -12.16 7.53
N SER D 119 -6.49 -12.27 7.72
CA SER D 119 -5.86 -11.60 8.86
C SER D 119 -6.14 -10.09 8.85
N LEU D 120 -6.20 -9.51 7.66
CA LEU D 120 -6.46 -8.08 7.49
C LEU D 120 -7.88 -7.67 7.84
N HIS D 121 -8.77 -8.66 8.01
CA HIS D 121 -10.12 -8.38 8.47
C HIS D 121 -10.20 -8.24 9.99
N PHE D 122 -9.07 -8.45 10.67
CA PHE D 122 -8.96 -8.33 12.13
C PHE D 122 -7.93 -7.28 12.54
N ALA D 123 -6.83 -7.14 11.82
CA ALA D 123 -5.82 -6.17 12.23
C ALA D 123 -5.06 -5.77 10.96
N PRO D 124 -4.57 -4.53 10.91
CA PRO D 124 -3.77 -4.11 9.75
C PRO D 124 -2.47 -4.89 9.68
N MET D 125 -1.81 -4.84 8.53
CA MET D 125 -0.69 -5.71 8.22
C MET D 125 0.45 -5.56 9.23
N GLU D 126 0.61 -4.36 9.79
N GLU D 126 0.64 -4.38 9.81
CA GLU D 126 1.66 -4.07 10.79
CA GLU D 126 1.75 -4.20 10.73
C GLU D 126 1.60 -4.96 12.01
C GLU D 126 1.61 -5.00 12.02
N PHE D 127 0.41 -5.46 12.33
CA PHE D 127 0.18 -6.24 13.55
C PHE D 127 0.80 -7.64 13.41
N PRO D 128 1.46 -8.16 14.44
CA PRO D 128 2.16 -9.43 14.31
C PRO D 128 1.21 -10.63 14.44
N ALA D 129 1.36 -11.60 13.52
CA ALA D 129 0.61 -12.85 13.61
C ALA D 129 1.39 -13.78 14.57
N VAL D 130 1.02 -13.67 15.84
N VAL D 130 1.23 -13.57 15.88
CA VAL D 130 1.80 -14.18 16.94
CA VAL D 130 1.98 -14.34 16.87
C VAL D 130 0.94 -15.11 17.81
C VAL D 130 1.03 -15.11 17.78
N PRO D 131 1.49 -16.27 18.26
CA PRO D 131 0.69 -17.09 19.17
C PRO D 131 0.70 -16.53 20.59
N ASP D 132 -0.26 -16.99 21.37
CA ASP D 132 -0.18 -16.85 22.81
C ASP D 132 1.04 -17.57 23.33
N PHE D 133 1.78 -16.93 24.23
CA PHE D 133 3.05 -17.47 24.70
C PHE D 133 2.85 -18.74 25.52
N ASP D 134 1.79 -18.81 26.32
CA ASP D 134 1.49 -20.04 27.07
C ASP D 134 1.18 -21.20 26.15
N VAL D 135 0.40 -20.96 25.10
CA VAL D 135 0.08 -22.05 24.17
C VAL D 135 1.36 -22.53 23.48
N ALA D 136 2.17 -21.60 22.97
CA ALA D 136 3.40 -22.00 22.29
C ALA D 136 4.32 -22.79 23.24
N THR D 137 4.42 -22.34 24.48
CA THR D 137 5.24 -23.02 25.48
C THR D 137 4.72 -24.45 25.74
N ALA D 138 3.40 -24.60 25.90
CA ALA D 138 2.78 -25.91 26.10
C ALA D 138 3.02 -26.83 24.91
N MET D 139 2.88 -26.28 23.70
CA MET D 139 3.11 -27.08 22.51
CA MET D 139 3.12 -27.02 22.46
C MET D 139 4.55 -27.55 22.40
N LYS D 140 5.51 -26.67 22.71
CA LYS D 140 6.91 -27.07 22.67
C LYS D 140 7.16 -28.21 23.66
N ALA D 141 6.67 -28.06 24.88
CA ALA D 141 6.88 -29.08 25.90
C ALA D 141 6.23 -30.40 25.52
N ALA D 142 4.99 -30.35 25.05
CA ALA D 142 4.30 -31.58 24.62
C ALA D 142 5.06 -32.24 23.47
N ALA D 143 5.52 -31.45 22.51
CA ALA D 143 6.26 -31.99 21.40
C ALA D 143 7.58 -32.65 21.84
N GLN D 144 8.32 -31.98 22.72
CA GLN D 144 9.56 -32.55 23.23
C GLN D 144 9.32 -33.84 24.00
N GLU D 145 8.27 -33.87 24.81
CA GLU D 145 7.95 -35.04 25.62
C GLU D 145 7.55 -36.26 24.80
N SER D 146 7.11 -36.04 23.56
CA SER D 146 6.76 -37.14 22.66
C SER D 146 8.01 -37.80 22.04
N GLY D 147 9.18 -37.21 22.25
CA GLY D 147 10.43 -37.71 21.67
C GLY D 147 10.80 -37.11 20.33
N ALA D 148 9.93 -36.26 19.78
CA ALA D 148 10.21 -35.64 18.48
C ALA D 148 11.25 -34.53 18.59
N THR D 149 11.95 -34.26 17.50
CA THR D 149 12.79 -33.07 17.36
CA THR D 149 12.77 -33.06 17.44
C THR D 149 11.85 -31.92 17.04
N VAL D 150 11.94 -30.84 17.82
CA VAL D 150 11.03 -29.73 17.71
C VAL D 150 11.78 -28.51 17.22
N HIS D 151 11.14 -27.76 16.33
CA HIS D 151 11.67 -26.48 15.83
C HIS D 151 10.68 -25.38 16.17
N MET D 152 11.18 -24.31 16.79
CA MET D 152 10.40 -23.11 17.05
C MET D 152 10.78 -22.11 15.97
N GLY D 153 9.82 -21.50 15.29
CA GLY D 153 10.18 -20.47 14.36
C GLY D 153 9.04 -19.98 13.51
N VAL D 154 9.40 -19.22 12.48
CA VAL D 154 8.46 -18.50 11.66
C VAL D 154 7.91 -19.40 10.56
N THR D 155 6.62 -19.27 10.32
CA THR D 155 5.88 -20.02 9.30
CA THR D 155 5.95 -20.01 9.25
C THR D 155 5.33 -19.04 8.26
N ALA D 156 5.42 -19.37 6.98
CA ALA D 156 4.81 -18.57 5.91
C ALA D 156 3.42 -19.11 5.65
N SER D 157 2.40 -18.25 5.84
CA SER D 157 1.01 -18.68 5.80
C SER D 157 0.32 -18.08 4.60
N SER D 158 0.05 -18.94 3.62
CA SER D 158 -0.40 -18.56 2.29
C SER D 158 -1.86 -18.86 2.02
N ASP D 159 -2.54 -17.93 1.35
CA ASP D 159 -3.90 -18.15 0.88
C ASP D 159 -3.98 -19.11 -0.31
N THR D 160 -2.85 -19.56 -0.88
CA THR D 160 -2.88 -20.58 -1.91
C THR D 160 -1.89 -21.69 -1.58
N PHE D 161 -2.20 -22.87 -2.12
CA PHE D 161 -1.27 -23.98 -2.06
C PHE D 161 -0.20 -23.88 -3.14
N TYR D 162 -0.58 -23.29 -4.29
CA TYR D 162 0.22 -23.35 -5.51
C TYR D 162 1.07 -22.06 -5.67
N PRO D 163 0.57 -20.97 -6.25
CA PRO D 163 1.52 -19.86 -6.52
C PRO D 163 2.10 -19.20 -5.28
N GLY D 164 1.31 -19.10 -4.21
CA GLY D 164 1.80 -18.48 -2.97
C GLY D 164 2.82 -19.30 -2.21
N GLN D 165 2.97 -20.57 -2.60
CA GLN D 165 4.07 -21.41 -2.11
C GLN D 165 5.11 -21.61 -3.21
N GLU D 166 5.06 -20.74 -4.21
CA GLU D 166 5.96 -20.73 -5.36
C GLU D 166 6.10 -22.12 -6.01
N ARG D 167 4.95 -22.76 -6.24
CA ARG D 167 4.89 -24.00 -7.02
CA ARG D 167 4.92 -23.99 -7.02
C ARG D 167 4.67 -23.65 -8.48
N TYR D 168 5.49 -24.23 -9.35
CA TYR D 168 5.40 -24.05 -10.80
C TYR D 168 4.83 -25.25 -11.55
N ASP D 169 4.63 -26.37 -10.86
CA ASP D 169 4.09 -27.58 -11.48
CA ASP D 169 4.09 -27.58 -11.53
C ASP D 169 2.57 -27.50 -11.53
N THR D 170 2.07 -26.59 -12.34
CA THR D 170 0.68 -26.21 -12.32
C THR D 170 0.16 -26.09 -13.75
N PHE D 171 -1.15 -25.87 -13.84
CA PHE D 171 -1.80 -25.69 -15.13
C PHE D 171 -1.16 -24.60 -15.98
N THR D 172 -0.91 -23.43 -15.41
CA THR D 172 -0.30 -22.37 -16.20
C THR D 172 1.22 -22.35 -16.12
N GLY D 173 1.80 -22.91 -15.04
CA GLY D 173 3.25 -22.81 -14.84
C GLY D 173 3.74 -21.40 -14.49
N ARG D 174 2.81 -20.52 -14.18
CA ARG D 174 3.09 -19.12 -13.87
CA ARG D 174 3.11 -19.13 -13.87
CA ARG D 174 3.12 -19.12 -13.88
C ARG D 174 2.91 -18.73 -12.42
N VAL D 175 3.83 -17.95 -11.88
CA VAL D 175 3.67 -17.40 -10.54
C VAL D 175 3.73 -15.89 -10.68
N VAL D 176 2.71 -15.22 -10.13
CA VAL D 176 2.62 -13.77 -10.21
C VAL D 176 3.88 -13.11 -9.62
N ARG D 177 4.19 -11.91 -10.10
CA ARG D 177 5.40 -11.20 -9.72
CA ARG D 177 5.38 -11.19 -9.72
C ARG D 177 5.62 -11.18 -8.21
N ARG D 178 4.59 -10.87 -7.42
CA ARG D 178 4.69 -10.83 -5.96
C ARG D 178 5.42 -12.04 -5.39
N PHE D 179 5.12 -13.22 -5.93
CA PHE D 179 5.61 -14.47 -5.37
C PHE D 179 6.80 -15.08 -6.12
N GLN D 180 7.23 -14.50 -7.24
CA GLN D 180 8.44 -14.97 -7.90
CA GLN D 180 8.44 -14.97 -7.90
C GLN D 180 9.64 -14.74 -7.00
N GLY D 181 10.44 -15.79 -6.81
CA GLY D 181 11.58 -15.73 -5.91
C GLY D 181 11.28 -15.81 -4.45
N SER D 182 10.00 -15.91 -4.07
CA SER D 182 9.64 -15.81 -2.68
C SER D 182 10.09 -16.99 -1.83
N MET D 183 10.12 -18.21 -2.36
CA MET D 183 10.53 -19.29 -1.49
CA MET D 183 10.59 -19.37 -1.59
C MET D 183 11.99 -19.10 -1.04
N LYS D 184 12.87 -18.73 -1.94
CA LYS D 184 14.27 -18.48 -1.57
CA LYS D 184 14.27 -18.46 -1.59
C LYS D 184 14.36 -17.31 -0.59
N GLU D 185 13.55 -16.28 -0.81
CA GLU D 185 13.53 -15.15 0.12
CA GLU D 185 13.52 -15.16 0.09
C GLU D 185 13.19 -15.62 1.52
N TRP D 186 12.12 -16.39 1.67
CA TRP D 186 11.76 -16.88 2.99
C TRP D 186 12.81 -17.82 3.57
N GLN D 187 13.37 -18.68 2.72
CA GLN D 187 14.41 -19.59 3.19
C GLN D 187 15.59 -18.81 3.77
N ASP D 188 16.01 -17.77 3.07
CA ASP D 188 17.15 -16.98 3.51
C ASP D 188 16.83 -16.17 4.78
N MET D 189 15.56 -15.87 5.02
CA MET D 189 15.09 -15.22 6.24
C MET D 189 14.83 -16.20 7.37
N GLY D 190 15.09 -17.48 7.19
CA GLY D 190 14.96 -18.45 8.26
C GLY D 190 13.59 -19.06 8.46
N VAL D 191 12.65 -18.78 7.56
CA VAL D 191 11.31 -19.31 7.67
C VAL D 191 11.34 -20.83 7.56
N LEU D 192 10.57 -21.52 8.40
CA LEU D 192 10.65 -22.98 8.48
C LEU D 192 9.80 -23.73 7.48
N ASN D 193 8.62 -23.21 7.16
CA ASN D 193 7.59 -24.00 6.52
C ASN D 193 6.51 -23.12 5.93
N PHE D 194 5.73 -23.70 5.03
CA PHE D 194 4.48 -23.13 4.52
C PHE D 194 3.27 -23.88 5.08
N GLU D 195 2.21 -23.15 5.36
CA GLU D 195 0.89 -23.71 5.56
C GLU D 195 -0.13 -22.63 5.18
N MET D 196 -1.41 -22.84 5.49
CA MET D 196 -2.46 -22.01 4.89
C MET D 196 -3.47 -21.40 5.88
N GLU D 197 -3.27 -21.54 7.20
CA GLU D 197 -4.26 -21.02 8.16
C GLU D 197 -3.70 -20.21 9.31
N SER D 198 -2.41 -20.34 9.61
CA SER D 198 -1.89 -19.75 10.85
CA SER D 198 -1.83 -19.75 10.81
CA SER D 198 -1.87 -19.74 10.83
C SER D 198 -1.94 -18.24 10.87
N ALA D 199 -1.71 -17.55 9.76
CA ALA D 199 -1.72 -16.10 9.82
C ALA D 199 -3.10 -15.62 10.21
N THR D 200 -4.14 -16.18 9.62
CA THR D 200 -5.49 -15.79 9.99
C THR D 200 -5.76 -16.13 11.45
N LEU D 201 -5.51 -17.37 11.84
CA LEU D 201 -5.82 -17.81 13.18
C LEU D 201 -5.11 -16.95 14.23
N LEU D 202 -3.80 -16.78 14.05
CA LEU D 202 -3.02 -16.10 15.09
C LEU D 202 -3.37 -14.63 15.14
N THR D 203 -3.57 -13.99 13.99
CA THR D 203 -3.90 -12.56 13.99
C THR D 203 -5.28 -12.34 14.58
N MET D 204 -6.26 -13.14 14.17
CA MET D 204 -7.61 -13.06 14.69
CA MET D 204 -7.60 -12.97 14.70
CA MET D 204 -7.60 -12.96 14.70
C MET D 204 -7.60 -13.17 16.21
N CYS D 205 -6.92 -14.20 16.70
CA CYS D 205 -6.98 -14.46 18.15
C CYS D 205 -6.21 -13.44 18.96
N ALA D 206 -5.01 -13.08 18.50
CA ALA D 206 -4.16 -12.14 19.23
C ALA D 206 -4.77 -10.74 19.30
N SER D 207 -5.66 -10.41 18.38
CA SER D 207 -6.31 -9.10 18.34
C SER D 207 -7.73 -9.14 18.90
N SER D 208 -8.18 -10.29 19.40
CA SER D 208 -9.55 -10.51 19.84
C SER D 208 -9.66 -11.08 21.27
N GLY D 209 -8.57 -11.16 22.01
CA GLY D 209 -8.61 -11.66 23.36
C GLY D 209 -8.79 -13.18 23.47
N LEU D 210 -8.31 -13.89 22.46
CA LEU D 210 -8.36 -15.36 22.42
C LEU D 210 -6.93 -15.88 22.41
N LYS D 211 -6.69 -17.02 23.03
CA LYS D 211 -5.37 -17.62 23.06
CA LYS D 211 -5.37 -17.63 23.07
C LYS D 211 -5.28 -18.65 21.94
N ALA D 212 -4.22 -18.60 21.15
CA ALA D 212 -4.05 -19.54 20.05
C ALA D 212 -2.60 -19.93 19.86
N GLY D 213 -2.41 -21.10 19.27
CA GLY D 213 -1.11 -21.52 18.81
C GLY D 213 -1.26 -22.61 17.78
N CYS D 214 -0.14 -22.95 17.14
CA CYS D 214 -0.08 -23.93 16.04
CA CYS D 214 -0.10 -23.92 16.06
C CYS D 214 1.10 -24.86 16.20
N VAL D 215 0.82 -26.16 16.07
CA VAL D 215 1.85 -27.21 16.04
C VAL D 215 1.61 -28.08 14.82
N ALA D 216 2.68 -28.53 14.18
CA ALA D 216 2.53 -29.36 13.01
C ALA D 216 3.64 -30.38 12.87
N GLY D 217 3.21 -31.44 12.20
N GLY D 217 3.32 -31.66 12.64
CA GLY D 217 4.07 -32.42 11.59
CA GLY D 217 4.37 -32.68 12.35
C GLY D 217 4.47 -32.10 10.16
C GLY D 217 4.86 -32.60 10.90
N VAL D 218 5.75 -32.23 9.88
N VAL D 218 6.16 -32.76 10.66
CA VAL D 218 6.29 -31.99 8.55
CA VAL D 218 6.74 -32.61 9.32
C VAL D 218 6.03 -33.21 7.65
C VAL D 218 6.65 -33.91 8.52
N ILE D 219 5.30 -33.03 6.54
N ILE D 219 5.96 -33.87 7.38
CA ILE D 219 4.98 -34.13 5.60
CA ILE D 219 5.76 -35.08 6.58
C ILE D 219 5.77 -34.09 4.31
C ILE D 219 6.47 -35.06 5.24
N ILE D 220 6.41 -32.96 4.02
N ILE D 220 7.07 -33.94 4.88
CA ILE D 220 7.27 -32.87 2.85
CA ILE D 220 7.79 -33.86 3.62
C ILE D 220 8.32 -31.80 3.15
C ILE D 220 8.73 -32.67 3.73
N ASN D 221 9.45 -31.94 2.48
N ASN D 221 9.84 -32.69 3.03
CA ASN D 221 10.47 -30.91 2.53
CA ASN D 221 10.72 -31.54 2.98
C ASN D 221 10.76 -30.48 1.11
C ASN D 221 11.09 -31.24 1.54
N ARG D 222 10.52 -29.20 0.83
N ARG D 222 10.66 -30.07 1.05
CA ARG D 222 10.69 -28.70 -0.51
CA ARG D 222 10.77 -29.70 -0.37
C ARG D 222 12.14 -28.79 -0.98
C ARG D 222 12.18 -29.51 -0.93
N THR D 223 13.10 -29.09 -0.07
CA THR D 223 14.52 -29.09 -0.42
C THR D 223 15.13 -30.49 -0.56
N GLN D 224 14.40 -31.56 -0.20
CA GLN D 224 14.91 -32.93 -0.22
C GLN D 224 14.24 -33.72 -1.35
N LYS D 225 15.04 -34.46 -2.11
CA LYS D 225 14.53 -35.21 -3.26
C LYS D 225 13.90 -36.54 -2.84
N GLU D 226 14.35 -37.07 -1.70
CA GLU D 226 13.86 -38.35 -1.17
C GLU D 226 12.35 -38.33 -0.91
N ILE D 227 11.71 -39.48 -1.11
CA ILE D 227 10.28 -39.64 -0.85
C ILE D 227 10.12 -40.34 0.52
N PRO D 228 9.41 -39.70 1.47
CA PRO D 228 9.33 -40.30 2.81
C PRO D 228 8.54 -41.61 2.86
N ASP D 229 9.01 -42.54 3.69
CA ASP D 229 8.40 -43.87 3.81
C ASP D 229 7.04 -43.82 4.52
N HIS D 230 6.13 -44.69 4.08
CA HIS D 230 4.74 -44.73 4.54
C HIS D 230 4.59 -44.80 6.07
N ALA D 231 5.42 -45.65 6.68
CA ALA D 231 5.41 -45.83 8.14
C ALA D 231 5.76 -44.52 8.85
N THR D 232 6.74 -43.80 8.32
CA THR D 232 7.16 -42.52 8.90
C THR D 232 6.01 -41.50 8.87
N LEU D 233 5.28 -41.47 7.76
CA LEU D 233 4.14 -40.54 7.62
C LEU D 233 3.01 -40.90 8.60
N LYS D 234 2.71 -42.19 8.73
CA LYS D 234 1.70 -42.67 9.65
C LYS D 234 2.05 -42.30 11.10
N GLU D 235 3.32 -42.53 11.45
CA GLU D 235 3.85 -42.21 12.78
CA GLU D 235 3.80 -42.22 12.79
C GLU D 235 3.74 -40.72 13.08
N THR D 236 4.03 -39.91 12.07
CA THR D 236 4.02 -38.46 12.22
C THR D 236 2.61 -37.95 12.45
N GLU D 237 1.66 -38.47 11.69
CA GLU D 237 0.27 -38.06 11.88
CA GLU D 237 0.25 -38.14 11.85
C GLU D 237 -0.21 -38.42 13.28
N ALA D 238 0.06 -39.64 13.72
CA ALA D 238 -0.33 -40.06 15.05
C ALA D 238 0.33 -39.23 16.14
N ARG D 239 1.62 -38.94 15.96
CA ARG D 239 2.34 -38.17 16.96
C ARG D 239 1.78 -36.75 17.06
N SER D 240 1.43 -36.15 15.93
CA SER D 240 0.94 -34.77 15.93
CA SER D 240 0.98 -34.76 15.97
C SER D 240 -0.28 -34.61 16.82
N ILE D 241 -1.20 -35.55 16.69
CA ILE D 241 -2.43 -35.42 17.47
C ILE D 241 -2.25 -35.82 18.92
N LYS D 242 -1.36 -36.77 19.21
CA LYS D 242 -1.02 -37.04 20.59
CA LYS D 242 -0.99 -37.05 20.59
C LYS D 242 -0.43 -35.78 21.24
N VAL D 243 0.45 -35.09 20.51
CA VAL D 243 1.08 -33.89 21.00
C VAL D 243 0.07 -32.79 21.27
N VAL D 244 -0.87 -32.55 20.34
CA VAL D 244 -1.79 -31.45 20.59
C VAL D 244 -2.70 -31.70 21.79
N VAL D 245 -3.08 -32.97 22.01
CA VAL D 245 -3.88 -33.31 23.17
C VAL D 245 -3.09 -33.10 24.47
N GLU D 246 -1.82 -33.49 24.46
CA GLU D 246 -0.97 -33.23 25.61
C GLU D 246 -0.77 -31.72 25.84
N ALA D 247 -0.66 -30.93 24.77
CA ALA D 247 -0.59 -29.49 24.93
C ALA D 247 -1.88 -28.92 25.53
N ALA D 248 -3.04 -29.45 25.12
CA ALA D 248 -4.31 -29.06 25.72
C ALA D 248 -4.33 -29.37 27.22
N ARG D 249 -3.84 -30.56 27.59
CA ARG D 249 -3.76 -30.93 29.01
CA ARG D 249 -3.76 -30.94 29.00
C ARG D 249 -2.97 -29.89 29.81
N LYS D 250 -1.85 -29.44 29.25
CA LYS D 250 -1.01 -28.45 29.90
C LYS D 250 -1.71 -27.10 30.02
N MET D 251 -2.56 -26.76 29.06
CA MET D 251 -3.30 -25.49 29.10
C MET D 251 -4.45 -25.49 30.11
N LEU D 252 -4.97 -26.66 30.43
N LEU D 252 -5.04 -26.64 30.41
CA LEU D 252 -6.11 -26.80 31.31
CA LEU D 252 -6.15 -26.65 31.37
C LEU D 252 -5.70 -26.89 32.77
C LEU D 252 -5.73 -27.09 32.77
N LYS D 253 -4.42 -27.18 33.02
CA LYS D 253 -3.92 -27.51 34.37
C LYS D 253 -4.11 -26.34 35.32
N LYS E 3 38.47 -7.12 12.95
CA LYS E 3 38.20 -6.08 11.91
C LYS E 3 37.65 -4.80 12.54
N THR E 4 37.35 -3.80 11.71
CA THR E 4 36.75 -2.53 12.16
C THR E 4 35.33 -2.29 11.57
N VAL E 5 34.61 -1.38 12.21
CA VAL E 5 33.25 -1.01 11.80
C VAL E 5 33.13 0.50 11.62
N PHE E 6 32.06 0.95 10.98
CA PHE E 6 31.98 2.37 10.61
C PHE E 6 31.58 3.31 11.77
N HIS E 7 30.73 2.85 12.71
CA HIS E 7 30.15 3.75 13.73
C HIS E 7 30.56 3.45 15.16
N LEU E 8 30.65 2.18 15.53
CA LEU E 8 30.81 1.82 16.96
C LEU E 8 32.20 2.06 17.55
N GLY E 9 33.23 2.13 16.72
CA GLY E 9 34.57 2.44 17.23
C GLY E 9 35.25 1.36 18.04
N VAL E 10 34.83 0.12 17.83
CA VAL E 10 35.39 -1.04 18.50
C VAL E 10 35.79 -2.07 17.45
N THR E 11 36.70 -2.96 17.82
CA THR E 11 37.15 -4.04 16.97
C THR E 11 36.66 -5.37 17.53
N GLU E 12 36.81 -6.44 16.74
CA GLU E 12 36.42 -7.75 17.21
C GLU E 12 37.26 -8.11 18.45
N ALA E 13 38.54 -7.79 18.43
CA ALA E 13 39.40 -8.07 19.56
C ALA E 13 38.91 -7.41 20.86
N ASP E 14 38.40 -6.19 20.75
CA ASP E 14 37.88 -5.48 21.92
C ASP E 14 36.76 -6.25 22.63
N LEU E 15 36.02 -7.09 21.90
CA LEU E 15 34.88 -7.79 22.49
C LEU E 15 35.28 -9.06 23.23
N ASN E 16 36.54 -9.47 23.09
CA ASN E 16 37.06 -10.62 23.85
CA ASN E 16 37.08 -10.62 23.83
C ASN E 16 36.20 -11.86 23.71
N GLY E 17 35.74 -12.11 22.49
CA GLY E 17 34.98 -13.29 22.17
C GLY E 17 33.49 -13.22 22.48
N ALA E 18 32.97 -12.07 22.91
CA ALA E 18 31.56 -11.99 23.23
C ALA E 18 30.69 -12.33 22.03
N THR E 19 29.65 -13.12 22.28
CA THR E 19 28.65 -13.40 21.24
C THR E 19 27.25 -12.95 21.66
N LEU E 20 27.12 -12.32 22.82
CA LEU E 20 25.87 -11.81 23.34
C LEU E 20 26.08 -10.36 23.72
N ALA E 21 25.09 -9.55 23.34
CA ALA E 21 25.06 -8.13 23.70
C ALA E 21 23.78 -7.78 24.41
N ILE E 22 23.91 -6.93 25.41
CA ILE E 22 22.78 -6.25 26.03
C ILE E 22 22.75 -4.85 25.44
N ILE E 23 21.58 -4.44 24.93
CA ILE E 23 21.46 -3.23 24.13
C ILE E 23 20.39 -2.30 24.70
N PRO E 24 20.73 -1.47 25.70
CA PRO E 24 19.81 -0.42 26.18
C PRO E 24 19.76 0.72 25.16
N GLY E 25 18.80 1.61 25.33
CA GLY E 25 18.71 2.77 24.47
C GLY E 25 19.62 3.92 24.84
N ASP E 26 19.64 4.23 26.14
CA ASP E 26 20.31 5.41 26.66
C ASP E 26 21.79 5.08 26.90
N PRO E 27 22.72 5.84 26.28
CA PRO E 27 24.14 5.61 26.51
C PRO E 27 24.52 5.61 28.00
N ALA E 28 23.83 6.39 28.83
CA ALA E 28 24.15 6.46 30.27
C ALA E 28 23.83 5.16 31.02
N ARG E 29 22.99 4.30 30.45
CA ARG E 29 22.59 3.05 31.08
CA ARG E 29 22.62 3.06 31.10
C ARG E 29 23.68 1.98 30.89
N VAL E 30 24.59 2.17 29.92
CA VAL E 30 25.54 1.13 29.56
C VAL E 30 26.46 0.79 30.72
N GLN E 31 27.07 1.80 31.32
CA GLN E 31 27.98 1.57 32.46
C GLN E 31 27.22 0.90 33.61
N LYS E 32 25.96 1.32 33.85
CA LYS E 32 25.15 0.76 34.93
C LYS E 32 24.94 -0.74 34.76
N ILE E 33 24.66 -1.15 33.54
CA ILE E 33 24.45 -2.55 33.24
C ILE E 33 25.78 -3.29 33.39
N ALA E 34 26.84 -2.74 32.80
CA ALA E 34 28.15 -3.40 32.84
C ALA E 34 28.60 -3.65 34.27
N GLU E 35 28.34 -2.70 35.17
CA GLU E 35 28.78 -2.82 36.55
C GLU E 35 27.99 -3.83 37.36
N LEU E 36 26.89 -4.34 36.83
CA LEU E 36 26.22 -5.49 37.44
C LEU E 36 26.97 -6.80 37.19
N MET E 37 27.93 -6.79 36.27
CA MET E 37 28.68 -7.98 35.88
C MET E 37 30.12 -7.81 36.37
N ASP E 38 30.99 -8.74 36.02
CA ASP E 38 32.35 -8.75 36.52
C ASP E 38 33.28 -8.06 35.53
N ASN E 39 34.33 -7.45 36.06
CA ASN E 39 35.37 -6.84 35.23
C ASN E 39 34.83 -5.94 34.11
N PRO E 40 33.97 -4.98 34.44
CA PRO E 40 33.48 -4.07 33.40
C PRO E 40 34.62 -3.19 32.87
N VAL E 41 34.66 -3.04 31.54
CA VAL E 41 35.69 -2.27 30.85
C VAL E 41 35.02 -1.35 29.83
N PHE E 42 35.28 -0.06 29.92
CA PHE E 42 34.87 0.91 28.91
C PHE E 42 35.63 0.69 27.62
N LEU E 43 34.93 0.55 26.50
CA LEU E 43 35.57 0.38 25.21
C LEU E 43 35.57 1.63 24.34
N ALA E 44 34.42 2.26 24.14
CA ALA E 44 34.34 3.41 23.26
C ALA E 44 33.04 4.17 23.48
N SER E 45 33.06 5.43 23.10
CA SER E 45 31.83 6.20 23.01
C SER E 45 31.94 7.12 21.79
N HIS E 46 30.98 6.97 20.87
CA HIS E 46 30.88 7.80 19.68
CA HIS E 46 30.89 7.77 19.65
C HIS E 46 29.41 7.99 19.38
N ARG E 47 28.99 9.23 19.19
CA ARG E 47 27.60 9.52 18.90
CA ARG E 47 27.61 9.57 18.94
C ARG E 47 26.76 8.91 20.03
N GLU E 48 25.64 8.28 19.69
CA GLU E 48 24.76 7.63 20.70
C GLU E 48 25.24 6.26 21.16
N TYR E 49 26.42 5.84 20.71
CA TYR E 49 26.92 4.50 20.94
C TYR E 49 28.02 4.46 21.99
N THR E 50 27.65 4.07 23.20
CA THR E 50 28.63 3.79 24.26
C THR E 50 28.71 2.29 24.40
N VAL E 51 29.95 1.80 24.44
CA VAL E 51 30.22 0.36 24.40
C VAL E 51 31.12 -0.02 25.57
N TYR E 52 30.68 -1.02 26.33
CA TYR E 52 31.46 -1.65 27.41
C TYR E 52 31.51 -3.15 27.16
N ARG E 53 32.52 -3.79 27.74
CA ARG E 53 32.59 -5.23 27.86
CA ARG E 53 32.45 -5.23 27.88
C ARG E 53 32.50 -5.59 29.36
N ALA E 54 32.01 -6.77 29.70
CA ALA E 54 32.09 -7.29 31.05
C ALA E 54 32.09 -8.82 30.97
N GLU E 55 32.13 -9.48 32.11
CA GLU E 55 32.13 -10.93 32.17
C GLU E 55 31.00 -11.41 33.04
N LEU E 56 30.32 -12.44 32.58
CA LEU E 56 29.18 -13.02 33.24
C LEU E 56 29.42 -14.52 33.29
N ASP E 57 29.55 -15.06 34.49
CA ASP E 57 29.87 -16.46 34.67
C ASP E 57 31.08 -16.84 33.83
N GLY E 58 32.06 -15.94 33.78
CA GLY E 58 33.31 -16.18 33.07
C GLY E 58 33.30 -15.93 31.58
N GLN E 59 32.15 -15.56 31.02
CA GLN E 59 32.02 -15.35 29.58
C GLN E 59 31.89 -13.87 29.27
N SER E 60 32.52 -13.44 28.20
CA SER E 60 32.46 -12.04 27.79
CA SER E 60 32.47 -12.05 27.79
C SER E 60 31.08 -11.67 27.26
N VAL E 61 30.60 -10.50 27.68
CA VAL E 61 29.30 -9.92 27.28
CA VAL E 61 29.38 -9.96 27.13
C VAL E 61 29.60 -8.48 26.85
N VAL E 62 28.98 -8.02 25.78
CA VAL E 62 29.11 -6.63 25.41
CA VAL E 62 29.04 -6.63 25.35
C VAL E 62 27.81 -5.89 25.80
N VAL E 63 27.96 -4.64 26.18
CA VAL E 63 26.82 -3.75 26.47
C VAL E 63 26.98 -2.55 25.54
N CYS E 64 25.98 -2.24 24.72
CA CYS E 64 26.10 -1.21 23.71
C CYS E 64 24.78 -0.47 23.61
N SER E 65 24.79 0.85 23.74
CA SER E 65 23.57 1.60 23.55
C SER E 65 23.18 1.68 22.08
N THR E 66 21.88 1.90 21.85
CA THR E 66 21.31 1.96 20.52
C THR E 66 20.95 3.35 20.06
N GLY E 67 20.76 4.29 21.00
CA GLY E 67 20.03 5.51 20.68
C GLY E 67 18.54 5.23 20.57
N ILE E 68 17.77 6.29 20.31
CA ILE E 68 16.34 6.19 20.09
C ILE E 68 16.06 5.87 18.62
N GLY E 69 15.24 4.85 18.42
CA GLY E 69 14.68 4.56 17.11
C GLY E 69 15.34 3.41 16.39
N GLY E 70 14.58 2.86 15.46
CA GLY E 70 15.05 1.79 14.59
C GLY E 70 16.31 2.10 13.79
N PRO E 71 16.42 3.30 13.20
CA PRO E 71 17.62 3.55 12.37
C PRO E 71 18.92 3.41 13.15
N SER E 72 19.02 4.08 14.28
CA SER E 72 20.29 3.98 15.03
CA SER E 72 20.20 4.02 15.14
C SER E 72 20.47 2.59 15.62
N THR E 73 19.38 1.93 16.01
CA THR E 73 19.45 0.55 16.48
C THR E 73 20.00 -0.36 15.41
N SER E 74 19.52 -0.19 14.18
CA SER E 74 19.90 -1.07 13.09
C SER E 74 21.41 -1.01 12.81
N ILE E 75 22.01 0.16 12.96
CA ILE E 75 23.46 0.28 12.79
C ILE E 75 24.19 -0.50 13.87
N ALA E 76 23.79 -0.32 15.13
CA ALA E 76 24.48 -1.00 16.22
C ALA E 76 24.39 -2.52 16.07
N VAL E 77 23.20 -3.02 15.75
CA VAL E 77 23.03 -4.45 15.63
C VAL E 77 23.87 -5.00 14.49
N GLU E 78 23.84 -4.32 13.33
CA GLU E 78 24.63 -4.79 12.20
C GLU E 78 26.12 -4.84 12.54
N GLU E 79 26.63 -3.77 13.12
CA GLU E 79 28.06 -3.66 13.38
C GLU E 79 28.49 -4.65 14.48
N LEU E 80 27.67 -4.84 15.51
CA LEU E 80 27.97 -5.87 16.47
C LEU E 80 27.95 -7.26 15.84
N ALA E 81 27.00 -7.53 14.94
CA ALA E 81 26.99 -8.81 14.25
C ALA E 81 28.24 -9.00 13.38
N GLN E 82 28.71 -7.95 12.72
CA GLN E 82 29.97 -8.03 11.98
C GLN E 82 31.14 -8.43 12.89
N LEU E 83 31.06 -8.09 14.17
CA LEU E 83 32.10 -8.38 15.14
C LEU E 83 31.83 -9.64 15.94
N GLY E 84 30.85 -10.45 15.52
CA GLY E 84 30.64 -11.76 16.08
C GLY E 84 29.45 -11.94 17.03
N VAL E 85 28.73 -10.87 17.31
CA VAL E 85 27.58 -10.99 18.23
C VAL E 85 26.41 -11.65 17.50
N ARG E 86 25.77 -12.58 18.18
CA ARG E 86 24.67 -13.34 17.60
C ARG E 86 23.37 -13.27 18.40
N THR E 87 23.42 -12.83 19.66
CA THR E 87 22.27 -12.75 20.54
C THR E 87 22.20 -11.34 21.12
N PHE E 88 21.01 -10.74 21.05
CA PHE E 88 20.78 -9.34 21.42
C PHE E 88 19.61 -9.26 22.41
N LEU E 89 19.89 -8.75 23.61
CA LEU E 89 18.86 -8.60 24.63
CA LEU E 89 18.90 -8.60 24.66
C LEU E 89 18.64 -7.12 24.83
N ARG E 90 17.46 -6.67 24.40
CA ARG E 90 17.05 -5.28 24.56
C ARG E 90 16.37 -5.06 25.89
N VAL E 91 16.78 -4.00 26.60
CA VAL E 91 16.11 -3.53 27.79
C VAL E 91 15.80 -2.06 27.56
N GLY E 92 14.58 -1.66 27.90
N GLY E 92 14.71 -1.61 28.15
CA GLY E 92 14.10 -0.30 27.62
CA GLY E 92 14.40 -0.19 28.13
C GLY E 92 12.86 0.03 28.43
C GLY E 92 13.15 0.10 28.91
N THR E 93 12.62 1.30 28.68
CA THR E 93 11.42 1.75 29.33
C THR E 93 10.26 1.77 28.35
N THR E 94 9.04 1.82 28.89
CA THR E 94 7.87 1.80 28.04
C THR E 94 6.69 2.48 28.68
N GLY E 95 5.73 2.85 27.83
CA GLY E 95 4.44 3.37 28.29
C GLY E 95 3.38 2.32 28.06
N ALA E 96 2.72 1.87 29.13
CA ALA E 96 1.63 0.93 28.99
C ALA E 96 0.38 1.66 28.50
N ILE E 97 -0.45 0.93 27.77
CA ILE E 97 -1.73 1.46 27.30
C ILE E 97 -2.94 0.72 27.85
N GLN E 98 -2.74 -0.37 28.58
CA GLN E 98 -3.81 -1.14 29.17
C GLN E 98 -4.02 -0.72 30.61
N PRO E 99 -5.27 -0.55 31.02
CA PRO E 99 -5.53 -0.21 32.44
C PRO E 99 -4.99 -1.25 33.43
N HIS E 100 -4.93 -2.53 33.07
CA HIS E 100 -4.53 -3.59 34.02
C HIS E 100 -3.02 -3.72 34.17
N VAL E 101 -2.24 -2.98 33.37
N VAL E 101 -2.28 -3.00 33.35
CA VAL E 101 -0.77 -3.05 33.38
CA VAL E 101 -0.86 -2.95 33.52
C VAL E 101 -0.23 -1.83 34.17
C VAL E 101 -0.54 -1.77 34.39
N ASN E 102 0.25 -2.05 35.41
CA ASN E 102 0.60 -0.99 36.31
C ASN E 102 1.99 -0.44 36.10
N VAL E 103 2.16 0.82 36.42
CA VAL E 103 3.49 1.38 36.53
C VAL E 103 4.34 0.50 37.46
N GLY E 104 5.54 0.16 37.00
CA GLY E 104 6.43 -0.73 37.74
C GLY E 104 6.38 -2.18 37.31
N ASP E 105 5.36 -2.55 36.55
CA ASP E 105 5.30 -3.89 35.98
C ASP E 105 6.37 -4.04 34.89
N MET E 106 6.60 -5.27 34.46
CA MET E 106 7.49 -5.53 33.35
CA MET E 106 7.53 -5.58 33.37
C MET E 106 6.73 -6.17 32.20
N ILE E 107 7.22 -5.91 30.99
CA ILE E 107 6.62 -6.49 29.78
C ILE E 107 7.71 -7.19 29.00
N VAL E 108 7.42 -8.42 28.56
CA VAL E 108 8.27 -9.14 27.60
C VAL E 108 7.45 -9.23 26.31
N THR E 109 7.99 -8.68 25.24
CA THR E 109 7.29 -8.58 23.95
C THR E 109 7.25 -9.95 23.27
N THR E 110 6.05 -10.39 22.88
CA THR E 110 5.89 -11.61 22.08
C THR E 110 5.82 -11.31 20.59
N GLY E 111 5.57 -10.05 20.23
CA GLY E 111 5.51 -9.62 18.85
C GLY E 111 5.27 -8.13 18.85
N SER E 112 5.71 -7.46 17.81
CA SER E 112 5.54 -6.00 17.70
C SER E 112 4.71 -5.60 16.51
N VAL E 113 3.86 -4.60 16.76
CA VAL E 113 3.18 -3.87 15.69
C VAL E 113 4.22 -2.98 15.04
N ARG E 114 4.41 -3.17 13.73
CA ARG E 114 5.49 -2.52 12.98
C ARG E 114 5.06 -1.12 12.51
N LEU E 115 5.12 -0.15 13.45
CA LEU E 115 4.78 1.25 13.18
C LEU E 115 6.07 2.06 12.93
N ASP E 116 7.08 1.36 12.39
N ASP E 116 7.04 1.36 12.33
CA ASP E 116 8.41 1.91 12.13
CA ASP E 116 8.38 1.83 12.06
C ASP E 116 8.60 2.00 10.62
C ASP E 116 8.71 1.67 10.59
N GLY E 117 9.81 2.27 10.20
CA GLY E 117 10.26 2.17 8.83
C GLY E 117 11.40 1.21 8.59
N ALA E 118 12.32 1.09 9.56
CA ALA E 118 13.51 0.31 9.30
C ALA E 118 13.22 -1.16 9.20
N SER E 119 12.18 -1.68 9.84
CA SER E 119 11.88 -3.09 9.70
C SER E 119 11.70 -3.48 8.22
N LEU E 120 11.09 -2.59 7.43
CA LEU E 120 10.84 -2.80 6.01
C LEU E 120 12.12 -2.87 5.17
N HIS E 121 13.25 -2.45 5.76
CA HIS E 121 14.54 -2.56 5.10
C HIS E 121 15.14 -3.94 5.26
N PHE E 122 14.48 -4.83 6.02
CA PHE E 122 14.88 -6.21 6.24
C PHE E 122 13.87 -7.23 5.76
N ALA E 123 12.58 -6.93 5.89
CA ALA E 123 11.56 -7.87 5.49
C ALA E 123 10.31 -7.09 5.15
N PRO E 124 9.49 -7.59 4.20
CA PRO E 124 8.24 -6.91 3.87
C PRO E 124 7.29 -6.97 5.06
N MET E 125 6.25 -6.12 5.03
CA MET E 125 5.39 -5.89 6.20
C MET E 125 4.71 -7.17 6.68
N GLU E 126 4.46 -8.14 5.79
CA GLU E 126 3.82 -9.41 6.14
CA GLU E 126 3.77 -9.33 6.23
C GLU E 126 4.61 -10.19 7.18
N PHE E 127 5.94 -9.99 7.21
CA PHE E 127 6.80 -10.78 8.09
C PHE E 127 6.58 -10.36 9.57
N PRO E 128 6.52 -11.32 10.48
CA PRO E 128 6.24 -10.97 11.87
C PRO E 128 7.46 -10.42 12.62
N ALA E 129 7.26 -9.34 13.35
CA ALA E 129 8.29 -8.80 14.23
C ALA E 129 8.23 -9.58 15.54
N VAL E 130 8.82 -10.80 15.56
N VAL E 130 9.00 -10.68 15.55
CA VAL E 130 8.71 -11.65 16.75
CA VAL E 130 8.88 -11.74 16.52
C VAL E 130 10.10 -11.98 17.28
C VAL E 130 10.21 -11.97 17.25
N PRO E 131 10.21 -12.17 18.59
CA PRO E 131 11.47 -12.49 19.24
C PRO E 131 11.85 -13.94 19.01
N ASP E 132 13.13 -14.20 19.22
CA ASP E 132 13.60 -15.57 19.40
C ASP E 132 12.93 -16.20 20.62
N PHE E 133 12.45 -17.43 20.48
CA PHE E 133 11.70 -18.06 21.55
C PHE E 133 12.55 -18.32 22.79
N ASP E 134 13.81 -18.69 22.60
CA ASP E 134 14.69 -18.88 23.75
C ASP E 134 14.92 -17.57 24.50
N VAL E 135 15.16 -16.48 23.77
CA VAL E 135 15.35 -15.19 24.45
C VAL E 135 14.10 -14.76 25.20
N ALA E 136 12.94 -14.87 24.55
CA ALA E 136 11.70 -14.49 25.23
C ALA E 136 11.47 -15.35 26.48
N THR E 137 11.75 -16.64 26.38
CA THR E 137 11.62 -17.56 27.51
C THR E 137 12.54 -17.16 28.66
N ALA E 138 13.79 -16.84 28.33
CA ALA E 138 14.78 -16.41 29.33
C ALA E 138 14.34 -15.11 29.99
N MET E 139 13.85 -14.15 29.19
CA MET E 139 13.41 -12.90 29.74
CA MET E 139 13.36 -12.87 29.68
C MET E 139 12.20 -13.07 30.66
N LYS E 140 11.22 -13.89 30.27
CA LYS E 140 10.09 -14.15 31.13
CA LYS E 140 10.08 -14.16 31.12
C LYS E 140 10.55 -14.76 32.44
N ALA E 141 11.43 -15.75 32.37
CA ALA E 141 11.89 -16.42 33.58
C ALA E 141 12.64 -15.47 34.49
N ALA E 142 13.54 -14.67 33.93
CA ALA E 142 14.29 -13.73 34.73
C ALA E 142 13.37 -12.69 35.38
N ALA E 143 12.42 -12.19 34.59
CA ALA E 143 11.50 -11.20 35.10
C ALA E 143 10.63 -11.78 36.22
N GLN E 144 10.07 -12.96 36.02
CA GLN E 144 9.24 -13.56 37.06
C GLN E 144 10.07 -13.92 38.30
N GLU E 145 11.27 -14.45 38.12
CA GLU E 145 12.12 -14.82 39.28
C GLU E 145 12.46 -13.60 40.12
N SER E 146 12.49 -12.41 39.52
CA SER E 146 12.81 -11.21 40.28
C SER E 146 11.72 -10.82 41.24
N GLY E 147 10.51 -11.36 41.08
CA GLY E 147 9.36 -10.98 41.87
C GLY E 147 8.48 -9.94 41.21
N ALA E 148 8.85 -9.51 40.01
CA ALA E 148 8.06 -8.54 39.25
C ALA E 148 6.72 -9.11 38.82
N THR E 149 5.77 -8.22 38.56
CA THR E 149 4.54 -8.59 37.86
C THR E 149 4.86 -8.46 36.36
N VAL E 150 4.72 -9.55 35.62
CA VAL E 150 5.22 -9.64 34.25
C VAL E 150 4.08 -9.92 33.30
N HIS E 151 4.04 -9.18 32.19
CA HIS E 151 3.05 -9.38 31.13
C HIS E 151 3.76 -9.78 29.85
N MET E 152 3.25 -10.84 29.22
CA MET E 152 3.70 -11.26 27.90
C MET E 152 2.68 -10.74 26.89
N GLY E 153 3.12 -10.10 25.82
CA GLY E 153 2.17 -9.72 24.79
C GLY E 153 2.73 -8.81 23.76
N VAL E 154 1.81 -8.23 23.01
CA VAL E 154 2.14 -7.45 21.82
C VAL E 154 2.47 -6.01 22.20
N THR E 155 3.49 -5.47 21.55
CA THR E 155 3.98 -4.11 21.75
C THR E 155 3.82 -3.32 20.47
N ALA E 156 3.34 -2.08 20.56
CA ALA E 156 3.29 -1.20 19.40
C ALA E 156 4.59 -0.42 19.32
N SER E 157 5.31 -0.56 18.21
CA SER E 157 6.65 0.00 18.09
C SER E 157 6.65 1.09 17.04
N SER E 158 6.77 2.33 17.52
CA SER E 158 6.54 3.54 16.74
C SER E 158 7.83 4.28 16.39
N ASP E 159 7.91 4.78 15.15
CA ASP E 159 8.99 5.69 14.75
C ASP E 159 8.91 7.08 15.33
N THR E 160 7.83 7.42 16.05
CA THR E 160 7.75 8.69 16.76
C THR E 160 7.31 8.49 18.21
N PHE E 161 7.69 9.42 19.06
CA PHE E 161 7.22 9.47 20.42
C PHE E 161 5.85 10.14 20.50
N TYR E 162 5.60 11.07 19.58
CA TYR E 162 4.45 11.98 19.69
C TYR E 162 3.28 11.48 18.81
N PRO E 163 3.19 11.81 17.51
CA PRO E 163 1.95 11.41 16.80
C PRO E 163 1.70 9.92 16.67
N GLY E 164 2.77 9.15 16.50
CA GLY E 164 2.61 7.70 16.34
C GLY E 164 2.24 6.99 17.62
N GLN E 165 2.33 7.69 18.76
CA GLN E 165 1.79 7.20 20.03
C GLN E 165 0.51 7.96 20.39
N GLU E 166 -0.05 8.65 19.41
CA GLU E 166 -1.29 9.43 19.55
C GLU E 166 -1.25 10.40 20.75
N ARG E 167 -0.15 11.13 20.89
CA ARG E 167 -0.07 12.25 21.83
C ARG E 167 -0.53 13.51 21.13
N TYR E 168 -1.43 14.24 21.80
CA TYR E 168 -1.96 15.50 21.31
C TYR E 168 -1.39 16.74 22.00
N ASP E 169 -0.68 16.60 23.12
CA ASP E 169 -0.17 17.79 23.83
CA ASP E 169 -0.15 17.77 23.86
C ASP E 169 1.17 18.18 23.23
N THR E 170 1.09 18.74 22.04
CA THR E 170 2.22 18.96 21.17
C THR E 170 2.14 20.33 20.54
N PHE E 171 3.19 20.69 19.81
CA PHE E 171 3.24 21.97 19.16
C PHE E 171 2.04 22.22 18.24
N THR E 172 1.70 21.26 17.38
CA THR E 172 0.56 21.47 16.50
C THR E 172 -0.74 20.97 17.09
N GLY E 173 -0.70 20.02 18.02
CA GLY E 173 -1.91 19.43 18.56
C GLY E 173 -2.64 18.54 17.58
N ARG E 174 -1.98 18.19 16.47
CA ARG E 174 -2.59 17.36 15.44
CA ARG E 174 -2.64 17.35 15.49
CA ARG E 174 -2.53 17.41 15.31
C ARG E 174 -1.94 16.02 15.36
N VAL E 175 -2.71 15.02 14.96
CA VAL E 175 -2.19 13.68 14.66
C VAL E 175 -2.72 13.32 13.26
N VAL E 176 -1.81 12.87 12.39
CA VAL E 176 -2.16 12.49 11.03
C VAL E 176 -3.22 11.38 11.05
N ARG E 177 -4.02 11.35 9.98
CA ARG E 177 -5.16 10.45 9.90
CA ARG E 177 -5.14 10.45 9.86
C ARG E 177 -4.81 9.01 10.26
N ARG E 178 -3.70 8.48 9.76
CA ARG E 178 -3.26 7.12 10.03
C ARG E 178 -3.34 6.80 11.53
N PHE E 179 -2.93 7.77 12.37
CA PHE E 179 -2.80 7.53 13.80
C PHE E 179 -3.95 8.06 14.65
N GLN E 180 -4.91 8.76 14.04
N GLN E 180 -4.90 8.77 14.05
CA GLN E 180 -6.10 9.19 14.78
CA GLN E 180 -6.08 9.20 14.80
C GLN E 180 -6.88 7.98 15.22
C GLN E 180 -6.88 7.98 15.22
N GLY E 181 -7.21 7.90 16.51
CA GLY E 181 -7.93 6.76 17.06
C GLY E 181 -7.10 5.53 17.27
N SER E 182 -5.80 5.60 16.98
CA SER E 182 -4.97 4.40 17.02
C SER E 182 -4.73 3.86 18.42
N MET E 183 -4.59 4.71 19.44
CA MET E 183 -4.35 4.13 20.74
CA MET E 183 -4.45 4.26 20.83
C MET E 183 -5.56 3.28 21.20
N LYS E 184 -6.79 3.76 20.98
CA LYS E 184 -7.98 2.97 21.30
CA LYS E 184 -7.96 2.96 21.31
CA LYS E 184 -7.96 2.96 21.31
C LYS E 184 -7.99 1.66 20.49
N GLU E 185 -7.64 1.74 19.22
CA GLU E 185 -7.60 0.54 18.38
CA GLU E 185 -7.59 0.56 18.39
C GLU E 185 -6.64 -0.48 18.97
N TRP E 186 -5.42 -0.06 19.31
CA TRP E 186 -4.46 -0.99 19.90
C TRP E 186 -4.93 -1.51 21.25
N GLN E 187 -5.54 -0.63 22.06
CA GLN E 187 -6.07 -1.08 23.34
C GLN E 187 -7.08 -2.20 23.15
N ASP E 188 -8.00 -2.01 22.21
CA ASP E 188 -9.05 -2.99 21.97
C ASP E 188 -8.50 -4.29 21.42
N MET E 189 -7.37 -4.23 20.71
CA MET E 189 -6.68 -5.42 20.20
C MET E 189 -5.76 -6.07 21.22
N GLY E 190 -5.72 -5.56 22.46
CA GLY E 190 -4.95 -6.19 23.50
C GLY E 190 -3.48 -5.83 23.54
N VAL E 191 -3.05 -4.86 22.75
CA VAL E 191 -1.66 -4.40 22.76
C VAL E 191 -1.32 -3.81 24.12
N LEU E 192 -0.14 -4.14 24.65
CA LEU E 192 0.20 -3.76 26.02
C LEU E 192 0.78 -2.37 26.16
N ASN E 193 1.59 -1.93 25.19
CA ASN E 193 2.52 -0.85 25.43
C ASN E 193 3.04 -0.26 24.14
N PHE E 194 3.65 0.91 24.25
CA PHE E 194 4.37 1.59 23.18
C PHE E 194 5.87 1.69 23.52
N GLU E 195 6.70 1.50 22.50
CA GLU E 195 8.10 1.91 22.56
C GLU E 195 8.53 2.15 21.10
N MET E 196 9.84 2.30 20.86
CA MET E 196 10.30 2.85 19.59
C MET E 196 11.38 2.04 18.86
N GLU E 197 11.76 0.86 19.33
CA GLU E 197 12.86 0.12 18.69
C GLU E 197 12.56 -1.36 18.40
N SER E 198 11.58 -1.96 19.07
CA SER E 198 11.42 -3.41 18.98
CA SER E 198 11.37 -3.39 19.00
C SER E 198 11.04 -3.89 17.59
N ALA E 199 10.21 -3.17 16.85
CA ALA E 199 9.83 -3.67 15.53
C ALA E 199 11.07 -3.80 14.65
N THR E 200 11.93 -2.80 14.66
CA THR E 200 13.14 -2.86 13.87
C THR E 200 14.03 -4.00 14.36
N LEU E 201 14.30 -4.02 15.67
CA LEU E 201 15.20 -5.02 16.21
C LEU E 201 14.74 -6.44 15.91
N LEU E 202 13.47 -6.71 16.22
CA LEU E 202 12.98 -8.07 16.10
C LEU E 202 12.91 -8.49 14.64
N THR E 203 12.44 -7.62 13.76
CA THR E 203 12.35 -7.98 12.35
C THR E 203 13.73 -8.20 11.78
N MET E 204 14.65 -7.28 12.02
CA MET E 204 16.01 -7.40 11.55
CA MET E 204 15.98 -7.44 11.47
C MET E 204 16.61 -8.74 11.98
N CYS E 205 16.51 -9.04 13.26
CA CYS E 205 17.17 -10.24 13.76
C CYS E 205 16.51 -11.52 13.30
N ALA E 206 15.18 -11.57 13.34
CA ALA E 206 14.44 -12.78 12.96
C ALA E 206 14.62 -13.12 11.50
N SER E 207 14.95 -12.13 10.66
CA SER E 207 15.16 -12.35 9.23
C SER E 207 16.65 -12.48 8.85
N SER E 208 17.55 -12.40 9.84
CA SER E 208 19.01 -12.37 9.61
C SER E 208 19.76 -13.40 10.41
N GLY E 209 19.10 -14.35 11.03
CA GLY E 209 19.80 -15.40 11.75
C GLY E 209 20.41 -14.96 13.07
N LEU E 210 19.84 -13.94 13.69
CA LEU E 210 20.29 -13.41 14.97
C LEU E 210 19.16 -13.63 15.98
N LYS E 211 19.51 -13.91 17.23
CA LYS E 211 18.52 -14.12 18.28
CA LYS E 211 18.52 -14.13 18.28
C LYS E 211 18.30 -12.81 19.03
N ALA E 212 17.05 -12.39 19.18
CA ALA E 212 16.75 -11.13 19.88
C ALA E 212 15.49 -11.27 20.70
N GLY E 213 15.41 -10.43 21.73
CA GLY E 213 14.20 -10.26 22.50
C GLY E 213 14.22 -8.93 23.23
N CYS E 214 13.08 -8.55 23.79
N CYS E 214 13.07 -8.56 23.76
CA CYS E 214 12.90 -7.25 24.46
CA CYS E 214 12.88 -7.30 24.47
C CYS E 214 12.14 -7.37 25.76
C CYS E 214 12.28 -7.57 25.86
N VAL E 215 12.72 -6.77 26.81
CA VAL E 215 12.08 -6.65 28.13
C VAL E 215 12.04 -5.17 28.48
N ALA E 216 10.98 -4.74 29.14
CA ALA E 216 10.80 -3.32 29.44
C ALA E 216 10.12 -3.14 30.77
N GLY E 217 10.55 -2.09 31.47
CA GLY E 217 9.87 -1.64 32.66
C GLY E 217 8.85 -0.54 32.33
N VAL E 218 7.67 -0.64 32.93
CA VAL E 218 6.62 0.31 32.67
C VAL E 218 6.85 1.57 33.51
N ILE E 219 7.09 2.69 32.85
CA ILE E 219 7.36 3.95 33.54
C ILE E 219 6.15 4.87 33.59
N ILE E 220 5.24 4.75 32.64
CA ILE E 220 3.98 5.46 32.68
CA ILE E 220 4.00 5.52 32.57
C ILE E 220 2.89 4.59 32.10
N ASN E 221 1.66 4.93 32.47
CA ASN E 221 0.46 4.31 31.91
C ASN E 221 -0.31 5.44 31.24
N ARG E 222 -0.57 5.29 29.95
CA ARG E 222 -1.22 6.30 29.14
C ARG E 222 -2.68 6.55 29.53
N THR E 223 -3.28 5.68 30.32
CA THR E 223 -4.62 5.94 30.85
C THR E 223 -4.54 6.73 32.16
N GLN E 224 -3.34 7.14 32.60
N GLN E 224 -3.34 7.06 32.61
CA GLN E 224 -3.12 7.72 33.94
CA GLN E 224 -3.10 7.79 33.84
C GLN E 224 -2.45 9.10 33.94
C GLN E 224 -2.26 8.97 33.44
N LYS E 225 -1.14 9.19 34.08
CA LYS E 225 -0.43 10.45 33.95
C LYS E 225 0.85 10.29 33.13
N GLU E 226 1.36 11.41 32.62
CA GLU E 226 2.57 11.45 31.79
C GLU E 226 3.86 11.63 32.56
N ILE E 227 3.81 12.19 33.77
CA ILE E 227 5.03 12.55 34.52
C ILE E 227 5.29 11.49 35.59
N PRO E 228 6.37 10.70 35.44
CA PRO E 228 6.62 9.65 36.43
C PRO E 228 7.10 10.17 37.78
N ASP E 229 6.80 9.40 38.82
CA ASP E 229 7.32 9.63 40.15
C ASP E 229 8.75 9.10 40.23
N HIS E 230 9.66 9.92 40.79
CA HIS E 230 11.10 9.63 40.64
C HIS E 230 11.55 8.38 41.34
N ALA E 231 11.10 8.09 42.55
CA ALA E 231 11.58 6.92 43.26
C ALA E 231 11.03 5.66 42.61
N THR E 232 9.77 5.69 42.21
CA THR E 232 9.17 4.57 41.51
C THR E 232 9.92 4.26 40.22
N LEU E 233 10.22 5.32 39.44
CA LEU E 233 10.96 5.19 38.19
CA LEU E 233 10.92 5.12 38.18
C LEU E 233 12.32 4.54 38.44
N LYS E 234 13.04 5.07 39.43
CA LYS E 234 14.39 4.57 39.72
CA LYS E 234 14.37 4.57 39.78
C LYS E 234 14.34 3.09 40.10
N GLU E 235 13.36 2.69 40.90
CA GLU E 235 13.25 1.28 41.27
CA GLU E 235 13.24 1.28 41.28
CA GLU E 235 13.18 1.29 41.29
C GLU E 235 12.93 0.40 40.07
N THR E 236 12.05 0.87 39.20
CA THR E 236 11.72 0.12 37.99
C THR E 236 12.95 -0.04 37.10
N GLU E 237 13.68 1.04 36.90
CA GLU E 237 14.86 0.97 36.03
C GLU E 237 15.91 0.03 36.59
N ALA E 238 16.11 0.06 37.91
CA ALA E 238 17.11 -0.81 38.55
C ALA E 238 16.71 -2.27 38.41
N ARG E 239 15.42 -2.57 38.60
CA ARG E 239 14.93 -3.94 38.45
CA ARG E 239 14.98 -3.95 38.46
C ARG E 239 15.11 -4.41 37.02
N SER E 240 14.82 -3.54 36.06
CA SER E 240 14.88 -3.95 34.65
CA SER E 240 14.86 -3.95 34.65
C SER E 240 16.28 -4.38 34.24
N ILE E 241 17.30 -3.64 34.67
CA ILE E 241 18.65 -4.03 34.29
C ILE E 241 19.15 -5.26 35.05
N LYS E 242 18.70 -5.46 36.30
CA LYS E 242 19.04 -6.72 36.94
CA LYS E 242 18.98 -6.71 37.00
C LYS E 242 18.38 -7.90 36.22
N VAL E 243 17.15 -7.71 35.76
CA VAL E 243 16.47 -8.75 35.02
C VAL E 243 17.15 -9.07 33.69
N VAL E 244 17.58 -8.06 32.94
CA VAL E 244 18.19 -8.35 31.66
C VAL E 244 19.52 -9.09 31.82
N VAL E 245 20.28 -8.76 32.88
CA VAL E 245 21.52 -9.47 33.14
C VAL E 245 21.25 -10.93 33.51
N GLU E 246 20.22 -11.19 34.32
CA GLU E 246 19.86 -12.56 34.61
CA GLU E 246 19.82 -12.56 34.63
C GLU E 246 19.35 -13.30 33.37
N ALA E 247 18.64 -12.62 32.48
CA ALA E 247 18.22 -13.25 31.22
C ALA E 247 19.45 -13.62 30.38
N ALA E 248 20.46 -12.73 30.36
CA ALA E 248 21.71 -13.04 29.68
C ALA E 248 22.37 -14.27 30.26
N ARG E 249 22.39 -14.40 31.59
CA ARG E 249 22.94 -15.56 32.23
CA ARG E 249 22.96 -15.59 32.21
C ARG E 249 22.27 -16.85 31.73
N LYS E 250 20.95 -16.80 31.60
CA LYS E 250 20.15 -17.92 31.12
C LYS E 250 20.45 -18.28 29.67
N MET E 251 20.89 -17.31 28.88
CA MET E 251 21.21 -17.55 27.48
C MET E 251 22.62 -18.10 27.27
N LEU E 252 23.52 -17.91 28.23
CA LEU E 252 24.88 -18.41 28.06
C LEU E 252 24.92 -19.93 27.92
N LYS E 253 25.79 -20.43 27.05
CA LYS E 253 25.96 -21.86 26.79
C LYS E 253 27.24 -22.36 27.43
N LYS F 3 8.47 26.06 31.59
CA LYS F 3 8.01 25.00 30.64
C LYS F 3 9.17 24.06 30.29
N THR F 4 8.89 22.76 30.41
N THR F 4 8.96 22.76 30.47
CA THR F 4 9.87 21.70 30.24
CA THR F 4 10.01 21.81 30.11
C THR F 4 9.46 20.75 29.13
C THR F 4 9.47 20.68 29.24
N VAL F 5 10.41 19.92 28.70
CA VAL F 5 10.14 18.92 27.70
C VAL F 5 10.62 17.55 28.19
N PHE F 6 10.20 16.50 27.54
CA PHE F 6 10.46 15.15 28.06
C PHE F 6 11.89 14.63 27.85
N HIS F 7 12.57 15.00 26.76
CA HIS F 7 13.87 14.43 26.42
C HIS F 7 15.02 15.42 26.45
N LEU F 8 14.83 16.65 25.99
CA LEU F 8 15.96 17.56 25.79
C LEU F 8 16.54 18.19 27.07
N GLY F 9 15.79 18.20 28.15
CA GLY F 9 16.35 18.68 29.42
C GLY F 9 16.60 20.17 29.50
N VAL F 10 15.89 20.93 28.67
CA VAL F 10 15.97 22.38 28.66
C VAL F 10 14.60 22.99 28.80
N THR F 11 14.57 24.25 29.22
CA THR F 11 13.34 24.99 29.37
C THR F 11 13.28 26.09 28.31
N GLU F 12 12.11 26.73 28.16
CA GLU F 12 11.96 27.85 27.25
CA GLU F 12 12.03 27.81 27.19
C GLU F 12 12.94 28.95 27.62
N ALA F 13 13.02 29.24 28.92
CA ALA F 13 13.90 30.29 29.40
C ALA F 13 15.36 30.03 29.03
N ASP F 14 15.77 28.76 29.05
CA ASP F 14 17.17 28.42 28.70
C ASP F 14 17.54 28.87 27.28
N LEU F 15 16.55 28.95 26.39
CA LEU F 15 16.82 29.27 24.99
C LEU F 15 16.94 30.78 24.73
N ASN F 16 16.63 31.60 25.74
CA ASN F 16 16.82 33.06 25.61
CA ASN F 16 16.79 33.05 25.64
C ASN F 16 16.16 33.64 24.37
N GLY F 17 14.97 33.15 24.05
CA GLY F 17 14.20 33.68 22.94
C GLY F 17 14.54 33.16 21.56
N ALA F 18 15.41 32.16 21.47
CA ALA F 18 15.79 31.63 20.18
C ALA F 18 14.59 31.11 19.39
N THR F 19 14.54 31.48 18.11
CA THR F 19 13.54 30.91 17.22
C THR F 19 14.14 30.14 16.07
N LEU F 20 15.47 29.97 16.05
CA LEU F 20 16.17 29.22 15.03
C LEU F 20 17.11 28.25 15.71
N ALA F 21 17.13 27.02 15.22
CA ALA F 21 18.04 25.98 15.66
C ALA F 21 18.86 25.45 14.51
N ILE F 22 20.13 25.19 14.80
CA ILE F 22 21.00 24.41 13.93
C ILE F 22 21.04 23.01 14.55
N ILE F 23 20.79 21.97 13.73
CA ILE F 23 20.58 20.62 14.21
C ILE F 23 21.50 19.62 13.50
N PRO F 24 22.74 19.47 14.00
CA PRO F 24 23.62 18.42 13.48
C PRO F 24 23.16 17.06 14.03
N GLY F 25 23.71 15.99 13.48
CA GLY F 25 23.42 14.67 14.01
C GLY F 25 24.21 14.24 15.24
N ASP F 26 25.51 14.51 15.19
CA ASP F 26 26.45 14.04 16.20
C ASP F 26 26.49 15.03 17.37
N PRO F 27 26.22 14.55 18.60
CA PRO F 27 26.33 15.44 19.77
C PRO F 27 27.67 16.15 19.90
N ALA F 28 28.76 15.51 19.47
CA ALA F 28 30.10 16.14 19.56
C ALA F 28 30.25 17.35 18.64
N ARG F 29 29.39 17.50 17.63
CA ARG F 29 29.44 18.62 16.66
CA ARG F 29 29.54 18.61 16.74
C ARG F 29 28.80 19.86 17.25
N VAL F 30 27.99 19.70 18.29
CA VAL F 30 27.20 20.84 18.80
C VAL F 30 28.09 21.98 19.29
N GLN F 31 29.05 21.66 20.14
CA GLN F 31 29.95 22.70 20.65
C GLN F 31 30.75 23.32 19.52
N LYS F 32 31.12 22.51 18.51
CA LYS F 32 31.93 23.01 17.40
CA LYS F 32 31.93 22.99 17.39
C LYS F 32 31.18 24.04 16.58
N ILE F 33 29.87 23.85 16.42
CA ILE F 33 29.05 24.84 15.75
C ILE F 33 28.85 26.05 16.64
N ALA F 34 28.52 25.81 17.91
CA ALA F 34 28.21 26.89 18.84
C ALA F 34 29.40 27.86 18.95
N GLU F 35 30.63 27.35 18.94
CA GLU F 35 31.79 28.22 19.12
C GLU F 35 32.08 29.10 17.91
N LEU F 36 31.42 28.86 16.78
CA LEU F 36 31.48 29.77 15.64
C LEU F 36 30.64 31.02 15.84
N MET F 37 29.83 31.04 16.91
CA MET F 37 28.95 32.14 17.21
C MET F 37 29.39 32.80 18.53
N ASP F 38 28.66 33.81 18.97
CA ASP F 38 29.03 34.56 20.18
C ASP F 38 28.40 33.95 21.42
N ASN F 39 29.10 34.06 22.54
CA ASN F 39 28.60 33.64 23.86
C ASN F 39 27.97 32.25 23.87
N PRO F 40 28.67 31.25 23.36
CA PRO F 40 28.12 29.89 23.43
C PRO F 40 28.05 29.42 24.88
N VAL F 41 26.94 28.76 25.22
CA VAL F 41 26.73 28.22 26.55
C VAL F 41 26.12 26.82 26.44
N PHE F 42 26.73 25.88 27.13
CA PHE F 42 26.20 24.53 27.27
C PHE F 42 24.92 24.56 28.09
N LEU F 43 23.85 23.94 27.58
CA LEU F 43 22.60 23.85 28.29
C LEU F 43 22.33 22.48 28.90
N ALA F 44 22.51 21.41 28.13
CA ALA F 44 22.14 20.09 28.62
C ALA F 44 22.70 19.02 27.70
N SER F 45 22.86 17.84 28.26
CA SER F 45 23.15 16.64 27.50
CA SER F 45 23.16 16.63 27.50
C SER F 45 22.38 15.49 28.11
N HIS F 46 21.50 14.89 27.32
CA HIS F 46 20.73 13.72 27.73
CA HIS F 46 20.71 13.72 27.72
C HIS F 46 20.61 12.83 26.52
N ARG F 47 20.95 11.55 26.66
CA ARG F 47 20.93 10.62 25.56
CA ARG F 47 20.87 10.63 25.54
C ARG F 47 21.70 11.23 24.39
N GLU F 48 21.20 11.14 23.16
CA GLU F 48 21.89 11.69 21.99
C GLU F 48 21.73 13.18 21.80
N TYR F 49 21.11 13.87 22.76
CA TYR F 49 20.74 15.28 22.65
C TYR F 49 21.66 16.17 23.48
N THR F 50 22.58 16.84 22.80
CA THR F 50 23.40 17.86 23.42
C THR F 50 22.92 19.20 22.89
N VAL F 51 22.70 20.16 23.80
CA VAL F 51 22.06 21.42 23.49
C VAL F 51 22.93 22.55 24.01
N TYR F 52 23.25 23.49 23.12
CA TYR F 52 23.92 24.76 23.43
C TYR F 52 23.06 25.91 22.94
N ARG F 53 23.23 27.07 23.57
CA ARG F 53 22.75 28.32 23.03
CA ARG F 53 22.75 28.31 22.99
C ARG F 53 23.94 29.17 22.59
N ALA F 54 23.72 30.07 21.67
CA ALA F 54 24.72 31.06 21.30
C ALA F 54 23.98 32.27 20.73
N GLU F 55 24.74 33.26 20.27
CA GLU F 55 24.19 34.48 19.72
C GLU F 55 24.83 34.76 18.37
N LEU F 56 23.99 35.14 17.42
CA LEU F 56 24.41 35.41 16.06
C LEU F 56 23.83 36.77 15.67
N ASP F 57 24.70 37.74 15.43
CA ASP F 57 24.26 39.08 15.10
C ASP F 57 23.27 39.60 16.15
N GLY F 58 23.53 39.25 17.40
CA GLY F 58 22.73 39.71 18.52
C GLY F 58 21.48 38.92 18.82
N GLN F 59 21.20 37.88 18.02
CA GLN F 59 19.99 37.08 18.19
C GLN F 59 20.35 35.70 18.73
N SER F 60 19.54 35.20 19.65
CA SER F 60 19.75 33.87 20.21
CA SER F 60 19.77 33.88 20.21
C SER F 60 19.50 32.76 19.19
N VAL F 61 20.40 31.79 19.17
CA VAL F 61 20.31 30.59 18.32
CA VAL F 61 20.23 30.60 18.35
C VAL F 61 20.53 29.39 19.22
N VAL F 62 19.84 28.30 18.94
CA VAL F 62 20.10 27.06 19.65
CA VAL F 62 20.05 27.02 19.60
C VAL F 62 20.80 26.08 18.69
N VAL F 63 21.70 25.28 19.25
CA VAL F 63 22.33 24.19 18.52
C VAL F 63 21.99 22.91 19.28
N CYS F 64 21.41 21.93 18.60
CA CYS F 64 20.92 20.71 19.25
C CYS F 64 21.17 19.53 18.35
N SER F 65 21.84 18.51 18.86
CA SER F 65 22.00 17.30 18.07
C SER F 65 20.71 16.49 17.99
N THR F 66 20.63 15.67 16.93
CA THR F 66 19.42 14.89 16.65
C THR F 66 19.61 13.42 16.91
N GLY F 67 20.85 12.93 16.96
CA GLY F 67 21.08 11.51 16.79
C GLY F 67 20.90 11.07 15.34
N ILE F 68 21.12 9.79 15.11
CA ILE F 68 20.92 9.19 13.81
C ILE F 68 19.46 8.78 13.65
N GLY F 69 18.87 9.19 12.53
CA GLY F 69 17.57 8.72 12.11
C GLY F 69 16.42 9.65 12.38
N GLY F 70 15.36 9.44 11.61
CA GLY F 70 14.14 10.18 11.77
C GLY F 70 13.51 10.12 13.16
N PRO F 71 13.46 8.96 13.82
CA PRO F 71 12.77 8.92 15.12
C PRO F 71 13.41 9.86 16.14
N SER F 72 14.71 9.80 16.32
CA SER F 72 15.32 10.67 17.32
CA SER F 72 15.45 10.64 17.24
C SER F 72 15.29 12.12 16.86
N THR F 73 15.37 12.38 15.56
CA THR F 73 15.24 13.72 15.03
C THR F 73 13.86 14.31 15.34
N SER F 74 12.82 13.49 15.16
CA SER F 74 11.46 13.96 15.36
C SER F 74 11.21 14.43 16.78
N ILE F 75 11.83 13.77 17.76
CA ILE F 75 11.70 14.18 19.15
C ILE F 75 12.34 15.56 19.34
N ALA F 76 13.57 15.73 18.86
CA ALA F 76 14.27 17.00 19.05
C ALA F 76 13.51 18.14 18.41
N VAL F 77 13.03 17.94 17.18
CA VAL F 77 12.33 19.02 16.50
C VAL F 77 11.04 19.37 17.24
N GLU F 78 10.27 18.37 17.62
CA GLU F 78 9.03 18.63 18.35
C GLU F 78 9.28 19.41 19.64
N GLU F 79 10.25 18.96 20.43
CA GLU F 79 10.48 19.57 21.73
C GLU F 79 11.04 20.97 21.59
N LEU F 80 11.93 21.20 20.60
CA LEU F 80 12.37 22.56 20.32
C LEU F 80 11.21 23.45 19.87
N ALA F 81 10.31 22.91 19.05
CA ALA F 81 9.14 23.69 18.63
C ALA F 81 8.24 24.04 19.83
N GLN F 82 8.08 23.10 20.77
CA GLN F 82 7.34 23.40 21.99
C GLN F 82 7.94 24.59 22.76
N LEU F 83 9.25 24.77 22.63
CA LEU F 83 9.99 25.81 23.33
C LEU F 83 10.23 27.03 22.47
N GLY F 84 9.52 27.13 21.33
CA GLY F 84 9.47 28.35 20.52
C GLY F 84 10.30 28.37 19.24
N VAL F 85 11.03 27.31 18.95
CA VAL F 85 11.83 27.28 17.73
C VAL F 85 10.93 27.06 16.52
N ARG F 86 11.18 27.83 15.46
CA ARG F 86 10.36 27.78 14.24
C ARG F 86 11.13 27.47 12.98
N THR F 87 12.46 27.61 13.01
CA THR F 87 13.31 27.39 11.85
C THR F 87 14.42 26.43 12.23
N PHE F 88 14.64 25.43 11.40
CA PHE F 88 15.57 24.32 11.65
C PHE F 88 16.52 24.16 10.48
N LEU F 89 17.81 24.32 10.74
CA LEU F 89 18.85 24.17 9.71
C LEU F 89 19.64 22.91 10.02
N ARG F 90 19.48 21.89 9.20
CA ARG F 90 20.21 20.65 9.33
C ARG F 90 21.53 20.72 8.58
N VAL F 91 22.61 20.31 9.27
CA VAL F 91 23.91 20.12 8.66
C VAL F 91 24.34 18.71 8.94
N GLY F 92 25.02 18.09 7.99
CA GLY F 92 25.54 16.76 8.20
C GLY F 92 26.44 16.34 7.08
N THR F 93 26.78 15.06 7.10
CA THR F 93 27.59 14.39 6.08
C THR F 93 26.70 13.52 5.20
N THR F 94 27.23 13.17 4.03
CA THR F 94 26.45 12.39 3.10
C THR F 94 27.34 11.59 2.18
N GLY F 95 26.75 10.55 1.60
CA GLY F 95 27.38 9.78 0.56
C GLY F 95 26.75 10.09 -0.77
N ALA F 96 27.54 10.62 -1.71
CA ALA F 96 27.06 10.88 -3.05
C ALA F 96 26.93 9.59 -3.84
N ILE F 97 25.97 9.57 -4.77
CA ILE F 97 25.79 8.42 -5.65
C ILE F 97 25.97 8.77 -7.12
N GLN F 98 26.17 10.04 -7.46
CA GLN F 98 26.40 10.46 -8.83
C GLN F 98 27.88 10.58 -9.09
N PRO F 99 28.35 10.06 -10.24
CA PRO F 99 29.79 10.19 -10.57
C PRO F 99 30.29 11.65 -10.62
N HIS F 100 29.43 12.61 -10.98
CA HIS F 100 29.86 14.01 -11.15
C HIS F 100 29.88 14.81 -9.86
N VAL F 101 29.47 14.21 -8.75
CA VAL F 101 29.48 14.89 -7.47
C VAL F 101 30.72 14.39 -6.74
N ASN F 102 31.67 15.29 -6.48
CA ASN F 102 32.92 14.91 -5.86
C ASN F 102 32.92 14.95 -4.35
N VAL F 103 33.75 14.11 -3.77
CA VAL F 103 34.08 14.21 -2.37
C VAL F 103 34.53 15.65 -2.08
N GLY F 104 33.99 16.25 -1.04
CA GLY F 104 34.26 17.64 -0.69
C GLY F 104 33.25 18.65 -1.23
N ASP F 105 32.42 18.23 -2.17
CA ASP F 105 31.35 19.10 -2.65
C ASP F 105 30.28 19.24 -1.56
N MET F 106 29.39 20.20 -1.75
CA MET F 106 28.24 20.34 -0.87
CA MET F 106 28.24 20.42 -0.85
C MET F 106 26.95 20.12 -1.61
N ILE F 107 25.96 19.61 -0.89
CA ILE F 107 24.63 19.37 -1.44
C ILE F 107 23.59 20.10 -0.60
N VAL F 108 22.69 20.81 -1.26
CA VAL F 108 21.52 21.39 -0.61
C VAL F 108 20.33 20.64 -1.18
N THR F 109 19.57 19.98 -0.31
CA THR F 109 18.46 19.12 -0.71
C THR F 109 17.25 19.97 -1.15
N THR F 110 16.73 19.70 -2.34
CA THR F 110 15.52 20.33 -2.83
C THR F 110 14.27 19.49 -2.57
N GLY F 111 14.46 18.22 -2.25
CA GLY F 111 13.40 17.28 -1.94
C GLY F 111 14.01 15.96 -1.58
N SER F 112 13.33 15.18 -0.76
CA SER F 112 13.84 13.88 -0.34
C SER F 112 12.95 12.72 -0.75
N VAL F 113 13.60 11.65 -1.19
CA VAL F 113 12.94 10.36 -1.36
C VAL F 113 12.71 9.79 0.03
N ARG F 114 11.45 9.52 0.33
CA ARG F 114 11.01 9.14 1.69
C ARG F 114 11.18 7.64 1.91
N LEU F 115 12.43 7.22 2.19
CA LEU F 115 12.75 5.83 2.46
C LEU F 115 12.84 5.59 3.97
N ASP F 116 12.04 6.36 4.70
CA ASP F 116 12.00 6.37 6.16
C ASP F 116 10.62 5.90 6.63
N GLY F 117 10.37 5.93 7.91
CA GLY F 117 9.08 5.66 8.49
C GLY F 117 8.47 6.83 9.20
N ALA F 118 9.29 7.69 9.84
CA ALA F 118 8.72 8.73 10.69
C ALA F 118 8.00 9.78 9.88
N SER F 119 8.38 10.02 8.60
CA SER F 119 7.69 11.01 7.81
C SER F 119 6.19 10.68 7.72
N LEU F 120 5.85 9.40 7.66
CA LEU F 120 4.46 8.93 7.58
C LEU F 120 3.66 9.18 8.85
N HIS F 121 4.34 9.52 9.93
CA HIS F 121 3.68 9.90 11.17
C HIS F 121 3.24 11.36 11.16
N PHE F 122 3.58 12.10 10.11
CA PHE F 122 3.21 13.49 9.92
C PHE F 122 2.36 13.73 8.67
N ALA F 123 2.61 12.99 7.59
CA ALA F 123 1.86 13.20 6.37
C ALA F 123 1.91 11.90 5.59
N PRO F 124 0.87 11.60 4.81
CA PRO F 124 0.87 10.37 4.00
C PRO F 124 1.93 10.49 2.91
N MET F 125 2.28 9.36 2.29
CA MET F 125 3.43 9.27 1.41
C MET F 125 3.36 10.23 0.22
N GLU F 126 2.15 10.58 -0.23
CA GLU F 126 2.04 11.46 -1.37
CA GLU F 126 1.94 11.50 -1.34
C GLU F 126 2.53 12.89 -1.09
N PHE F 127 2.63 13.28 0.18
CA PHE F 127 3.10 14.61 0.53
C PHE F 127 4.60 14.75 0.26
N PRO F 128 5.03 15.89 -0.29
CA PRO F 128 6.46 16.02 -0.67
C PRO F 128 7.35 16.36 0.52
N ALA F 129 8.46 15.66 0.65
CA ALA F 129 9.48 15.98 1.65
C ALA F 129 10.34 17.12 1.09
N VAL F 130 9.87 18.35 1.25
CA VAL F 130 10.56 19.48 0.62
CA VAL F 130 10.37 19.53 0.61
C VAL F 130 10.90 20.53 1.65
N PRO F 131 12.02 21.22 1.42
CA PRO F 131 12.46 22.27 2.35
C PRO F 131 11.67 23.54 2.14
N ASP F 132 11.75 24.40 3.17
CA ASP F 132 11.36 25.78 3.03
C ASP F 132 12.24 26.45 1.99
N PHE F 133 11.65 27.23 1.09
CA PHE F 133 12.39 27.79 -0.03
C PHE F 133 13.41 28.84 0.44
N ASP F 134 13.06 29.62 1.45
CA ASP F 134 14.02 30.59 2.01
C ASP F 134 15.23 29.90 2.60
N VAL F 135 15.01 28.81 3.33
CA VAL F 135 16.13 28.13 3.93
C VAL F 135 17.02 27.53 2.83
N ALA F 136 16.42 26.87 1.84
CA ALA F 136 17.22 26.29 0.76
C ALA F 136 18.01 27.36 0.02
N THR F 137 17.38 28.51 -0.22
CA THR F 137 18.03 29.63 -0.88
C THR F 137 19.23 30.15 -0.07
N ALA F 138 19.03 30.32 1.25
CA ALA F 138 20.10 30.76 2.15
C ALA F 138 21.26 29.76 2.17
N MET F 139 20.92 28.48 2.22
CA MET F 139 21.94 27.44 2.23
CA MET F 139 21.92 27.39 2.22
C MET F 139 22.75 27.44 0.95
N LYS F 140 22.08 27.58 -0.20
CA LYS F 140 22.81 27.63 -1.46
C LYS F 140 23.77 28.82 -1.47
N ALA F 141 23.29 29.99 -1.08
CA ALA F 141 24.12 31.18 -1.10
C ALA F 141 25.31 31.04 -0.17
N ALA F 142 25.07 30.59 1.05
CA ALA F 142 26.15 30.40 2.01
C ALA F 142 27.18 29.38 1.49
N ALA F 143 26.70 28.30 0.90
CA ALA F 143 27.59 27.28 0.38
C ALA F 143 28.43 27.82 -0.76
N GLN F 144 27.82 28.55 -1.67
CA GLN F 144 28.58 29.12 -2.79
C GLN F 144 29.62 30.12 -2.29
N GLU F 145 29.23 30.93 -1.30
CA GLU F 145 30.10 31.99 -0.78
C GLU F 145 31.33 31.42 -0.06
N SER F 146 31.27 30.18 0.39
CA SER F 146 32.41 29.50 1.02
C SER F 146 33.45 29.02 0.00
N GLY F 147 33.12 29.09 -1.28
CA GLY F 147 34.00 28.61 -2.34
C GLY F 147 33.74 27.16 -2.73
N ALA F 148 32.79 26.52 -2.07
CA ALA F 148 32.44 25.14 -2.36
C ALA F 148 31.81 24.97 -3.74
N THR F 149 31.94 23.77 -4.30
CA THR F 149 31.13 23.36 -5.44
C THR F 149 29.82 22.81 -4.85
N VAL F 150 28.70 23.41 -5.25
CA VAL F 150 27.40 23.16 -4.64
C VAL F 150 26.45 22.53 -5.64
N HIS F 151 25.75 21.51 -5.21
CA HIS F 151 24.71 20.85 -6.01
C HIS F 151 23.37 20.99 -5.31
N MET F 152 22.36 21.38 -6.08
CA MET F 152 20.98 21.40 -5.64
C MET F 152 20.31 20.16 -6.20
N GLY F 153 19.60 19.40 -5.38
CA GLY F 153 18.85 18.29 -5.93
C GLY F 153 18.26 17.36 -4.92
N VAL F 154 17.78 16.23 -5.42
CA VAL F 154 17.03 15.27 -4.64
C VAL F 154 17.97 14.35 -3.85
N THR F 155 17.59 14.07 -2.60
CA THR F 155 18.33 13.22 -1.68
C THR F 155 17.49 12.02 -1.33
N ALA F 156 18.09 10.81 -1.32
CA ALA F 156 17.40 9.61 -0.84
C ALA F 156 17.66 9.47 0.65
N SER F 157 16.58 9.46 1.44
CA SER F 157 16.68 9.50 2.89
C SER F 157 16.18 8.21 3.48
N SER F 158 17.12 7.41 3.99
CA SER F 158 16.91 6.03 4.38
C SER F 158 16.90 5.81 5.89
N ASP F 159 15.99 4.96 6.36
CA ASP F 159 15.98 4.52 7.74
C ASP F 159 17.09 3.55 8.10
N THR F 160 17.88 3.09 7.12
CA THR F 160 19.06 2.30 7.45
C THR F 160 20.29 2.85 6.73
N PHE F 161 21.43 2.54 7.31
CA PHE F 161 22.72 2.83 6.67
C PHE F 161 23.10 1.75 5.68
N TYR F 162 22.66 0.52 5.95
CA TYR F 162 23.15 -0.66 5.23
C TYR F 162 22.15 -1.06 4.10
N PRO F 163 21.11 -1.86 4.35
CA PRO F 163 20.35 -2.35 3.18
C PRO F 163 19.59 -1.27 2.42
N GLY F 164 19.08 -0.24 3.13
CA GLY F 164 18.35 0.83 2.46
C GLY F 164 19.22 1.76 1.64
N GLN F 165 20.55 1.66 1.81
CA GLN F 165 21.50 2.34 0.93
C GLN F 165 22.18 1.32 -0.01
N GLU F 166 21.57 0.13 -0.10
CA GLU F 166 22.03 -0.95 -0.94
C GLU F 166 23.52 -1.28 -0.73
N ARG F 167 23.93 -1.37 0.52
CA ARG F 167 25.25 -1.92 0.87
C ARG F 167 25.14 -3.42 1.06
N TYR F 168 26.06 -4.14 0.41
CA TYR F 168 26.13 -5.60 0.49
C TYR F 168 27.26 -6.13 1.37
N ASP F 169 28.20 -5.27 1.77
CA ASP F 169 29.35 -5.76 2.57
C ASP F 169 28.95 -5.77 4.03
N THR F 170 28.11 -6.73 4.38
CA THR F 170 27.40 -6.76 5.64
C THR F 170 27.42 -8.17 6.21
N PHE F 171 26.90 -8.31 7.42
CA PHE F 171 26.81 -9.60 8.07
C PHE F 171 26.10 -10.66 7.22
N THR F 172 24.92 -10.34 6.69
CA THR F 172 24.23 -11.31 5.84
C THR F 172 24.58 -11.23 4.38
N GLY F 173 25.04 -10.07 3.92
CA GLY F 173 25.28 -9.85 2.51
C GLY F 173 24.03 -9.79 1.66
N ARG F 174 22.86 -9.69 2.29
CA ARG F 174 21.59 -9.65 1.58
CA ARG F 174 21.57 -9.65 1.61
C ARG F 174 20.98 -8.27 1.67
N VAL F 175 20.22 -7.92 0.64
CA VAL F 175 19.39 -6.72 0.63
C VAL F 175 17.98 -7.15 0.25
N VAL F 176 17.00 -6.74 1.04
CA VAL F 176 15.60 -7.10 0.82
C VAL F 176 15.16 -6.64 -0.58
N ARG F 177 14.20 -7.36 -1.14
CA ARG F 177 13.73 -7.14 -2.51
CA ARG F 177 13.73 -7.14 -2.49
C ARG F 177 13.46 -5.66 -2.81
N ARG F 178 12.77 -4.98 -1.90
CA ARG F 178 12.43 -3.55 -2.08
C ARG F 178 13.64 -2.73 -2.51
N PHE F 179 14.81 -3.02 -1.92
CA PHE F 179 16.01 -2.22 -2.13
C PHE F 179 17.02 -2.80 -3.12
N GLN F 180 16.76 -4.00 -3.64
CA GLN F 180 17.65 -4.56 -4.66
C GLN F 180 17.55 -3.70 -5.92
N GLY F 181 18.70 -3.28 -6.44
CA GLY F 181 18.73 -2.44 -7.64
C GLY F 181 18.43 -0.98 -7.37
N SER F 182 18.17 -0.62 -6.11
CA SER F 182 17.69 0.73 -5.81
C SER F 182 18.73 1.81 -6.03
N MET F 183 20.01 1.55 -5.75
CA MET F 183 20.96 2.63 -5.96
CA MET F 183 21.08 2.53 -6.00
C MET F 183 21.03 3.02 -7.44
N LYS F 184 21.05 2.03 -8.35
CA LYS F 184 21.01 2.33 -9.78
CA LYS F 184 21.02 2.33 -9.78
C LYS F 184 19.74 3.06 -10.17
N GLU F 185 18.62 2.65 -9.61
CA GLU F 185 17.35 3.33 -9.90
CA GLU F 185 17.36 3.31 -9.88
C GLU F 185 17.44 4.81 -9.50
N TRP F 186 17.92 5.08 -8.30
CA TRP F 186 18.03 6.48 -7.88
C TRP F 186 19.05 7.23 -8.73
N GLN F 187 20.17 6.58 -9.08
CA GLN F 187 21.14 7.24 -9.93
C GLN F 187 20.51 7.67 -11.25
N ASP F 188 19.77 6.76 -11.88
CA ASP F 188 19.18 7.05 -13.17
C ASP F 188 18.10 8.14 -13.07
N MET F 189 17.48 8.29 -11.89
CA MET F 189 16.50 9.33 -11.63
C MET F 189 17.14 10.65 -11.23
N GLY F 190 18.46 10.73 -11.19
CA GLY F 190 19.13 11.99 -10.89
C GLY F 190 19.33 12.29 -9.41
N VAL F 191 19.02 11.35 -8.54
CA VAL F 191 19.18 11.56 -7.09
C VAL F 191 20.68 11.73 -6.78
N LEU F 192 21.01 12.68 -5.92
CA LEU F 192 22.41 13.01 -5.67
C LEU F 192 23.10 12.17 -4.63
N ASN F 193 22.40 11.77 -3.58
CA ASN F 193 23.05 11.35 -2.37
C ASN F 193 22.11 10.59 -1.46
N PHE F 194 22.70 9.90 -0.49
CA PHE F 194 22.00 9.23 0.62
C PHE F 194 22.33 9.89 1.95
N GLU F 195 21.31 9.99 2.79
CA GLU F 195 21.50 10.27 4.22
C GLU F 195 20.29 9.68 4.95
N MET F 196 20.11 10.01 6.22
CA MET F 196 19.18 9.25 7.06
C MET F 196 18.16 10.08 7.85
N GLU F 197 18.08 11.40 7.67
CA GLU F 197 17.18 12.23 8.49
C GLU F 197 16.31 13.20 7.70
N SER F 198 16.69 13.55 6.47
CA SER F 198 15.99 14.63 5.80
CA SER F 198 16.03 14.60 5.74
C SER F 198 14.53 14.34 5.49
N ALA F 199 14.17 13.11 5.11
CA ALA F 199 12.76 12.86 4.80
C ALA F 199 11.89 13.14 6.02
N THR F 200 12.32 12.68 7.18
CA THR F 200 11.55 12.94 8.37
C THR F 200 11.50 14.43 8.68
N LEU F 201 12.67 15.06 8.72
CA LEU F 201 12.74 16.48 9.07
C LEU F 201 11.89 17.33 8.14
N LEU F 202 12.10 17.15 6.84
CA LEU F 202 11.43 18.02 5.87
C LEU F 202 9.92 17.78 5.88
N THR F 203 9.49 16.53 5.94
CA THR F 203 8.05 16.24 5.94
C THR F 203 7.41 16.78 7.20
N MET F 204 8.03 16.52 8.35
CA MET F 204 7.51 17.00 9.62
CA MET F 204 7.43 16.99 9.60
C MET F 204 7.34 18.51 9.60
N CYS F 205 8.38 19.22 9.18
CA CYS F 205 8.34 20.67 9.22
C CYS F 205 7.38 21.26 8.19
N ALA F 206 7.43 20.76 6.96
CA ALA F 206 6.59 21.30 5.89
C ALA F 206 5.12 21.10 6.16
N SER F 207 4.76 20.11 6.97
CA SER F 207 3.39 19.83 7.32
C SER F 207 2.96 20.39 8.68
N SER F 208 3.86 21.11 9.36
CA SER F 208 3.65 21.58 10.73
C SER F 208 3.93 23.07 10.91
N GLY F 209 4.08 23.81 9.84
CA GLY F 209 4.31 25.23 9.96
C GLY F 209 5.69 25.63 10.47
N LEU F 210 6.68 24.79 10.24
CA LEU F 210 8.06 25.03 10.62
C LEU F 210 8.91 25.15 9.36
N LYS F 211 9.93 26.00 9.37
CA LYS F 211 10.81 26.15 8.24
CA LYS F 211 10.82 26.15 8.24
C LYS F 211 12.02 25.25 8.43
N ALA F 212 12.37 24.45 7.43
CA ALA F 212 13.53 23.55 7.52
C ALA F 212 14.26 23.46 6.20
N GLY F 213 15.54 23.14 6.30
CA GLY F 213 16.33 22.79 5.14
C GLY F 213 17.53 21.97 5.57
N CYS F 214 18.21 21.40 4.58
CA CYS F 214 19.37 20.51 4.80
CA CYS F 214 19.35 20.51 4.84
C CYS F 214 20.51 20.84 3.89
N VAL F 215 21.70 20.96 4.46
CA VAL F 215 22.96 21.11 3.71
C VAL F 215 23.90 20.04 4.20
N ALA F 216 24.70 19.50 3.29
CA ALA F 216 25.59 18.41 3.64
C ALA F 216 26.88 18.45 2.87
N GLY F 217 27.94 18.05 3.55
CA GLY F 217 29.22 17.85 2.89
C GLY F 217 29.40 16.41 2.44
N VAL F 218 29.90 16.23 1.22
CA VAL F 218 30.07 14.89 0.66
C VAL F 218 31.35 14.27 1.22
N ILE F 219 31.21 13.19 1.97
CA ILE F 219 32.36 12.52 2.58
C ILE F 219 32.81 11.28 1.82
N ILE F 220 31.90 10.64 1.08
CA ILE F 220 32.25 9.54 0.20
CA ILE F 220 32.21 9.50 0.25
C ILE F 220 31.40 9.60 -1.03
N ASN F 221 31.89 8.97 -2.07
CA ASN F 221 31.14 8.76 -3.29
C ASN F 221 31.01 7.26 -3.48
N ARG F 222 29.77 6.76 -3.54
CA ARG F 222 29.48 5.35 -3.61
C ARG F 222 29.96 4.67 -4.90
N THR F 223 30.28 5.46 -5.92
CA THR F 223 30.89 4.93 -7.14
C THR F 223 32.40 4.80 -7.02
N GLN F 224 32.99 5.13 -5.85
N GLN F 224 32.95 5.23 -5.89
CA GLN F 224 34.43 5.25 -5.65
CA GLN F 224 34.37 5.19 -5.63
C GLN F 224 34.97 4.39 -4.49
C GLN F 224 34.56 4.32 -4.40
N LYS F 225 34.99 4.89 -3.29
CA LYS F 225 35.46 4.12 -2.15
C LYS F 225 34.68 4.49 -0.90
N GLU F 226 34.70 3.58 0.08
CA GLU F 226 33.95 3.75 1.33
C GLU F 226 34.75 4.43 2.46
N ILE F 227 36.07 4.42 2.38
CA ILE F 227 36.92 4.89 3.47
C ILE F 227 37.44 6.30 3.14
N PRO F 228 36.96 7.32 3.87
CA PRO F 228 37.39 8.69 3.55
C PRO F 228 38.85 8.96 3.93
N ASP F 229 39.45 9.86 3.18
CA ASP F 229 40.76 10.42 3.51
C ASP F 229 40.61 11.47 4.63
N HIS F 230 41.46 11.39 5.66
CA HIS F 230 41.20 12.13 6.90
C HIS F 230 41.29 13.64 6.73
N ALA F 231 42.29 14.15 6.00
CA ALA F 231 42.45 15.60 5.87
C ALA F 231 41.31 16.18 5.04
N THR F 232 40.96 15.48 3.97
CA THR F 232 39.86 15.90 3.13
C THR F 232 38.55 15.96 3.92
N LEU F 233 38.29 14.92 4.71
CA LEU F 233 37.09 14.87 5.52
CA LEU F 233 37.10 14.85 5.54
C LEU F 233 37.07 16.02 6.54
N LYS F 234 38.21 16.27 7.20
CA LYS F 234 38.27 17.35 8.19
C LYS F 234 37.95 18.69 7.55
N GLU F 235 38.48 18.92 6.35
CA GLU F 235 38.23 20.18 5.64
CA GLU F 235 38.23 20.17 5.64
CA GLU F 235 38.23 20.18 5.66
C GLU F 235 36.75 20.31 5.27
N THR F 236 36.16 19.22 4.78
CA THR F 236 34.75 19.22 4.43
C THR F 236 33.88 19.51 5.64
N GLU F 237 34.15 18.85 6.77
CA GLU F 237 33.36 19.06 7.98
C GLU F 237 33.47 20.49 8.49
N ALA F 238 34.67 21.07 8.46
CA ALA F 238 34.85 22.44 8.92
C ALA F 238 34.10 23.40 8.03
N ARG F 239 34.15 23.16 6.72
CA ARG F 239 33.44 24.06 5.83
CA ARG F 239 33.45 24.04 5.80
C ARG F 239 31.92 23.95 6.02
N SER F 240 31.43 22.74 6.22
CA SER F 240 29.99 22.55 6.38
CA SER F 240 29.98 22.56 6.35
C SER F 240 29.41 23.35 7.53
N ILE F 241 30.11 23.37 8.66
CA ILE F 241 29.57 24.08 9.80
C ILE F 241 29.72 25.59 9.64
N LYS F 242 30.77 26.06 8.97
CA LYS F 242 30.86 27.49 8.65
CA LYS F 242 30.89 27.48 8.64
CA LYS F 242 30.87 27.49 8.66
C LYS F 242 29.69 27.90 7.77
N VAL F 243 29.38 27.06 6.78
CA VAL F 243 28.29 27.32 5.85
C VAL F 243 26.94 27.36 6.57
N VAL F 244 26.67 26.42 7.46
CA VAL F 244 25.35 26.41 8.10
C VAL F 244 25.15 27.64 9.00
N VAL F 245 26.23 28.09 9.65
CA VAL F 245 26.15 29.31 10.46
C VAL F 245 25.89 30.54 9.59
N GLU F 246 26.56 30.63 8.43
CA GLU F 246 26.27 31.71 7.51
CA GLU F 246 26.29 31.70 7.47
CA GLU F 246 26.27 31.74 7.51
C GLU F 246 24.85 31.65 6.96
N ALA F 247 24.34 30.45 6.70
CA ALA F 247 22.95 30.31 6.28
C ALA F 247 21.98 30.79 7.38
N ALA F 248 22.29 30.47 8.64
CA ALA F 248 21.52 30.99 9.75
C ALA F 248 21.54 32.51 9.79
N ARG F 249 22.70 33.13 9.57
CA ARG F 249 22.80 34.58 9.55
CA ARG F 249 22.79 34.59 9.54
C ARG F 249 21.86 35.16 8.50
N LYS F 250 21.83 34.53 7.33
CA LYS F 250 20.95 34.97 6.25
C LYS F 250 19.47 34.84 6.61
N MET F 251 19.12 33.82 7.36
CA MET F 251 17.74 33.62 7.77
C MET F 251 17.30 34.60 8.83
N LEU F 252 18.22 35.14 9.62
CA LEU F 252 17.92 36.02 10.73
C LEU F 252 17.95 37.48 10.30
N LYS F 253 18.42 37.77 9.08
CA LYS F 253 18.63 39.14 8.61
C LYS F 253 17.31 39.90 8.48
N3 CYT G . -9.10 23.67 -8.85
C4 CYT G . -9.66 24.86 -8.66
N1 CYT G . -8.19 24.46 -10.88
C2 CYT G . -8.38 23.46 -9.98
O2 CYT G . -7.88 22.34 -10.20
N4 CYT G . -10.36 25.04 -7.56
C5 CYT G . -9.49 25.90 -9.55
C6 CYT G . -8.74 25.68 -10.68
HN3 CYT G . -9.24 22.91 -8.17
HN41 CYT G . -10.46 24.29 -6.90
HN42 CYT G . -10.78 25.95 -7.38
H5 CYT G . -9.93 26.88 -9.37
H6 CYT G . -8.59 26.47 -11.42
C1 GOL H . -15.85 25.40 -9.22
O1 GOL H . -15.43 26.64 -8.62
C2 GOL H . -17.33 25.18 -8.96
O2 GOL H . -17.61 25.29 -7.55
C3 GOL H . -17.73 23.80 -9.44
O3 GOL H . -19.08 23.53 -9.03
H11 GOL H . -15.66 25.44 -10.29
H12 GOL H . -15.27 24.58 -8.79
HO1 GOL H . -14.51 26.80 -8.78
H2 GOL H . -17.91 25.93 -9.51
HO2 GOL H . -18.53 25.14 -7.40
H31 GOL H . -17.67 23.75 -10.52
H32 GOL H . -17.06 23.05 -9.01
HO3 GOL H . -19.43 24.29 -8.55
C1 GOL I . -8.10 22.84 -14.36
C1 GOL I . -10.00 23.47 -14.66
O1 GOL I . -7.71 24.06 -15.02
O1 GOL I . -10.94 24.15 -13.80
C2 GOL I . -6.85 22.00 -14.16
C2 GOL I . -8.99 22.62 -13.93
O2 GOL I . -6.27 21.80 -15.43
O2 GOL I . -9.10 22.79 -12.52
C3 GOL I . -6.00 22.90 -13.32
C3 GOL I . -7.59 23.05 -14.31
O3 GOL I . -4.76 22.35 -12.96
O3 GOL I . -7.22 24.16 -13.50
H11 GOL I . -8.57 23.05 -13.41
H11 GOL I . -10.51 22.86 -15.39
H12 GOL I . -8.81 22.29 -14.99
H12 GOL I . -9.44 24.23 -15.21
HO1 GOL I . -8.19 24.62 -15.22
HO1 GOL I . -11.57 24.68 -14.29
H2 GOL I . -7.09 21.07 -13.63
H2 GOL I . -9.14 21.56 -14.20
HO2 GOL I . -6.23 22.67 -15.84
HO2 GOL I . -8.41 22.27 -12.08
H31 GOL I . -5.82 23.83 -13.86
H31 GOL I . -7.57 23.34 -15.37
H32 GOL I . -6.54 23.16 -12.40
H32 GOL I . -6.88 22.23 -14.17
HO3 GOL I . -4.68 21.48 -13.40
HO3 GOL I . -7.94 24.36 -12.87
MG MG J . 16.56 17.81 -11.59
MG MG K . -7.64 19.81 -36.39
NA NA L . -6.73 15.93 -21.24
C1 GOL M . -3.71 7.84 -26.89
C1 GOL M . -4.09 8.38 -27.22
O1 GOL M . -3.27 8.05 -28.23
O1 GOL M . -3.30 8.93 -26.15
C2 GOL M . -5.22 7.81 -26.89
C2 GOL M . -5.30 7.66 -26.64
O2 GOL M . -5.67 6.57 -27.47
O2 GOL M . -6.26 8.63 -26.21
C3 GOL M . -5.66 7.97 -25.45
C3 GOL M . -5.88 6.82 -27.77
O3 GOL M . -6.86 8.71 -25.43
O3 GOL M . -6.49 5.63 -27.25
H11 GOL M . -3.32 6.89 -26.51
H11 GOL M . -4.41 9.18 -27.89
H12 GOL M . -3.35 8.65 -26.26
H12 GOL M . -3.48 7.67 -27.79
HO1 GOL M . -2.29 8.08 -28.24
HO1 GOL M . -2.51 9.35 -26.54
H2 GOL M . -5.59 8.66 -27.47
H2 GOL M . -4.99 7.01 -25.82
HO2 GOL M . -5.29 5.83 -26.97
HO2 GOL M . -6.49 9.22 -27.01
H31 GOL M . -5.79 6.99 -25.00
H31 GOL M . -5.08 6.55 -28.46
H32 GOL M . -4.90 8.50 -24.88
H32 GOL M . -6.61 7.42 -28.31
HO3 GOL M . -7.43 8.50 -26.23
HO3 GOL M . -6.34 5.57 -26.29
CL CL N . 0.96 -3.13 -36.04
MG MG O . 15.11 -4.27 -10.62
N3 CYT P . -2.24 2.99 -26.92
C4 CYT P . -1.98 2.59 -28.19
N1 CYT P . -4.05 4.29 -27.59
C2 CYT P . -3.24 3.86 -26.59
O2 CYT P . -3.39 4.24 -25.43
N4 CYT P . -0.98 1.78 -28.39
C5 CYT P . -2.80 3.05 -29.22
C6 CYT P . -3.82 3.91 -28.88
HN3 CYT P . -1.62 2.66 -26.17
HN41 CYT P . -0.42 1.46 -27.60
HN42 CYT P . -0.78 1.44 -29.32
H5 CYT P . -2.65 2.73 -30.24
H6 CYT P . -4.47 4.27 -29.66
C TRS Q . 2.55 -4.00 -11.36
C1 TRS Q . 1.55 -2.87 -11.57
C2 TRS Q . 2.86 -4.53 -12.76
C3 TRS Q . 1.96 -5.07 -10.50
N TRS Q . 3.83 -3.58 -10.76
O1 TRS Q . 1.38 -2.13 -10.35
O2 TRS Q . 2.72 -3.39 -13.66
O3 TRS Q . 2.15 -6.18 -11.35
H11 TRS Q . 0.58 -3.28 -11.87
H12 TRS Q . 1.90 -2.21 -12.35
H21 TRS Q . 2.17 -5.32 -13.04
H22 TRS Q . 3.88 -4.92 -12.79
H31 TRS Q . 2.52 -5.20 -9.57
H32 TRS Q . 0.89 -4.90 -10.28
HN1 TRS Q . 3.64 -3.13 -9.84
HN2 TRS Q . 4.43 -4.41 -10.63
HN3 TRS Q . 4.29 -2.90 -11.38
HO1 TRS Q . 0.74 -1.40 -10.51
HO2 TRS Q . 2.91 -3.69 -14.57
HO3 TRS Q . 2.62 -5.88 -12.15
CL CL R . -33.87 -10.83 5.26
N3 CYT S . -23.01 -13.77 3.25
C4 CYT S . -24.33 -13.79 3.53
N1 CYT S . -23.07 -15.84 2.24
C2 CYT S . -22.34 -14.77 2.63
O2 CYT S . -21.11 -14.72 2.47
N4 CYT S . -24.85 -12.78 4.18
C5 CYT S . -25.07 -14.90 3.15
C6 CYT S . -24.38 -15.90 2.48
HN3 CYT S . -22.46 -12.95 3.58
HN41 CYT S . -24.27 -12.00 4.44
HN42 CYT S . -25.83 -12.76 4.37
H5 CYT S . -26.13 -14.96 3.31
H6 CYT S . -24.94 -16.77 2.16
C1 EDO T . -20.94 -18.89 2.30
C1 EDO T . -19.59 -18.67 1.76
O1 EDO T . -22.06 -18.37 1.57
O1 EDO T . -19.18 -19.89 1.14
C2 EDO T . -20.90 -18.41 3.74
C2 EDO T . -20.96 -18.88 2.36
O2 EDO T . -22.06 -18.88 4.44
O2 EDO T . -20.95 -18.47 3.73
H11 EDO T . -20.99 -19.98 2.29
H11 EDO T . -18.88 -18.40 2.56
H12 EDO T . -20.02 -18.58 1.80
H12 EDO T . -19.62 -17.86 1.04
HO1 EDO T . -22.03 -18.69 0.67
HO1 EDO T . -18.30 -19.78 0.77
H21 EDO T . -20.00 -18.79 4.24
H21 EDO T . -21.24 -19.93 2.30
H22 EDO T . -20.87 -17.32 3.76
H22 EDO T . -21.70 -18.29 1.81
HO2 EDO T . -22.62 -19.37 3.83
HO2 EDO T . -20.07 -18.14 3.96
NA NA U . -12.50 -24.19 3.24
C1 GOL V . -3.69 -26.63 4.11
C1 GOL V . -3.38 -26.39 4.61
O1 GOL V . -4.83 -26.67 4.98
O1 GOL V . -2.59 -25.94 5.71
C2 GOL V . -3.25 -28.03 3.76
C2 GOL V . -2.90 -27.72 4.05
O2 GOL V . -2.15 -28.41 4.61
O2 GOL V . -3.58 -28.82 4.66
C3 GOL V . -2.79 -28.08 2.30
C3 GOL V . -3.13 -27.77 2.54
O3 GOL V . -2.86 -29.41 1.76
O3 GOL V . -3.01 -29.10 2.03
H11 GOL V . -3.95 -26.08 3.21
H11 GOL V . -4.42 -26.49 4.93
H12 GOL V . -2.87 -26.10 4.62
H12 GOL V . -3.34 -25.65 3.82
HO1 GOL V . -5.10 -25.77 5.21
HO1 GOL V . -2.95 -25.06 6.03
H2 GOL V . -4.10 -28.72 3.90
H2 GOL V . -1.83 -27.81 4.24
HO2 GOL V . -1.86 -29.28 4.39
HO2 GOL V . -4.53 -28.72 4.46
H31 GOL V . -3.42 -27.42 1.71
H31 GOL V . -2.38 -27.13 2.05
H32 GOL V . -1.76 -27.71 2.24
H32 GOL V . -4.12 -27.37 2.31
HO3 GOL V . -3.18 -30.02 2.44
HO3 GOL V . -2.78 -29.70 2.75
N3 CYT W . 2.03 -26.92 2.06
C4 CYT W . 2.71 -28.05 1.95
N1 CYT W . 0.53 -27.93 3.53
C2 CYT W . 0.92 -26.82 2.83
O2 CYT W . 0.23 -25.79 2.89
N4 CYT W . 3.79 -28.05 1.19
C5 CYT W . 2.34 -29.18 2.67
C6 CYT W . 1.21 -29.09 3.46
HN3 CYT W . 2.33 -26.10 1.50
HN41 CYT W . 4.05 -27.21 0.68
HN42 CYT W . 4.35 -28.88 1.10
H5 CYT W . 2.91 -30.10 2.62
H6 CYT W . 0.88 -29.95 4.04
MG MG X . 17.91 7.91 -26.38
C1 GOL Y . 11.49 7.18 24.26
C1 GOL Y . 11.39 7.16 24.42
C1 GOL Y . 11.91 4.89 25.62
O1 GOL Y . 11.62 8.02 25.39
O1 GOL Y . 12.12 7.89 23.43
O1 GOL Y . 11.23 3.64 25.66
C2 GOL Y . 12.31 5.94 24.52
C2 GOL Y . 11.96 5.76 24.58
C2 GOL Y . 12.44 5.15 24.23
O2 GOL Y . 11.61 5.04 25.38
O2 GOL Y . 13.12 5.84 25.39
O2 GOL Y . 12.43 6.58 24.07
C3 GOL Y . 12.52 5.30 23.16
C3 GOL Y . 12.30 5.13 23.22
C3 GOL Y . 11.60 4.47 23.14
O3 GOL Y . 13.90 4.99 22.99
O3 GOL Y . 12.96 3.87 23.41
O3 GOL Y . 11.66 3.02 23.08
H11 GOL Y . 10.45 6.93 24.11
H11 GOL Y . 11.45 7.68 25.37
H11 GOL Y . 11.23 5.70 25.90
H12 GOL Y . 11.87 7.70 23.37
H12 GOL Y . 10.34 7.10 24.14
H12 GOL Y . 12.74 4.89 26.34
HO1 GOL Y . 11.10 8.82 25.27
HO1 GOL Y . 11.77 8.76 23.29
HO1 GOL Y . 10.86 3.50 26.54
H2 GOL Y . 13.29 6.21 24.94
H2 GOL Y . 11.22 5.12 25.06
H2 GOL Y . 13.47 4.77 24.16
HO2 GOL Y . 10.73 4.85 24.98
HO2 GOL Y . 13.50 4.96 25.50
HO2 GOL Y . 12.80 6.78 23.16
H31 GOL Y . 11.91 4.40 23.09
H31 GOL Y . 12.95 5.81 22.66
H31 GOL Y . 11.93 4.88 22.19
H32 GOL Y . 12.19 5.99 22.38
H32 GOL Y . 11.38 4.98 22.64
H32 GOL Y . 10.57 4.78 23.28
HO3 GOL Y . 14.39 5.27 23.78
HO3 GOL Y . 13.04 3.69 24.35
HO3 GOL Y . 12.26 2.70 23.77
MG MG Z . -3.37 0.01 38.60
N3 CYT AA . 6.73 5.74 25.10
C4 CYT AA . 6.39 6.01 26.37
N1 CYT AA . 8.88 5.12 25.70
C2 CYT AA . 7.97 5.33 24.72
O2 CYT AA . 8.23 5.15 23.52
N4 CYT AA . 5.19 6.42 26.62
C5 CYT AA . 7.32 5.83 27.39
C6 CYT AA . 8.57 5.38 26.99
HN3 CYT AA . 6.02 5.91 24.36
HN41 CYT AA . 4.53 6.55 25.86
HN42 CYT AA . 4.92 6.60 27.56
H5 CYT AA . 7.08 6.00 28.42
H6 CYT AA . 9.32 5.21 27.76
C1 EDO BA . -2.53 14.10 25.29
O1 EDO BA . -2.82 13.26 24.18
C2 EDO BA . -1.11 13.86 25.80
O2 EDO BA . -0.13 14.20 24.79
H11 EDO BA . -2.64 15.15 24.98
H12 EDO BA . -3.25 13.91 26.09
HO1 EDO BA . -3.72 13.43 23.86
H21 EDO BA . -0.94 14.45 26.69
H22 EDO BA . -1.01 12.81 26.06
HO2 EDO BA . -0.52 14.09 23.91
NA NA CA . 19.17 7.92 17.44
C1 GOL DA . 25.67 10.44 8.65
C1 GOL DA . 25.36 7.76 9.20
O1 GOL DA . 25.09 11.11 7.51
O1 GOL DA . 26.78 7.69 9.20
C2 GOL DA . 24.69 9.48 9.33
C2 GOL DA . 24.94 9.16 9.58
O2 GOL DA . 23.36 9.69 8.85
O2 GOL DA . 25.15 10.07 8.50
C3 GOL DA . 25.11 8.04 9.09
C3 GOL DA . 23.45 9.13 9.91
O3 GOL DA . 26.39 7.80 9.68
O3 GOL DA . 23.10 10.33 10.60
H11 GOL DA . 26.56 9.90 8.32
H11 GOL DA . 24.98 7.52 8.21
H12 GOL DA . 25.99 11.19 9.39
H12 GOL DA . 24.94 7.04 9.91
HO1 GOL DA . 25.73 11.70 7.10
HO1 GOL DA . 27.06 6.79 8.97
H2 GOL DA . 24.71 9.66 10.41
H2 GOL DA . 25.49 9.48 10.47
HO2 GOL DA . 23.33 9.51 7.93
HO2 GOL DA . 24.67 9.75 7.71
H31 GOL DA . 24.37 7.36 9.53
H31 GOL DA . 23.24 8.26 10.52
H32 GOL DA . 25.16 7.84 8.02
H32 GOL DA . 22.88 9.05 8.98
HO3 GOL DA . 26.65 8.53 10.26
HO3 GOL DA . 23.89 10.88 10.72
MG MG EA . 34.50 13.93 -12.53
MG MG FA . 35.41 13.35 -9.54
N3 CYT GA . 25.42 7.49 4.12
C4 CYT GA . 26.66 7.63 3.66
N1 CYT GA . 25.71 9.22 5.70
C2 CYT GA . 24.90 8.27 5.12
O2 CYT GA . 23.72 8.11 5.47
N4 CYT GA . 27.05 6.91 2.67
C5 CYT GA . 27.51 8.55 4.22
C6 CYT GA . 26.99 9.34 5.25
HN3 CYT GA . 24.80 6.81 3.66
HN41 CYT GA . 26.44 6.22 2.26
HN42 CYT GA . 28.01 7.00 2.33
H5 CYT GA . 28.50 8.66 3.86
H6 CYT GA . 27.65 10.07 5.71
C1 EDO HA . 29.18 -3.18 -1.22
O1 EDO HA . 27.83 -2.97 -1.64
C2 EDO HA . 29.53 -2.17 -0.13
O2 EDO HA . 28.75 -2.41 1.05
H11 EDO HA . 29.29 -4.19 -0.83
H12 EDO HA . 29.85 -3.06 -2.07
HO1 EDO HA . 27.60 -3.61 -2.31
H21 EDO HA . 30.59 -2.25 0.10
H22 EDO HA . 29.33 -1.16 -0.50
HO2 EDO HA . 27.92 -2.84 0.81
C TRS IA . 11.23 0.90 -4.21
C1 TRS IA . 10.12 1.45 -5.06
C2 TRS IA . 11.29 1.64 -2.88
C3 TRS IA . 12.52 1.05 -5.01
N TRS IA . 10.98 -0.55 -4.02
O1 TRS IA . 8.87 0.82 -4.74
O2 TRS IA . 10.09 1.36 -2.14
O3 TRS IA . 12.31 0.38 -6.26
H11 TRS IA . 10.34 1.28 -6.11
H12 TRS IA . 10.03 2.52 -4.88
H21 TRS IA . 11.36 2.71 -3.06
H22 TRS IA . 12.16 1.32 -2.31
H31 TRS IA . 12.75 2.10 -5.17
H32 TRS IA . 13.36 0.58 -4.48
HN1 TRS IA . 10.83 -0.99 -4.94
HN2 TRS IA . 11.80 -0.99 -3.56
HN3 TRS IA . 10.14 -0.68 -3.44
HO1 TRS IA . 8.16 1.19 -5.31
HO2 TRS IA . 10.11 1.83 -1.30
HO3 TRS IA . 11.36 0.18 -6.36
#